data_7S45
# 
_entry.id   7S45 
# 
_audit_conform.dict_name       mmcif_pdbx.dic 
_audit_conform.dict_version    5.380 
_audit_conform.dict_location   http://mmcif.pdb.org/dictionaries/ascii/mmcif_pdbx.dic 
# 
loop_
_database_2.database_id 
_database_2.database_code 
_database_2.pdbx_database_accession 
_database_2.pdbx_DOI 
PDB   7S45         pdb_00007s45 10.2210/pdb7s45/pdb 
WWPDB D_1000259587 ?            ?                   
# 
loop_
_pdbx_database_related.db_name 
_pdbx_database_related.details 
_pdbx_database_related.db_id 
_pdbx_database_related.content_type 
PDB . 7s3u unspecified 
PDB . 7s3w unspecified 
PDB . 7s41 unspecified 
PDB . 7s42 unspecified 
PDB . 7s43 unspecified 
PDB . 7s44 unspecified 
# 
_pdbx_database_status.status_code                     REL 
_pdbx_database_status.status_code_sf                  REL 
_pdbx_database_status.status_code_mr                  ? 
_pdbx_database_status.entry_id                        7S45 
_pdbx_database_status.recvd_initial_deposition_date   2021-09-08 
_pdbx_database_status.SG_entry                        N 
_pdbx_database_status.deposit_site                    RCSB 
_pdbx_database_status.process_site                    RCSB 
_pdbx_database_status.status_code_cs                  ? 
_pdbx_database_status.status_code_nmr_data            ? 
_pdbx_database_status.methods_development_category    ? 
_pdbx_database_status.pdb_format_compatible           Y 
# 
loop_
_audit_author.name 
_audit_author.pdbx_ordinal 
_audit_author.identifier_ORCID 
'Griffiths, W.A.' 1 ? 
'Spencer, K.D.'   2 ? 
'Thoden, J.B.'    3 ? 
'Holden, H.M.'    4 ? 
# 
_citation.abstract                  ? 
_citation.abstract_id_CAS           ? 
_citation.book_id_ISBN              ? 
_citation.book_publisher            ? 
_citation.book_publisher_city       ? 
_citation.book_title                ? 
_citation.coordinate_linkage        ? 
_citation.country                   US 
_citation.database_id_Medline       ? 
_citation.details                   ? 
_citation.id                        primary 
_citation.journal_abbrev            'Protein Sci.' 
_citation.journal_id_ASTM           PRCIEI 
_citation.journal_id_CSD            0795 
_citation.journal_id_ISSN           1469-896X 
_citation.journal_full              ? 
_citation.journal_issue             ? 
_citation.journal_volume            30 
_citation.language                  ? 
_citation.page_first                2418 
_citation.page_last                 2432 
_citation.title                     'Biochemical investigation of an N-acetyltransferase from Helicobacter pullorum.' 
_citation.year                      2021 
_citation.database_id_CSD           ? 
_citation.pdbx_database_id_DOI      10.1002/pro.4207 
_citation.pdbx_database_id_PubMed   34651380 
_citation.pdbx_database_id_patent   ? 
_citation.unpublished_flag          ? 
# 
loop_
_citation_author.citation_id 
_citation_author.name 
_citation_author.ordinal 
_citation_author.identifier_ORCID 
primary 'Griffiths, W.A.' 1 ? 
primary 'Spencer, K.D.'   2 ? 
primary 'Thoden, J.B.'    3 ? 
primary 'Holden, H.M.'    4 ? 
# 
_cell.angle_alpha                  90.000 
_cell.angle_alpha_esd              ? 
_cell.angle_beta                   90.000 
_cell.angle_beta_esd               ? 
_cell.angle_gamma                  90.000 
_cell.angle_gamma_esd              ? 
_cell.entry_id                     7S45 
_cell.details                      ? 
_cell.formula_units_Z              ? 
_cell.length_a                     103.452 
_cell.length_a_esd                 ? 
_cell.length_b                     103.452 
_cell.length_b_esd                 ? 
_cell.length_c                     103.452 
_cell.length_c_esd                 ? 
_cell.volume                       ? 
_cell.volume_esd                   ? 
_cell.Z_PDB                        24 
_cell.reciprocal_angle_alpha       ? 
_cell.reciprocal_angle_beta        ? 
_cell.reciprocal_angle_gamma       ? 
_cell.reciprocal_angle_alpha_esd   ? 
_cell.reciprocal_angle_beta_esd    ? 
_cell.reciprocal_angle_gamma_esd   ? 
_cell.reciprocal_length_a          ? 
_cell.reciprocal_length_b          ? 
_cell.reciprocal_length_c          ? 
_cell.reciprocal_length_a_esd      ? 
_cell.reciprocal_length_b_esd      ? 
_cell.reciprocal_length_c_esd      ? 
_cell.pdbx_unique_axis             ? 
# 
_symmetry.entry_id                         7S45 
_symmetry.cell_setting                     ? 
_symmetry.Int_Tables_number                197 
_symmetry.space_group_name_Hall            ? 
_symmetry.space_group_name_H-M             'I 2 3' 
_symmetry.pdbx_full_space_group_name_H-M   ? 
# 
loop_
_entity.id 
_entity.type 
_entity.src_method 
_entity.pdbx_description 
_entity.formula_weight 
_entity.pdbx_number_of_molecules 
_entity.pdbx_ec 
_entity.pdbx_mutation 
_entity.pdbx_fragment 
_entity.details 
1 polymer     man N-acetyltransferase                    18152.719 1   ? ? ? ? 
2 non-polymer syn "THYMIDINE-5'-DIPHOSPHATE"             402.188   1   ? ? ? ? 
3 non-polymer syn 'ACETYL COENZYME *A'                   809.571   1   ? ? ? ? 
4 non-polymer syn 1,2-ETHANEDIOL                         62.068    3   ? ? ? ? 
5 non-polymer syn '3[N-MORPHOLINO]PROPANE SULFONIC ACID' 209.263   1   ? ? ? ? 
6 water       nat water                                  18.015    203 ? ? ? ? 
# 
_entity_poly.entity_id                      1 
_entity_poly.type                           'polypeptide(L)' 
_entity_poly.nstd_linkage                   no 
_entity_poly.nstd_monomer                   no 
_entity_poly.pdbx_seq_one_letter_code       
;MHSSHHHHHHSSENLYFQGGGHMIHKLADVQSKNIGSGTRIWQFCVVLPSAIIGENCNICSHCFIENDVKIGNNVTIKCG
VQIWDGIEIEDDVFIGPNVTFTNDKYPRSKQYPKEFSKTIIKKGASIGANATILPGITIGENAMIGAGAIVTKDVLPHVT
YYSKI
;
_entity_poly.pdbx_seq_one_letter_code_can   
;MHSSHHHHHHSSENLYFQGGGHMIHKLADVQSKNIGSGTRIWQFCVVLPSAIIGENCNICSHCFIENDVKIGNNVTIKCG
VQIWDGIEIEDDVFIGPNVTFTNDKYPRSKQYPKEFSKTIIKKGASIGANATILPGITIGENAMIGAGAIVTKDVLPHVT
YYSKI
;
_entity_poly.pdbx_strand_id                 A 
_entity_poly.pdbx_target_identifier         ? 
# 
loop_
_entity_poly_seq.entity_id 
_entity_poly_seq.num 
_entity_poly_seq.mon_id 
_entity_poly_seq.hetero 
1 1   MET n 
1 2   HIS n 
1 3   SER n 
1 4   SER n 
1 5   HIS n 
1 6   HIS n 
1 7   HIS n 
1 8   HIS n 
1 9   HIS n 
1 10  HIS n 
1 11  SER n 
1 12  SER n 
1 13  GLU n 
1 14  ASN n 
1 15  LEU n 
1 16  TYR n 
1 17  PHE n 
1 18  GLN n 
1 19  GLY n 
1 20  GLY n 
1 21  GLY n 
1 22  HIS n 
1 23  MET n 
1 24  ILE n 
1 25  HIS n 
1 26  LYS n 
1 27  LEU n 
1 28  ALA n 
1 29  ASP n 
1 30  VAL n 
1 31  GLN n 
1 32  SER n 
1 33  LYS n 
1 34  ASN n 
1 35  ILE n 
1 36  GLY n 
1 37  SER n 
1 38  GLY n 
1 39  THR n 
1 40  ARG n 
1 41  ILE n 
1 42  TRP n 
1 43  GLN n 
1 44  PHE n 
1 45  CYS n 
1 46  VAL n 
1 47  VAL n 
1 48  LEU n 
1 49  PRO n 
1 50  SER n 
1 51  ALA n 
1 52  ILE n 
1 53  ILE n 
1 54  GLY n 
1 55  GLU n 
1 56  ASN n 
1 57  CYS n 
1 58  ASN n 
1 59  ILE n 
1 60  CYS n 
1 61  SER n 
1 62  HIS n 
1 63  CYS n 
1 64  PHE n 
1 65  ILE n 
1 66  GLU n 
1 67  ASN n 
1 68  ASP n 
1 69  VAL n 
1 70  LYS n 
1 71  ILE n 
1 72  GLY n 
1 73  ASN n 
1 74  ASN n 
1 75  VAL n 
1 76  THR n 
1 77  ILE n 
1 78  LYS n 
1 79  CYS n 
1 80  GLY n 
1 81  VAL n 
1 82  GLN n 
1 83  ILE n 
1 84  TRP n 
1 85  ASP n 
1 86  GLY n 
1 87  ILE n 
1 88  GLU n 
1 89  ILE n 
1 90  GLU n 
1 91  ASP n 
1 92  ASP n 
1 93  VAL n 
1 94  PHE n 
1 95  ILE n 
1 96  GLY n 
1 97  PRO n 
1 98  ASN n 
1 99  VAL n 
1 100 THR n 
1 101 PHE n 
1 102 THR n 
1 103 ASN n 
1 104 ASP n 
1 105 LYS n 
1 106 TYR n 
1 107 PRO n 
1 108 ARG n 
1 109 SER n 
1 110 LYS n 
1 111 GLN n 
1 112 TYR n 
1 113 PRO n 
1 114 LYS n 
1 115 GLU n 
1 116 PHE n 
1 117 SER n 
1 118 LYS n 
1 119 THR n 
1 120 ILE n 
1 121 ILE n 
1 122 LYS n 
1 123 LYS n 
1 124 GLY n 
1 125 ALA n 
1 126 SER n 
1 127 ILE n 
1 128 GLY n 
1 129 ALA n 
1 130 ASN n 
1 131 ALA n 
1 132 THR n 
1 133 ILE n 
1 134 LEU n 
1 135 PRO n 
1 136 GLY n 
1 137 ILE n 
1 138 THR n 
1 139 ILE n 
1 140 GLY n 
1 141 GLU n 
1 142 ASN n 
1 143 ALA n 
1 144 MET n 
1 145 ILE n 
1 146 GLY n 
1 147 ALA n 
1 148 GLY n 
1 149 ALA n 
1 150 ILE n 
1 151 VAL n 
1 152 THR n 
1 153 LYS n 
1 154 ASP n 
1 155 VAL n 
1 156 LEU n 
1 157 PRO n 
1 158 HIS n 
1 159 VAL n 
1 160 THR n 
1 161 TYR n 
1 162 TYR n 
1 163 SER n 
1 164 LYS n 
1 165 ILE n 
# 
_entity_src_gen.entity_id                          1 
_entity_src_gen.pdbx_src_id                        1 
_entity_src_gen.pdbx_alt_source_flag               sample 
_entity_src_gen.pdbx_seq_type                      'Biological sequence' 
_entity_src_gen.pdbx_beg_seq_num                   1 
_entity_src_gen.pdbx_end_seq_num                   165 
_entity_src_gen.gene_src_common_name               ? 
_entity_src_gen.gene_src_genus                     ? 
_entity_src_gen.pdbx_gene_src_gene                 BA919_rs02330 
_entity_src_gen.gene_src_species                   ? 
_entity_src_gen.gene_src_strain                    NAP8W25 
_entity_src_gen.gene_src_tissue                    ? 
_entity_src_gen.gene_src_tissue_fraction           ? 
_entity_src_gen.gene_src_details                   ? 
_entity_src_gen.pdbx_gene_src_fragment             ? 
_entity_src_gen.pdbx_gene_src_scientific_name      'Helicobacter pullorum' 
_entity_src_gen.pdbx_gene_src_ncbi_taxonomy_id     35818 
_entity_src_gen.pdbx_gene_src_variant              ? 
_entity_src_gen.pdbx_gene_src_cell_line            ? 
_entity_src_gen.pdbx_gene_src_atcc                 ? 
_entity_src_gen.pdbx_gene_src_organ                ? 
_entity_src_gen.pdbx_gene_src_organelle            ? 
_entity_src_gen.pdbx_gene_src_cell                 ? 
_entity_src_gen.pdbx_gene_src_cellular_location    ? 
_entity_src_gen.host_org_common_name               ? 
_entity_src_gen.pdbx_host_org_scientific_name      'Escherichia coli' 
_entity_src_gen.pdbx_host_org_ncbi_taxonomy_id     562 
_entity_src_gen.host_org_genus                     ? 
_entity_src_gen.pdbx_host_org_gene                 ? 
_entity_src_gen.pdbx_host_org_organ                ? 
_entity_src_gen.host_org_species                   ? 
_entity_src_gen.pdbx_host_org_tissue               ? 
_entity_src_gen.pdbx_host_org_tissue_fraction      ? 
_entity_src_gen.pdbx_host_org_strain               ? 
_entity_src_gen.pdbx_host_org_variant              ? 
_entity_src_gen.pdbx_host_org_cell_line            ? 
_entity_src_gen.pdbx_host_org_atcc                 ? 
_entity_src_gen.pdbx_host_org_culture_collection   ? 
_entity_src_gen.pdbx_host_org_cell                 ? 
_entity_src_gen.pdbx_host_org_organelle            ? 
_entity_src_gen.pdbx_host_org_cellular_location    ? 
_entity_src_gen.pdbx_host_org_vector_type          ? 
_entity_src_gen.pdbx_host_org_vector               ? 
_entity_src_gen.host_org_details                   ? 
_entity_src_gen.expression_system_id               ? 
_entity_src_gen.plasmid_name                       ? 
_entity_src_gen.plasmid_details                    ? 
_entity_src_gen.pdbx_description                   ? 
# 
_struct_ref.id                         1 
_struct_ref.db_name                    PDB 
_struct_ref.db_code                    7S45 
_struct_ref.pdbx_db_accession          7S45 
_struct_ref.pdbx_db_isoform            ? 
_struct_ref.entity_id                  1 
_struct_ref.pdbx_seq_one_letter_code   ? 
_struct_ref.pdbx_align_begin           1 
# 
_struct_ref_seq.align_id                      1 
_struct_ref_seq.ref_id                        1 
_struct_ref_seq.pdbx_PDB_id_code              7S45 
_struct_ref_seq.pdbx_strand_id                A 
_struct_ref_seq.seq_align_beg                 1 
_struct_ref_seq.pdbx_seq_align_beg_ins_code   ? 
_struct_ref_seq.seq_align_end                 165 
_struct_ref_seq.pdbx_seq_align_end_ins_code   ? 
_struct_ref_seq.pdbx_db_accession             7S45 
_struct_ref_seq.db_align_beg                  -21 
_struct_ref_seq.pdbx_db_align_beg_ins_code    ? 
_struct_ref_seq.db_align_end                  143 
_struct_ref_seq.pdbx_db_align_end_ins_code    ? 
_struct_ref_seq.pdbx_auth_seq_align_beg       -21 
_struct_ref_seq.pdbx_auth_seq_align_end       143 
# 
loop_
_chem_comp.id 
_chem_comp.type 
_chem_comp.mon_nstd_flag 
_chem_comp.name 
_chem_comp.pdbx_synonyms 
_chem_comp.formula 
_chem_comp.formula_weight 
ACO non-polymer         . 'ACETYL COENZYME *A'                   ?                 'C23 H38 N7 O17 P3 S' 809.571 
ALA 'L-peptide linking' y ALANINE                                ?                 'C3 H7 N O2'          89.093  
ARG 'L-peptide linking' y ARGININE                               ?                 'C6 H15 N4 O2 1'      175.209 
ASN 'L-peptide linking' y ASPARAGINE                             ?                 'C4 H8 N2 O3'         132.118 
ASP 'L-peptide linking' y 'ASPARTIC ACID'                        ?                 'C4 H7 N O4'          133.103 
CYS 'L-peptide linking' y CYSTEINE                               ?                 'C3 H7 N O2 S'        121.158 
EDO non-polymer         . 1,2-ETHANEDIOL                         'ETHYLENE GLYCOL' 'C2 H6 O2'            62.068  
GLN 'L-peptide linking' y GLUTAMINE                              ?                 'C5 H10 N2 O3'        146.144 
GLU 'L-peptide linking' y 'GLUTAMIC ACID'                        ?                 'C5 H9 N O4'          147.129 
GLY 'peptide linking'   y GLYCINE                                ?                 'C2 H5 N O2'          75.067  
HIS 'L-peptide linking' y HISTIDINE                              ?                 'C6 H10 N3 O2 1'      156.162 
HOH non-polymer         . WATER                                  ?                 'H2 O'                18.015  
ILE 'L-peptide linking' y ISOLEUCINE                             ?                 'C6 H13 N O2'         131.173 
LEU 'L-peptide linking' y LEUCINE                                ?                 'C6 H13 N O2'         131.173 
LYS 'L-peptide linking' y LYSINE                                 ?                 'C6 H15 N2 O2 1'      147.195 
MET 'L-peptide linking' y METHIONINE                             ?                 'C5 H11 N O2 S'       149.211 
MPO non-polymer         . '3[N-MORPHOLINO]PROPANE SULFONIC ACID' ?                 'C7 H15 N O4 S'       209.263 
PHE 'L-peptide linking' y PHENYLALANINE                          ?                 'C9 H11 N O2'         165.189 
PRO 'L-peptide linking' y PROLINE                                ?                 'C5 H9 N O2'          115.130 
SER 'L-peptide linking' y SERINE                                 ?                 'C3 H7 N O3'          105.093 
THR 'L-peptide linking' y THREONINE                              ?                 'C4 H9 N O3'          119.119 
TRP 'L-peptide linking' y TRYPTOPHAN                             ?                 'C11 H12 N2 O2'       204.225 
TYD non-polymer         . "THYMIDINE-5'-DIPHOSPHATE"             ?                 'C10 H16 N2 O11 P2'   402.188 
TYR 'L-peptide linking' y TYROSINE                               ?                 'C9 H11 N O3'         181.189 
VAL 'L-peptide linking' y VALINE                                 ?                 'C5 H11 N O2'         117.146 
# 
_exptl.absorpt_coefficient_mu     ? 
_exptl.absorpt_correction_T_max   ? 
_exptl.absorpt_correction_T_min   ? 
_exptl.absorpt_correction_type    ? 
_exptl.absorpt_process_details    ? 
_exptl.entry_id                   7S45 
_exptl.crystals_number            1 
_exptl.details                    ? 
_exptl.method                     'X-RAY DIFFRACTION' 
_exptl.method_details             ? 
# 
_exptl_crystal.colour                      ? 
_exptl_crystal.density_diffrn              ? 
_exptl_crystal.density_Matthews            2.54 
_exptl_crystal.density_method              ? 
_exptl_crystal.density_percent_sol         51.60 
_exptl_crystal.description                 ? 
_exptl_crystal.F_000                       ? 
_exptl_crystal.id                          1 
_exptl_crystal.preparation                 ? 
_exptl_crystal.size_max                    ? 
_exptl_crystal.size_mid                    ? 
_exptl_crystal.size_min                    ? 
_exptl_crystal.size_rad                    ? 
_exptl_crystal.colour_lustre               ? 
_exptl_crystal.colour_modifier             ? 
_exptl_crystal.colour_primary              ? 
_exptl_crystal.density_meas                ? 
_exptl_crystal.density_meas_esd            ? 
_exptl_crystal.density_meas_gt             ? 
_exptl_crystal.density_meas_lt             ? 
_exptl_crystal.density_meas_temp           ? 
_exptl_crystal.density_meas_temp_esd       ? 
_exptl_crystal.density_meas_temp_gt        ? 
_exptl_crystal.density_meas_temp_lt        ? 
_exptl_crystal.pdbx_crystal_image_url      ? 
_exptl_crystal.pdbx_crystal_image_format   ? 
_exptl_crystal.pdbx_mosaicity              ? 
_exptl_crystal.pdbx_mosaicity_esd          ? 
# 
_exptl_crystal_grow.apparatus       ? 
_exptl_crystal_grow.atmosphere      ? 
_exptl_crystal_grow.crystal_id      1 
_exptl_crystal_grow.details         ? 
_exptl_crystal_grow.method          'VAPOR DIFFUSION, HANGING DROP' 
_exptl_crystal_grow.method_ref      ? 
_exptl_crystal_grow.pH              7 
_exptl_crystal_grow.pressure        ? 
_exptl_crystal_grow.pressure_esd    ? 
_exptl_crystal_grow.seeding         ? 
_exptl_crystal_grow.seeding_ref     ? 
_exptl_crystal_grow.temp            293 
_exptl_crystal_grow.temp_details    ? 
_exptl_crystal_grow.temp_esd        ? 
_exptl_crystal_grow.time            ? 
_exptl_crystal_grow.pdbx_details    '20% PEG-8000, 2% MPD, 5 mM dTDP, 5 mM acetyl coenzyme A, 100 mM MOPS' 
_exptl_crystal_grow.pdbx_pH_range   ? 
# 
_diffrn.ambient_environment              ? 
_diffrn.ambient_temp                     100 
_diffrn.ambient_temp_details             ? 
_diffrn.ambient_temp_esd                 ? 
_diffrn.crystal_id                       1 
_diffrn.crystal_support                  ? 
_diffrn.crystal_treatment                ? 
_diffrn.details                          ? 
_diffrn.id                               1 
_diffrn.ambient_pressure                 ? 
_diffrn.ambient_pressure_esd             ? 
_diffrn.ambient_pressure_gt              ? 
_diffrn.ambient_pressure_lt              ? 
_diffrn.ambient_temp_gt                  ? 
_diffrn.ambient_temp_lt                  ? 
_diffrn.pdbx_serial_crystal_experiment   N 
# 
_diffrn_detector.details                      ? 
_diffrn_detector.detector                     PIXEL 
_diffrn_detector.diffrn_id                    1 
_diffrn_detector.type                         'Bruker PHOTON II' 
_diffrn_detector.area_resol_mean              ? 
_diffrn_detector.dtime                        ? 
_diffrn_detector.pdbx_frames_total            ? 
_diffrn_detector.pdbx_collection_time_total   ? 
_diffrn_detector.pdbx_collection_date         2021-04-28 
_diffrn_detector.pdbx_frequency               ? 
# 
_diffrn_radiation.collimation                      ? 
_diffrn_radiation.diffrn_id                        1 
_diffrn_radiation.filter_edge                      ? 
_diffrn_radiation.inhomogeneity                    ? 
_diffrn_radiation.monochromator                    ? 
_diffrn_radiation.polarisn_norm                    ? 
_diffrn_radiation.polarisn_ratio                   ? 
_diffrn_radiation.probe                            ? 
_diffrn_radiation.type                             ? 
_diffrn_radiation.xray_symbol                      ? 
_diffrn_radiation.wavelength_id                    1 
_diffrn_radiation.pdbx_monochromatic_or_laue_m_l   M 
_diffrn_radiation.pdbx_wavelength_list             ? 
_diffrn_radiation.pdbx_wavelength                  ? 
_diffrn_radiation.pdbx_diffrn_protocol             'SINGLE WAVELENGTH' 
_diffrn_radiation.pdbx_analyzer                    ? 
_diffrn_radiation.pdbx_scattering_type             x-ray 
# 
_diffrn_radiation_wavelength.id           1 
_diffrn_radiation_wavelength.wavelength   1.5418 
_diffrn_radiation_wavelength.wt           1.0 
# 
_diffrn_source.current                     ? 
_diffrn_source.details                     ? 
_diffrn_source.diffrn_id                   1 
_diffrn_source.power                       ? 
_diffrn_source.size                        ? 
_diffrn_source.source                      'SEALED TUBE' 
_diffrn_source.target                      ? 
_diffrn_source.type                        'BRUKER D8 QUEST' 
_diffrn_source.voltage                     ? 
_diffrn_source.take-off_angle              ? 
_diffrn_source.pdbx_wavelength_list        1.5418 
_diffrn_source.pdbx_wavelength             ? 
_diffrn_source.pdbx_synchrotron_beamline   ? 
_diffrn_source.pdbx_synchrotron_site       ? 
# 
_reflns.B_iso_Wilson_estimate                          ? 
_reflns.entry_id                                       7S45 
_reflns.data_reduction_details                         ? 
_reflns.data_reduction_method                          ? 
_reflns.d_resolution_high                              1.2 
_reflns.d_resolution_low                               50 
_reflns.details                                        ? 
_reflns.limit_h_max                                    ? 
_reflns.limit_h_min                                    ? 
_reflns.limit_k_max                                    ? 
_reflns.limit_k_min                                    ? 
_reflns.limit_l_max                                    ? 
_reflns.limit_l_min                                    ? 
_reflns.number_all                                     ? 
_reflns.number_obs                                     57433 
_reflns.observed_criterion                             ? 
_reflns.observed_criterion_F_max                       ? 
_reflns.observed_criterion_F_min                       ? 
_reflns.observed_criterion_I_max                       ? 
_reflns.observed_criterion_I_min                       ? 
_reflns.observed_criterion_sigma_F                     0 
_reflns.observed_criterion_sigma_I                     0 
_reflns.percent_possible_obs                           99.9 
_reflns.R_free_details                                 ? 
_reflns.Rmerge_F_all                                   ? 
_reflns.Rmerge_F_obs                                   ? 
_reflns.Friedel_coverage                               ? 
_reflns.number_gt                                      ? 
_reflns.threshold_expression                           ? 
_reflns.pdbx_redundancy                                12.0 
_reflns.pdbx_Rmerge_I_obs                              ? 
_reflns.pdbx_Rmerge_I_all                              ? 
_reflns.pdbx_Rsym_value                                0.047 
_reflns.pdbx_netI_over_av_sigmaI                       ? 
_reflns.pdbx_netI_over_sigmaI                          13.7 
_reflns.pdbx_res_netI_over_av_sigmaI_2                 ? 
_reflns.pdbx_res_netI_over_sigmaI_2                    ? 
_reflns.pdbx_chi_squared                               ? 
_reflns.pdbx_scaling_rejects                           ? 
_reflns.pdbx_d_res_high_opt                            ? 
_reflns.pdbx_d_res_low_opt                             ? 
_reflns.pdbx_d_res_opt_method                          ? 
_reflns.phase_calculation_details                      ? 
_reflns.pdbx_Rrim_I_all                                ? 
_reflns.pdbx_Rpim_I_all                                ? 
_reflns.pdbx_d_opt                                     ? 
_reflns.pdbx_number_measured_all                       ? 
_reflns.pdbx_diffrn_id                                 1 
_reflns.pdbx_ordinal                                   1 
_reflns.pdbx_CC_half                                   ? 
_reflns.pdbx_CC_star                                   ? 
_reflns.pdbx_R_split                                   ? 
_reflns.pdbx_aniso_diffraction_limit_axis_1_ortho[1]   ? 
_reflns.pdbx_aniso_diffraction_limit_axis_1_ortho[2]   ? 
_reflns.pdbx_aniso_diffraction_limit_axis_1_ortho[3]   ? 
_reflns.pdbx_aniso_diffraction_limit_axis_2_ortho[1]   ? 
_reflns.pdbx_aniso_diffraction_limit_axis_2_ortho[2]   ? 
_reflns.pdbx_aniso_diffraction_limit_axis_2_ortho[3]   ? 
_reflns.pdbx_aniso_diffraction_limit_axis_3_ortho[1]   ? 
_reflns.pdbx_aniso_diffraction_limit_axis_3_ortho[2]   ? 
_reflns.pdbx_aniso_diffraction_limit_axis_3_ortho[3]   ? 
_reflns.pdbx_aniso_diffraction_limit_1                 ? 
_reflns.pdbx_aniso_diffraction_limit_2                 ? 
_reflns.pdbx_aniso_diffraction_limit_3                 ? 
_reflns.pdbx_aniso_B_tensor_eigenvector_1_ortho[1]     ? 
_reflns.pdbx_aniso_B_tensor_eigenvector_1_ortho[2]     ? 
_reflns.pdbx_aniso_B_tensor_eigenvector_1_ortho[3]     ? 
_reflns.pdbx_aniso_B_tensor_eigenvector_2_ortho[1]     ? 
_reflns.pdbx_aniso_B_tensor_eigenvector_2_ortho[2]     ? 
_reflns.pdbx_aniso_B_tensor_eigenvector_2_ortho[3]     ? 
_reflns.pdbx_aniso_B_tensor_eigenvector_3_ortho[1]     ? 
_reflns.pdbx_aniso_B_tensor_eigenvector_3_ortho[2]     ? 
_reflns.pdbx_aniso_B_tensor_eigenvector_3_ortho[3]     ? 
_reflns.pdbx_aniso_B_tensor_eigenvalue_1               ? 
_reflns.pdbx_aniso_B_tensor_eigenvalue_2               ? 
_reflns.pdbx_aniso_B_tensor_eigenvalue_3               ? 
_reflns.pdbx_orthogonalization_convention              ? 
_reflns.pdbx_percent_possible_ellipsoidal              ? 
_reflns.pdbx_percent_possible_spherical                ? 
_reflns.pdbx_percent_possible_ellipsoidal_anomalous    ? 
_reflns.pdbx_percent_possible_spherical_anomalous      ? 
_reflns.pdbx_redundancy_anomalous                      ? 
_reflns.pdbx_CC_half_anomalous                         ? 
_reflns.pdbx_absDiff_over_sigma_anomalous              ? 
_reflns.pdbx_percent_possible_anomalous                ? 
_reflns.pdbx_observed_signal_threshold                 ? 
_reflns.pdbx_signal_type                               ? 
_reflns.pdbx_signal_details                            ? 
_reflns.pdbx_signal_software_id                        ? 
# 
_reflns_shell.d_res_high                                    1.2 
_reflns_shell.d_res_low                                     1.3 
_reflns_shell.meanI_over_sigI_all                           ? 
_reflns_shell.meanI_over_sigI_obs                           4.2 
_reflns_shell.number_measured_all                           ? 
_reflns_shell.number_measured_obs                           ? 
_reflns_shell.number_possible                               ? 
_reflns_shell.number_unique_all                             ? 
_reflns_shell.number_unique_obs                             12226 
_reflns_shell.percent_possible_all                          99.8 
_reflns_shell.percent_possible_obs                          ? 
_reflns_shell.Rmerge_F_all                                  ? 
_reflns_shell.Rmerge_F_obs                                  ? 
_reflns_shell.Rmerge_I_all                                  ? 
_reflns_shell.Rmerge_I_obs                                  ? 
_reflns_shell.meanI_over_sigI_gt                            ? 
_reflns_shell.meanI_over_uI_all                             ? 
_reflns_shell.meanI_over_uI_gt                              ? 
_reflns_shell.number_measured_gt                            ? 
_reflns_shell.number_unique_gt                              ? 
_reflns_shell.percent_possible_gt                           ? 
_reflns_shell.Rmerge_F_gt                                   ? 
_reflns_shell.Rmerge_I_gt                                   ? 
_reflns_shell.pdbx_redundancy                               8.4 
_reflns_shell.pdbx_Rsym_value                               0.247 
_reflns_shell.pdbx_chi_squared                              ? 
_reflns_shell.pdbx_netI_over_sigmaI_all                     ? 
_reflns_shell.pdbx_netI_over_sigmaI_obs                     ? 
_reflns_shell.pdbx_Rrim_I_all                               ? 
_reflns_shell.pdbx_Rpim_I_all                               ? 
_reflns_shell.pdbx_rejects                                  ? 
_reflns_shell.pdbx_ordinal                                  1 
_reflns_shell.pdbx_diffrn_id                                1 
_reflns_shell.pdbx_CC_half                                  ? 
_reflns_shell.pdbx_CC_star                                  ? 
_reflns_shell.pdbx_R_split                                  ? 
_reflns_shell.pdbx_percent_possible_ellipsoidal             ? 
_reflns_shell.pdbx_percent_possible_spherical               ? 
_reflns_shell.pdbx_percent_possible_ellipsoidal_anomalous   ? 
_reflns_shell.pdbx_percent_possible_spherical_anomalous     ? 
_reflns_shell.pdbx_redundancy_anomalous                     ? 
_reflns_shell.pdbx_CC_half_anomalous                        ? 
_reflns_shell.pdbx_absDiff_over_sigma_anomalous             ? 
_reflns_shell.pdbx_percent_possible_anomalous               ? 
# 
_refine.aniso_B[1][1]                            0.0000 
_refine.aniso_B[1][2]                            0.0000 
_refine.aniso_B[1][3]                            0.0000 
_refine.aniso_B[2][2]                            0.0000 
_refine.aniso_B[2][3]                            0.0000 
_refine.aniso_B[3][3]                            0.0000 
_refine.B_iso_max                                59.350 
_refine.B_iso_mean                               10.0130 
_refine.B_iso_min                                0.500 
_refine.correlation_coeff_Fo_to_Fc               0.9650 
_refine.correlation_coeff_Fo_to_Fc_free          0.9520 
_refine.details                                  
'HYDROGENS HAVE BEEN ADDED IN THE RIDING POSITIONS U VALUES      : REFINED INDIVIDUALLY' 
_refine.diff_density_max                         ? 
_refine.diff_density_max_esd                     ? 
_refine.diff_density_min                         ? 
_refine.diff_density_min_esd                     ? 
_refine.diff_density_rms                         ? 
_refine.diff_density_rms_esd                     ? 
_refine.entry_id                                 7S45 
_refine.pdbx_refine_id                           'X-RAY DIFFRACTION' 
_refine.ls_abs_structure_details                 ? 
_refine.ls_abs_structure_Flack                   ? 
_refine.ls_abs_structure_Flack_esd               ? 
_refine.ls_abs_structure_Rogers                  ? 
_refine.ls_abs_structure_Rogers_esd              ? 
_refine.ls_d_res_high                            1.2000 
_refine.ls_d_res_low                             32.7400 
_refine.ls_extinction_coef                       ? 
_refine.ls_extinction_coef_esd                   ? 
_refine.ls_extinction_expression                 ? 
_refine.ls_extinction_method                     ? 
_refine.ls_goodness_of_fit_all                   ? 
_refine.ls_goodness_of_fit_all_esd               ? 
_refine.ls_goodness_of_fit_obs                   ? 
_refine.ls_goodness_of_fit_obs_esd               ? 
_refine.ls_hydrogen_treatment                    ? 
_refine.ls_matrix_type                           ? 
_refine.ls_number_constraints                    ? 
_refine.ls_number_parameters                     ? 
_refine.ls_number_reflns_all                     ? 
_refine.ls_number_reflns_obs                     54628 
_refine.ls_number_reflns_R_free                  2805 
_refine.ls_number_reflns_R_work                  ? 
_refine.ls_number_restraints                     ? 
_refine.ls_percent_reflns_obs                    99.9400 
_refine.ls_percent_reflns_R_free                 4.9000 
_refine.ls_R_factor_all                          ? 
_refine.ls_R_factor_obs                          0.1750 
_refine.ls_R_factor_R_free                       0.1893 
_refine.ls_R_factor_R_free_error                 ? 
_refine.ls_R_factor_R_free_error_details         ? 
_refine.ls_R_factor_R_work                       0.1743 
_refine.ls_R_Fsqd_factor_obs                     ? 
_refine.ls_R_I_factor_obs                        ? 
_refine.ls_redundancy_reflns_all                 ? 
_refine.ls_redundancy_reflns_obs                 ? 
_refine.ls_restrained_S_all                      ? 
_refine.ls_restrained_S_obs                      ? 
_refine.ls_shift_over_esd_max                    ? 
_refine.ls_shift_over_esd_mean                   ? 
_refine.ls_structure_factor_coef                 ? 
_refine.ls_weighting_details                     ? 
_refine.ls_weighting_scheme                      ? 
_refine.ls_wR_factor_all                         ? 
_refine.ls_wR_factor_obs                         ? 
_refine.ls_wR_factor_R_free                      ? 
_refine.ls_wR_factor_R_work                      ? 
_refine.occupancy_max                            ? 
_refine.occupancy_min                            ? 
_refine.solvent_model_details                    MASK 
_refine.solvent_model_param_bsol                 ? 
_refine.solvent_model_param_ksol                 ? 
_refine.pdbx_R_complete                          ? 
_refine.ls_R_factor_gt                           ? 
_refine.ls_goodness_of_fit_gt                    ? 
_refine.ls_goodness_of_fit_ref                   ? 
_refine.ls_shift_over_su_max                     ? 
_refine.ls_shift_over_su_max_lt                  ? 
_refine.ls_shift_over_su_mean                    ? 
_refine.ls_shift_over_su_mean_lt                 ? 
_refine.pdbx_ls_sigma_I                          ? 
_refine.pdbx_ls_sigma_F                          0.000 
_refine.pdbx_ls_sigma_Fsqd                       ? 
_refine.pdbx_data_cutoff_high_absF               ? 
_refine.pdbx_data_cutoff_high_rms_absF           ? 
_refine.pdbx_data_cutoff_low_absF                ? 
_refine.pdbx_isotropic_thermal_model             ? 
_refine.pdbx_ls_cross_valid_method               THROUGHOUT 
_refine.pdbx_method_to_determine_struct          'MOLECULAR REPLACEMENT' 
_refine.pdbx_starting_model                      7s3u 
_refine.pdbx_stereochemistry_target_values       'MAXIMUM LIKELIHOOD' 
_refine.pdbx_R_Free_selection_details            RANDOM 
_refine.pdbx_stereochem_target_val_spec_case     ? 
_refine.pdbx_overall_ESU_R                       0.0370 
_refine.pdbx_overall_ESU_R_Free                  0.0380 
_refine.pdbx_solvent_vdw_probe_radii             1.2000 
_refine.pdbx_solvent_ion_probe_radii             0.8000 
_refine.pdbx_solvent_shrinkage_radii             0.8000 
_refine.pdbx_real_space_R                        ? 
_refine.pdbx_density_correlation                 ? 
_refine.pdbx_pd_number_of_powder_patterns        ? 
_refine.pdbx_pd_number_of_points                 ? 
_refine.pdbx_pd_meas_number_of_points            ? 
_refine.pdbx_pd_proc_ls_prof_R_factor            ? 
_refine.pdbx_pd_proc_ls_prof_wR_factor           ? 
_refine.pdbx_pd_Marquardt_correlation_coeff      ? 
_refine.pdbx_pd_Fsqrd_R_factor                   ? 
_refine.pdbx_pd_ls_matrix_band_width             ? 
_refine.pdbx_overall_phase_error                 ? 
_refine.pdbx_overall_SU_R_free_Cruickshank_DPI   ? 
_refine.pdbx_overall_SU_R_free_Blow_DPI          ? 
_refine.pdbx_overall_SU_R_Blow_DPI               ? 
_refine.pdbx_TLS_residual_ADP_flag               ? 
_refine.pdbx_diffrn_id                           1 
_refine.overall_SU_B                             0.5760 
_refine.overall_SU_ML                            0.0260 
_refine.overall_SU_R_Cruickshank_DPI             ? 
_refine.overall_SU_R_free                        ? 
_refine.overall_FOM_free_R_set                   ? 
_refine.overall_FOM_work_R_set                   ? 
_refine.pdbx_average_fsc_overall                 ? 
_refine.pdbx_average_fsc_work                    ? 
_refine.pdbx_average_fsc_free                    ? 
# 
_refine_hist.pdbx_refine_id                   'X-RAY DIFFRACTION' 
_refine_hist.cycle_id                         final 
_refine_hist.details                          ? 
_refine_hist.d_res_high                       1.2000 
_refine_hist.d_res_low                        32.7400 
_refine_hist.number_atoms_solvent             203 
_refine_hist.number_atoms_total               1400 
_refine_hist.number_reflns_all                ? 
_refine_hist.number_reflns_obs                ? 
_refine_hist.number_reflns_R_free             ? 
_refine_hist.number_reflns_R_work             ? 
_refine_hist.R_factor_all                     ? 
_refine_hist.R_factor_obs                     ? 
_refine_hist.R_factor_R_free                  ? 
_refine_hist.R_factor_R_work                  ? 
_refine_hist.pdbx_number_residues_total       141 
_refine_hist.pdbx_B_iso_mean_ligand           13.55 
_refine_hist.pdbx_B_iso_mean_solvent          23.74 
_refine_hist.pdbx_number_atoms_protein        1071 
_refine_hist.pdbx_number_atoms_nucleic_acid   0 
_refine_hist.pdbx_number_atoms_ligand         126 
_refine_hist.pdbx_number_atoms_lipid          ? 
_refine_hist.pdbx_number_atoms_carb           ? 
_refine_hist.pdbx_pseudo_atom_details         ? 
# 
loop_
_refine_ls_restr.pdbx_refine_id 
_refine_ls_restr.criterion 
_refine_ls_restr.dev_ideal 
_refine_ls_restr.dev_ideal_target 
_refine_ls_restr.number 
_refine_ls_restr.rejects 
_refine_ls_restr.type 
_refine_ls_restr.weight 
_refine_ls_restr.pdbx_restraint_function 
'X-RAY DIFFRACTION' ? 0.010  0.013  1276 ? r_bond_refined_d       ? ? 
'X-RAY DIFFRACTION' ? 0.000  0.017  1198 ? r_bond_other_d         ? ? 
'X-RAY DIFFRACTION' ? 1.596  1.701  1752 ? r_angle_refined_deg    ? ? 
'X-RAY DIFFRACTION' ? 1.317  1.610  2803 ? r_angle_other_deg      ? ? 
'X-RAY DIFFRACTION' ? 7.467  5.000  157  ? r_dihedral_angle_1_deg ? ? 
'X-RAY DIFFRACTION' ? 25.273 25.217 46   ? r_dihedral_angle_2_deg ? ? 
'X-RAY DIFFRACTION' ? 13.412 15.000 210  ? r_dihedral_angle_3_deg ? ? 
'X-RAY DIFFRACTION' ? 29.705 15.000 2    ? r_dihedral_angle_4_deg ? ? 
'X-RAY DIFFRACTION' ? 0.393  0.200  186  ? r_chiral_restr         ? ? 
'X-RAY DIFFRACTION' ? 0.008  0.020  1334 ? r_gen_planes_refined   ? ? 
'X-RAY DIFFRACTION' ? 0.001  0.020  225  ? r_gen_planes_other     ? ? 
# 
_refine_ls_shell.pdbx_refine_id                   'X-RAY DIFFRACTION' 
_refine_ls_shell.d_res_high                       1.2 
_refine_ls_shell.d_res_low                        1.2300 
_refine_ls_shell.number_reflns_all                ? 
_refine_ls_shell.number_reflns_obs                ? 
_refine_ls_shell.number_reflns_R_free             200 
_refine_ls_shell.number_reflns_R_work             3999 
_refine_ls_shell.percent_reflns_obs               99.6900 
_refine_ls_shell.percent_reflns_R_free            ? 
_refine_ls_shell.R_factor_all                     ? 
_refine_ls_shell.R_factor_obs                     ? 
_refine_ls_shell.R_factor_R_free                  0.2690 
_refine_ls_shell.R_factor_R_free_error            0.0000 
_refine_ls_shell.R_factor_R_work                  0.2760 
_refine_ls_shell.redundancy_reflns_all            ? 
_refine_ls_shell.redundancy_reflns_obs            ? 
_refine_ls_shell.wR_factor_all                    ? 
_refine_ls_shell.wR_factor_obs                    ? 
_refine_ls_shell.wR_factor_R_free                 ? 
_refine_ls_shell.wR_factor_R_work                 ? 
_refine_ls_shell.pdbx_R_complete                  ? 
_refine_ls_shell.pdbx_total_number_of_bins_used   ? 
_refine_ls_shell.pdbx_phase_error                 ? 
_refine_ls_shell.pdbx_fsc_work                    ? 
_refine_ls_shell.pdbx_fsc_free                    ? 
# 
_struct.entry_id                     7S45 
_struct.title                        
'Crystal structure of an N-acetyltransferase, C80T mutant, from Helicobacter pullorum in the presence of Acetyl Coenzyme A and dTDP' 
_struct.pdbx_model_details           ? 
_struct.pdbx_formula_weight          ? 
_struct.pdbx_formula_weight_method   ? 
_struct.pdbx_model_type_details      ? 
_struct.pdbx_CASP_flag               N 
# 
_struct_keywords.entry_id        7S45 
_struct_keywords.text            TRANSFERASE 
_struct_keywords.pdbx_keywords   TRANSFERASE 
# 
loop_
_struct_asym.id 
_struct_asym.pdbx_blank_PDB_chainid_flag 
_struct_asym.pdbx_modified 
_struct_asym.entity_id 
_struct_asym.details 
A N N 1 ? 
B N N 2 ? 
C N N 3 ? 
D N N 4 ? 
E N N 4 ? 
F N N 4 ? 
G N N 5 ? 
H N N 6 ? 
# 
loop_
_struct_sheet.id 
_struct_sheet.type 
_struct_sheet.number_strands 
_struct_sheet.details 
AA1 ? 8 ? 
AA2 ? 4 ? 
AA3 ? 5 ? 
AA4 ? 2 ? 
# 
loop_
_struct_sheet_order.sheet_id 
_struct_sheet_order.range_id_1 
_struct_sheet_order.range_id_2 
_struct_sheet_order.offset 
_struct_sheet_order.sense 
AA1 1 2 ? parallel 
AA1 2 3 ? parallel 
AA1 3 4 ? parallel 
AA1 4 5 ? parallel 
AA1 5 6 ? parallel 
AA1 6 7 ? parallel 
AA1 7 8 ? parallel 
AA2 1 2 ? parallel 
AA2 2 3 ? parallel 
AA2 3 4 ? parallel 
AA3 1 2 ? parallel 
AA3 2 3 ? parallel 
AA3 3 4 ? parallel 
AA3 4 5 ? parallel 
AA4 1 2 ? parallel 
# 
loop_
_struct_sheet_range.sheet_id 
_struct_sheet_range.id 
_struct_sheet_range.beg_label_comp_id 
_struct_sheet_range.beg_label_asym_id 
_struct_sheet_range.beg_label_seq_id 
_struct_sheet_range.pdbx_beg_PDB_ins_code 
_struct_sheet_range.end_label_comp_id 
_struct_sheet_range.end_label_asym_id 
_struct_sheet_range.end_label_seq_id 
_struct_sheet_range.pdbx_end_PDB_ins_code 
_struct_sheet_range.beg_auth_comp_id 
_struct_sheet_range.beg_auth_asym_id 
_struct_sheet_range.beg_auth_seq_id 
_struct_sheet_range.end_auth_comp_id 
_struct_sheet_range.end_auth_asym_id 
_struct_sheet_range.end_auth_seq_id 
AA1 1 MET A 23  ? ILE A 24  ? MET A 1   ILE A 2   
AA1 2 ARG A 40  ? ILE A 41  ? ARG A 18  ILE A 19  
AA1 3 ASN A 58  ? ILE A 59  ? ASN A 36  ILE A 37  
AA1 4 THR A 76  ? ILE A 77  ? THR A 54  ILE A 55  
AA1 5 PHE A 94  ? ILE A 95  ? PHE A 72  ILE A 73  
AA1 6 SER A 126 ? ILE A 127 ? SER A 104 ILE A 105 
AA1 7 MET A 144 ? ILE A 145 ? MET A 122 ILE A 123 
AA1 8 THR A 160 ? TYR A 161 ? THR A 138 TYR A 139 
AA2 1 ASP A 29  ? VAL A 30  ? ASP A 7   VAL A 8   
AA2 2 VAL A 46  ? VAL A 47  ? VAL A 24  VAL A 25  
AA2 3 PHE A 64  ? ILE A 65  ? PHE A 42  ILE A 43  
AA2 4 GLN A 82  ? ILE A 83  ? GLN A 60  ILE A 61  
AA3 1 ILE A 52  ? ILE A 53  ? ILE A 30  ILE A 31  
AA3 2 VAL A 69  ? ILE A 71  ? VAL A 47  ILE A 49  
AA3 3 ILE A 87  ? ILE A 89  ? ILE A 65  ILE A 67  
AA3 4 THR A 119 ? ILE A 121 ? THR A 97  ILE A 99  
AA3 5 THR A 138 ? ILE A 139 ? THR A 116 ILE A 117 
AA4 1 THR A 132 ? ILE A 133 ? THR A 110 ILE A 111 
AA4 2 ILE A 150 ? VAL A 151 ? ILE A 128 VAL A 129 
# 
loop_
_pdbx_struct_sheet_hbond.sheet_id 
_pdbx_struct_sheet_hbond.range_id_1 
_pdbx_struct_sheet_hbond.range_id_2 
_pdbx_struct_sheet_hbond.range_1_label_atom_id 
_pdbx_struct_sheet_hbond.range_1_label_comp_id 
_pdbx_struct_sheet_hbond.range_1_label_asym_id 
_pdbx_struct_sheet_hbond.range_1_label_seq_id 
_pdbx_struct_sheet_hbond.range_1_PDB_ins_code 
_pdbx_struct_sheet_hbond.range_1_auth_atom_id 
_pdbx_struct_sheet_hbond.range_1_auth_comp_id 
_pdbx_struct_sheet_hbond.range_1_auth_asym_id 
_pdbx_struct_sheet_hbond.range_1_auth_seq_id 
_pdbx_struct_sheet_hbond.range_2_label_atom_id 
_pdbx_struct_sheet_hbond.range_2_label_comp_id 
_pdbx_struct_sheet_hbond.range_2_label_asym_id 
_pdbx_struct_sheet_hbond.range_2_label_seq_id 
_pdbx_struct_sheet_hbond.range_2_PDB_ins_code 
_pdbx_struct_sheet_hbond.range_2_auth_atom_id 
_pdbx_struct_sheet_hbond.range_2_auth_comp_id 
_pdbx_struct_sheet_hbond.range_2_auth_asym_id 
_pdbx_struct_sheet_hbond.range_2_auth_seq_id 
AA1 1 2 N MET A 23  ? N MET A 1   O ILE A 41  ? O ILE A 19  
AA1 2 3 N ARG A 40  ? N ARG A 18  O ILE A 59  ? O ILE A 37  
AA1 3 4 N ASN A 58  ? N ASN A 36  O ILE A 77  ? O ILE A 55  
AA1 4 5 N THR A 76  ? N THR A 54  O ILE A 95  ? O ILE A 73  
AA1 5 6 N PHE A 94  ? N PHE A 72  O ILE A 127 ? O ILE A 105 
AA1 6 7 N SER A 126 ? N SER A 104 O ILE A 145 ? O ILE A 123 
AA1 7 8 N MET A 144 ? N MET A 122 O TYR A 161 ? O TYR A 139 
AA2 1 2 N ASP A 29  ? N ASP A 7   O VAL A 47  ? O VAL A 25  
AA2 2 3 N VAL A 46  ? N VAL A 24  O ILE A 65  ? O ILE A 43  
AA2 3 4 N PHE A 64  ? N PHE A 42  O ILE A 83  ? O ILE A 61  
AA3 1 2 N ILE A 52  ? N ILE A 30  O ILE A 71  ? O ILE A 49  
AA3 2 3 N LYS A 70  ? N LYS A 48  O ILE A 89  ? O ILE A 67  
AA3 3 4 N GLU A 88  ? N GLU A 66  O ILE A 121 ? O ILE A 99  
AA3 4 5 N ILE A 120 ? N ILE A 98  O ILE A 139 ? O ILE A 117 
AA4 1 2 N THR A 132 ? N THR A 110 O VAL A 151 ? O VAL A 129 
# 
_atom_sites.entry_id                    7S45 
_atom_sites.Cartn_transf_matrix[1][1]   ? 
_atom_sites.Cartn_transf_matrix[1][2]   ? 
_atom_sites.Cartn_transf_matrix[1][3]   ? 
_atom_sites.Cartn_transf_matrix[2][1]   ? 
_atom_sites.Cartn_transf_matrix[2][2]   ? 
_atom_sites.Cartn_transf_matrix[2][3]   ? 
_atom_sites.Cartn_transf_matrix[3][1]   ? 
_atom_sites.Cartn_transf_matrix[3][2]   ? 
_atom_sites.Cartn_transf_matrix[3][3]   ? 
_atom_sites.Cartn_transf_vector[1]      ? 
_atom_sites.Cartn_transf_vector[2]      ? 
_atom_sites.Cartn_transf_vector[3]      ? 
_atom_sites.fract_transf_matrix[1][1]   0.00611233 
_atom_sites.fract_transf_matrix[1][2]   -0.00527769 
_atom_sites.fract_transf_matrix[1][3]   -0.00531197 
_atom_sites.fract_transf_matrix[2][1]   0.00690006 
_atom_sites.fract_transf_matrix[2][2]   0.00663328 
_atom_sites.fract_transf_matrix[2][3]   0.00134922 
_atom_sites.fract_transf_matrix[3][1]   0.00290865 
_atom_sites.fract_transf_matrix[3][2]   -0.00464512 
_atom_sites.fract_transf_matrix[3][3]   0.00796205 
_atom_sites.fract_transf_vector[1]      -0.179146 
_atom_sites.fract_transf_vector[2]      -0.351384 
_atom_sites.fract_transf_vector[3]      0.203240 
_atom_sites.solution_primary            ? 
_atom_sites.solution_secondary          ? 
_atom_sites.solution_hydrogens          ? 
_atom_sites.special_details             ? 
# 
loop_
_atom_type.symbol 
C 
N 
O 
P 
S 
# 
loop_
_atom_site.group_PDB 
_atom_site.id 
_atom_site.type_symbol 
_atom_site.label_atom_id 
_atom_site.label_alt_id 
_atom_site.label_comp_id 
_atom_site.label_asym_id 
_atom_site.label_entity_id 
_atom_site.label_seq_id 
_atom_site.pdbx_PDB_ins_code 
_atom_site.Cartn_x 
_atom_site.Cartn_y 
_atom_site.Cartn_z 
_atom_site.occupancy 
_atom_site.B_iso_or_equiv 
_atom_site.pdbx_formal_charge 
_atom_site.auth_seq_id 
_atom_site.auth_comp_id 
_atom_site.auth_asym_id 
_atom_site.auth_atom_id 
_atom_site.pdbx_PDB_model_num 
ATOM   1    N N     . GLY A 1 21  ? 1.195   6.492   -21.357 1.00 29.38 ? -1  GLY A N     1 
ATOM   2    C CA    . GLY A 1 21  ? 2.380   6.371   -20.455 1.00 23.19 ? -1  GLY A CA    1 
ATOM   3    C C     . GLY A 1 21  ? 2.027   6.665   -19.002 1.00 21.50 ? -1  GLY A C     1 
ATOM   4    O O     . GLY A 1 21  ? 0.838   6.913   -18.709 1.00 19.58 ? -1  GLY A O     1 
ATOM   5    N N     . HIS A 1 22  ? 3.037   6.671   -18.128 1.00 19.55 ? 0   HIS A N     1 
ATOM   6    C CA    . HIS A 1 22  ? 2.893   6.999   -16.684 1.00 15.68 ? 0   HIS A CA    1 
ATOM   7    C C     . HIS A 1 22  ? 3.749   8.224   -16.365 1.00 16.50 ? 0   HIS A C     1 
ATOM   8    O O     . HIS A 1 22  ? 4.702   8.494   -17.121 1.00 19.92 ? 0   HIS A O     1 
ATOM   9    C CB    . HIS A 1 22  ? 3.243   5.795   -15.809 1.00 17.30 ? 0   HIS A CB    1 
ATOM   10   C CG    . HIS A 1 22  ? 4.593   5.216   -16.065 1.00 19.90 ? 0   HIS A CG    1 
ATOM   11   N ND1   . HIS A 1 22  ? 4.855   4.414   -17.160 1.00 20.42 ? 0   HIS A ND1   1 
ATOM   12   C CD2   . HIS A 1 22  ? 5.737   5.261   -15.342 1.00 20.71 ? 0   HIS A CD2   1 
ATOM   13   C CE1   . HIS A 1 22  ? 6.112   4.027   -17.123 1.00 23.42 ? 0   HIS A CE1   1 
ATOM   14   N NE2   . HIS A 1 22  ? 6.676   4.524   -16.011 1.00 22.75 ? 0   HIS A NE2   1 
ATOM   15   N N     . MET A 1 23  ? 3.398   8.933   -15.291 1.00 13.50 ? 1   MET A N     1 
ATOM   16   C CA    A MET A 1 23  ? 4.074   10.184  -14.863 0.50 11.91 ? 1   MET A CA    1 
ATOM   17   C CA    B MET A 1 23  ? 4.067   10.187  -14.860 0.50 13.95 ? 1   MET A CA    1 
ATOM   18   C C     . MET A 1 23  ? 4.919   9.880   -13.623 1.00 11.59 ? 1   MET A C     1 
ATOM   19   O O     . MET A 1 23  ? 4.336   9.498   -12.586 1.00 12.77 ? 1   MET A O     1 
ATOM   20   C CB    A MET A 1 23  ? 3.059   11.277  -14.524 0.50 11.17 ? 1   MET A CB    1 
ATOM   21   C CB    B MET A 1 23  ? 3.041   11.272  -14.514 0.50 16.29 ? 1   MET A CB    1 
ATOM   22   C CG    A MET A 1 23  ? 3.676   12.662  -14.329 0.50 11.19 ? 1   MET A CG    1 
ATOM   23   C CG    B MET A 1 23  ? 3.664   12.627  -14.187 0.50 19.31 ? 1   MET A CG    1 
ATOM   24   S SD    A MET A 1 23  ? 4.620   12.870  -12.784 0.50 10.71 ? 1   MET A SD    1 
ATOM   25   S SD    B MET A 1 23  ? 2.849   13.503  -12.816 0.50 25.79 ? 1   MET A SD    1 
ATOM   26   C CE    A MET A 1 23  ? 3.310   12.710  -11.572 0.50 10.04 ? 1   MET A CE    1 
ATOM   27   C CE    B MET A 1 23  ? 3.718   12.810  -11.411 0.50 21.98 ? 1   MET A CE    1 
ATOM   28   N N     . ILE A 1 24  ? 6.230   10.026  -13.739 1.00 10.45 ? 2   ILE A N     1 
ATOM   29   C CA    . ILE A 1 24  ? 7.184   9.898   -12.607 1.00 10.45 ? 2   ILE A CA    1 
ATOM   30   C C     . ILE A 1 24  ? 7.730   11.291  -12.349 1.00 10.25 ? 2   ILE A C     1 
ATOM   31   O O     . ILE A 1 24  ? 8.383   11.864  -13.239 1.00 9.94  ? 2   ILE A O     1 
ATOM   32   C CB    . ILE A 1 24  ? 8.315   8.907   -12.919 1.00 11.15 ? 2   ILE A CB    1 
ATOM   33   C CG1   . ILE A 1 24  ? 7.768   7.502   -13.190 1.00 13.02 ? 2   ILE A CG1   1 
ATOM   34   C CG2   . ILE A 1 24  ? 9.344   8.911   -11.799 1.00 11.07 ? 2   ILE A CG2   1 
ATOM   35   C CD1   . ILE A 1 24  ? 8.798   6.555   -13.753 1.00 14.42 ? 2   ILE A CD1   1 
ATOM   36   N N     . HIS A 1 25  ? 7.494   11.830  -11.167 1.00 8.09  ? 3   HIS A N     1 
ATOM   37   C CA    . HIS A 1 25  ? 8.025   13.157  -10.812 1.00 7.55  ? 3   HIS A CA    1 
ATOM   38   C C     . HIS A 1 25  ? 9.550   13.112  -10.843 1.00 7.27  ? 3   HIS A C     1 
ATOM   39   O O     . HIS A 1 25  ? 10.151  12.113  -10.429 1.00 7.26  ? 3   HIS A O     1 
ATOM   40   C CB    . HIS A 1 25  ? 7.499   13.603  -9.449  1.00 7.21  ? 3   HIS A CB    1 
ATOM   41   C CG    . HIS A 1 25  ? 7.629   15.069  -9.262  1.00 7.49  ? 3   HIS A CG    1 
ATOM   42   N ND1   . HIS A 1 25  ? 8.838   15.672  -8.949  1.00 7.73  ? 3   HIS A ND1   1 
ATOM   43   C CD2   . HIS A 1 25  ? 6.719   16.063  -9.388  1.00 7.81  ? 3   HIS A CD2   1 
ATOM   44   C CE1   . HIS A 1 25  ? 8.637   16.966  -8.872  1.00 7.90  ? 3   HIS A CE1   1 
ATOM   45   N NE2   . HIS A 1 25  ? 7.358   17.234  -9.131  1.00 8.34  ? 3   HIS A NE2   1 
ATOM   46   N N     . LYS A 1 26  ? 10.160  14.180  -11.337 1.00 7.96  ? 4   LYS A N     1 
ATOM   47   C CA    . LYS A 1 26  ? 11.630  14.289  -11.390 1.00 8.19  ? 4   LYS A CA    1 
ATOM   48   C C     . LYS A 1 26  ? 12.224  14.125  -9.991  1.00 6.80  ? 4   LYS A C     1 
ATOM   49   O O     . LYS A 1 26  ? 13.400  13.770  -9.896  1.00 7.80  ? 4   LYS A O     1 
ATOM   50   C CB    . LYS A 1 26  ? 12.037  15.615  -12.033 1.00 9.94  ? 4   LYS A CB    1 
ATOM   51   C CG    . LYS A 1 26  ? 11.774  16.865  -11.217 1.00 14.23 ? 4   LYS A CG    1 
ATOM   52   C CD    . LYS A 1 26  ? 12.241  18.131  -11.915 1.00 19.50 ? 4   LYS A CD    1 
ATOM   53   C CE    . LYS A 1 26  ? 12.410  19.296  -10.963 1.00 22.24 ? 4   LYS A CE    1 
ATOM   54   N NZ    . LYS A 1 26  ? 11.347  19.328  -9.927  1.00 28.13 ? 4   LYS A NZ    1 
ATOM   55   N N     . LEU A 1 27  ? 11.469  14.426  -8.928  1.00 7.20  ? 5   LEU A N     1 
ATOM   56   C CA    . LEU A 1 27  ? 12.028  14.334  -7.553  1.00 7.10  ? 5   LEU A CA    1 
ATOM   57   C C     . LEU A 1 27  ? 11.720  12.974  -6.928  1.00 6.82  ? 5   LEU A C     1 
ATOM   58   O O     . LEU A 1 27  ? 11.965  12.821  -5.736  1.00 6.41  ? 5   LEU A O     1 
ATOM   59   C CB    . LEU A 1 27  ? 11.498  15.477  -6.690  1.00 6.85  ? 5   LEU A CB    1 
ATOM   60   C CG    . LEU A 1 27  ? 11.871  16.872  -7.175  1.00 7.71  ? 5   LEU A CG    1 
ATOM   61   C CD1   . LEU A 1 27  ? 11.199  17.921  -6.305  1.00 8.79  ? 5   LEU A CD1   1 
ATOM   62   C CD2   . LEU A 1 27  ? 13.377  17.065  -7.195  1.00 8.31  ? 5   LEU A CD2   1 
ATOM   63   N N     . ALA A 1 28  ? 11.229  12.015  -7.705  1.00 6.41  ? 6   ALA A N     1 
ATOM   64   C CA    . ALA A 1 28  ? 11.068  10.621  -7.243  1.00 6.53  ? 6   ALA A CA    1 
ATOM   65   C C     . ALA A 1 28  ? 12.260  9.804   -7.743  1.00 6.60  ? 6   ALA A C     1 
ATOM   66   O O     . ALA A 1 28  ? 12.855  10.147  -8.787  1.00 8.35  ? 6   ALA A O     1 
ATOM   67   C CB    . ALA A 1 28  ? 9.759   10.047  -7.739  1.00 6.57  ? 6   ALA A CB    1 
ATOM   68   N N     . ASP A 1 29  ? 12.527  8.709   -7.051  1.00 5.94  ? 7   ASP A N     1 
ATOM   69   C CA    . ASP A 1 29  ? 13.517  7.681   -7.450  1.00 6.04  ? 7   ASP A CA    1 
ATOM   70   C C     . ASP A 1 29  ? 12.745  6.402   -7.764  1.00 5.91  ? 7   ASP A C     1 
ATOM   71   O O     . ASP A 1 29  ? 12.480  5.618   -6.857  1.00 6.44  ? 7   ASP A O     1 
ATOM   72   C CB    . ASP A 1 29  ? 14.553  7.462   -6.356  1.00 6.63  ? 7   ASP A CB    1 
ATOM   73   C CG    . ASP A 1 29  ? 15.545  6.366   -6.662  1.00 8.19  ? 7   ASP A CG    1 
ATOM   74   O OD1   . ASP A 1 29  ? 15.564  5.897   -7.825  1.00 10.27 ? 7   ASP A OD1   1 
ATOM   75   O OD2   . ASP A 1 29  ? 16.314  6.018   -5.755  1.00 9.04  ? 7   ASP A OD2   1 
ATOM   76   N N     . VAL A 1 30  ? 12.337  6.237   -9.019  1.00 6.64  ? 8   VAL A N     1 
ATOM   77   C CA    . VAL A 1 30  ? 11.512  5.081   -9.458  1.00 6.98  ? 8   VAL A CA    1 
ATOM   78   C C     . VAL A 1 30  ? 12.378  4.198   -10.345 1.00 7.38  ? 8   VAL A C     1 
ATOM   79   O O     . VAL A 1 30  ? 12.827  4.650   -11.420 1.00 8.74  ? 8   VAL A O     1 
ATOM   80   C CB    . VAL A 1 30  ? 10.237  5.525   -10.194 1.00 6.98  ? 8   VAL A CB    1 
ATOM   81   C CG1   . VAL A 1 30  ? 9.462   4.353   -10.782 1.00 8.26  ? 8   VAL A CG1   1 
ATOM   82   C CG2   . VAL A 1 30  ? 9.357   6.340   -9.276  1.00 7.64  ? 8   VAL A CG2   1 
ATOM   83   N N     . GLN A 1 31  ? 12.613  2.973   -9.914  1.00 7.72  ? 9   GLN A N     1 
ATOM   84   C CA    . GLN A 1 31  ? 13.585  2.048   -10.550 1.00 7.96  ? 9   GLN A CA    1 
ATOM   85   C C     . GLN A 1 31  ? 12.823  0.937   -11.259 1.00 8.95  ? 9   GLN A C     1 
ATOM   86   O O     . GLN A 1 31  ? 13.448  0.132   -11.944 1.00 10.11 ? 9   GLN A O     1 
ATOM   87   C CB    . GLN A 1 31  ? 14.529  1.488   -9.489  1.00 8.50  ? 9   GLN A CB    1 
ATOM   88   C CG    . GLN A 1 31  ? 15.287  2.579   -8.768  1.00 10.44 ? 9   GLN A CG    1 
ATOM   89   C CD    . GLN A 1 31  ? 16.098  2.017   -7.632  1.00 11.61 ? 9   GLN A CD    1 
ATOM   90   O OE1   . GLN A 1 31  ? 16.497  0.848   -7.646  1.00 12.32 ? 9   GLN A OE1   1 
ATOM   91   N NE2   . GLN A 1 31  ? 16.414  2.871   -6.672  1.00 10.06 ? 9   GLN A NE2   1 
ATOM   92   N N     . SER A 1 32  ? 11.508  0.896   -11.086 1.00 8.82  ? 10  SER A N     1 
ATOM   93   C CA    . SER A 1 32  ? 10.638  -0.123  -11.714 1.00 8.87  ? 10  SER A CA    1 
ATOM   94   C C     . SER A 1 32  ? 10.160  0.370   -13.074 1.00 9.56  ? 10  SER A C     1 
ATOM   95   O O     . SER A 1 32  ? 9.775   1.534   -13.194 1.00 11.33 ? 10  SER A O     1 
ATOM   96   C CB    . SER A 1 32  ? 9.476   -0.468  -10.851 1.00 8.77  ? 10  SER A CB    1 
ATOM   97   O OG    . SER A 1 32  ? 8.585   -1.282  -11.593 1.00 9.58  ? 10  SER A OG    1 
ATOM   98   N N     . LYS A 1 33  ? 10.174  -0.529  -14.056 1.00 11.36 ? 11  LYS A N     1 
ATOM   99   C CA    . LYS A 1 33  ? 9.582   -0.265  -15.389 1.00 14.29 ? 11  LYS A CA    1 
ATOM   100  C C     . LYS A 1 33  ? 8.154   -0.826  -15.435 1.00 14.67 ? 11  LYS A C     1 
ATOM   101  O O     . LYS A 1 33  ? 7.439   -0.537  -16.411 1.00 15.53 ? 11  LYS A O     1 
ATOM   102  C CB    . LYS A 1 33  ? 10.478  -0.872  -16.475 1.00 18.64 ? 11  LYS A CB    1 
ATOM   103  C CG    . LYS A 1 33  ? 11.918  -0.374  -16.466 1.00 23.91 ? 11  LYS A CG    1 
ATOM   104  C CD    . LYS A 1 33  ? 12.847  -1.173  -17.360 1.00 29.39 ? 11  LYS A CD    1 
ATOM   105  C CE    . LYS A 1 33  ? 14.309  -0.896  -17.081 1.00 33.77 ? 11  LYS A CE    1 
ATOM   106  N NZ    . LYS A 1 33  ? 15.062  -0.605  -18.324 1.00 37.86 ? 11  LYS A NZ    1 
ATOM   107  N N     . ASN A 1 34  ? 7.773   -1.605  -14.419 1.00 12.10 ? 12  ASN A N     1 
ATOM   108  C CA    . ASN A 1 34  ? 6.493   -2.360  -14.389 1.00 12.87 ? 12  ASN A CA    1 
ATOM   109  C C     . ASN A 1 34  ? 5.365   -1.440  -13.885 1.00 11.55 ? 12  ASN A C     1 
ATOM   110  O O     . ASN A 1 34  ? 4.769   -1.768  -12.841 1.00 11.79 ? 12  ASN A O     1 
ATOM   111  C CB    . ASN A 1 34  ? 6.591   -3.629  -13.532 1.00 14.14 ? 12  ASN A CB    1 
ATOM   112  C CG    . ASN A 1 34  ? 7.902   -4.376  -13.661 1.00 17.61 ? 12  ASN A CG    1 
ATOM   113  O OD1   . ASN A 1 34  ? 8.246   -4.828  -14.756 1.00 20.93 ? 12  ASN A OD1   1 
ATOM   114  N ND2   . ASN A 1 34  ? 8.626   -4.535  -12.556 1.00 18.10 ? 12  ASN A ND2   1 
ATOM   115  N N     . ILE A 1 35  ? 5.063   -0.354  -14.590 1.00 11.50 ? 13  ILE A N     1 
ATOM   116  C CA    . ILE A 1 35  ? 4.124   0.709   -14.127 1.00 12.71 ? 13  ILE A CA    1 
ATOM   117  C C     . ILE A 1 35  ? 3.087   0.952   -15.215 1.00 12.23 ? 13  ILE A C     1 
ATOM   118  O O     . ILE A 1 35  ? 3.478   1.270   -16.358 1.00 13.43 ? 13  ILE A O     1 
ATOM   119  C CB    . ILE A 1 35  ? 4.856   2.008   -13.760 1.00 14.29 ? 13  ILE A CB    1 
ATOM   120  C CG1   . ILE A 1 35  ? 5.937   1.724   -12.717 1.00 15.71 ? 13  ILE A CG1   1 
ATOM   121  C CG2   . ILE A 1 35  ? 3.859   3.056   -13.285 1.00 13.02 ? 13  ILE A CG2   1 
ATOM   122  C CD1   . ILE A 1 35  ? 6.790   2.905   -12.381 1.00 18.11 ? 13  ILE A CD1   1 
ATOM   123  N N     . GLY A 1 36  ? 1.814   0.786   -14.871 1.00 12.17 ? 14  GLY A N     1 
ATOM   124  C CA    . GLY A 1 36  ? 0.704   0.895   -15.824 1.00 11.56 ? 14  GLY A CA    1 
ATOM   125  C C     . GLY A 1 36  ? 0.476   2.316   -16.306 1.00 11.56 ? 14  GLY A C     1 
ATOM   126  O O     . GLY A 1 36  ? 0.766   3.287   -15.567 1.00 10.86 ? 14  GLY A O     1 
ATOM   127  N N     . SER A 1 37  ? -0.133  2.433   -17.488 1.00 12.06 ? 15  SER A N     1 
ATOM   128  C CA    . SER A 1 37  ? -0.582  3.706   -18.079 1.00 13.37 ? 15  SER A CA    1 
ATOM   129  C C     . SER A 1 37  ? -1.469  4.464   -17.088 1.00 11.51 ? 15  SER A C     1 
ATOM   130  O O     . SER A 1 37  ? -2.289  3.823   -16.411 1.00 10.85 ? 15  SER A O     1 
ATOM   131  C CB    . SER A 1 37  ? -1.279  3.424   -19.381 1.00 17.07 ? 15  SER A CB    1 
ATOM   132  O OG    . SER A 1 37  ? -2.065  4.525   -19.787 1.00 24.00 ? 15  SER A OG    1 
ATOM   133  N N     . GLY A 1 38  ? -1.289  5.778   -16.998 1.00 11.31 ? 16  GLY A N     1 
ATOM   134  C CA    . GLY A 1 38  ? -2.148  6.676   -16.215 1.00 10.59 ? 16  GLY A CA    1 
ATOM   135  C C     . GLY A 1 38  ? -1.716  6.769   -14.762 1.00 10.79 ? 16  GLY A C     1 
ATOM   136  O O     . GLY A 1 38  ? -2.281  7.598   -14.059 1.00 11.66 ? 16  GLY A O     1 
ATOM   137  N N     . THR A 1 39  ? -0.727  5.978   -14.356 1.00 9.63  ? 17  THR A N     1 
ATOM   138  C CA    . THR A 1 39  ? -0.182  6.013   -12.970 1.00 8.89  ? 17  THR A CA    1 
ATOM   139  C C     . THR A 1 39  ? 0.650   7.285   -12.791 1.00 9.70  ? 17  THR A C     1 
ATOM   140  O O     . THR A 1 39  ? 1.393   7.668   -13.699 1.00 9.96  ? 17  THR A O     1 
ATOM   141  C CB    . THR A 1 39  ? 0.514   4.696   -12.616 1.00 8.82  ? 17  THR A CB    1 
ATOM   142  O OG1   . THR A 1 39  ? -0.544  3.756   -12.390 1.00 9.05  ? 17  THR A OG1   1 
ATOM   143  C CG2   . THR A 1 39  ? 1.393   4.799   -11.389 1.00 8.69  ? 17  THR A CG2   1 
ATOM   144  N N     . ARG A 1 40  ? 0.475   7.935   -11.648 1.00 8.69  ? 18  ARG A N     1 
ATOM   145  C CA    . ARG A 1 40  ? 1.268   9.116   -11.228 1.00 8.45  ? 18  ARG A CA    1 
ATOM   146  C C     . ARG A 1 40  ? 2.084   8.729   -10.001 1.00 6.81  ? 18  ARG A C     1 
ATOM   147  O O     . ARG A 1 40  ? 1.513   8.111   -9.077  1.00 7.64  ? 18  ARG A O     1 
ATOM   148  C CB    . ARG A 1 40  ? 0.347   10.277  -10.864 1.00 9.65  ? 18  ARG A CB    1 
ATOM   149  C CG    . ARG A 1 40  ? -0.404  10.825  -12.068 1.00 12.03 ? 18  ARG A CG    1 
ATOM   150  C CD    . ARG A 1 40  ? -1.551  11.749  -11.706 1.00 16.64 ? 18  ARG A CD    1 
ATOM   151  N NE    . ARG A 1 40  ? -2.702  11.011  -11.191 1.00 19.91 ? 18  ARG A NE    1 
ATOM   152  C CZ    . ARG A 1 40  ? -3.465  11.413  -10.178 1.00 21.70 ? 18  ARG A CZ    1 
ATOM   153  N NH1   . ARG A 1 40  ? -4.486  10.667  -9.782  1.00 19.78 ? 18  ARG A NH1   1 
ATOM   154  N NH2   . ARG A 1 40  ? -3.198  12.549  -9.550  1.00 24.99 ? 18  ARG A NH2   1 
ATOM   155  N N     . ILE A 1 41  ? 3.365   9.043   -9.995  1.00 7.15  ? 19  ILE A N     1 
ATOM   156  C CA    . ILE A 1 41  ? 4.242   8.841   -8.817  1.00 5.97  ? 19  ILE A CA    1 
ATOM   157  C C     . ILE A 1 41  ? 4.884   10.175  -8.485  1.00 5.85  ? 19  ILE A C     1 
ATOM   158  O O     . ILE A 1 41  ? 5.526   10.795  -9.343  1.00 6.90  ? 19  ILE A O     1 
ATOM   159  C CB    . ILE A 1 41  ? 5.285   7.736   -9.037  1.00 6.44  ? 19  ILE A CB    1 
ATOM   160  C CG1   . ILE A 1 41  ? 4.594   6.416   -9.387  1.00 7.57  ? 19  ILE A CG1   1 
ATOM   161  C CG2   . ILE A 1 41  ? 6.187   7.621   -7.808  1.00 7.05  ? 19  ILE A CG2   1 
ATOM   162  C CD1   . ILE A 1 41  ? 5.526   5.339   -9.852  1.00 8.13  ? 19  ILE A CD1   1 
ATOM   163  N N     . TRP A 1 42  ? 4.605   10.657  -7.286  1.00 4.97  ? 20  TRP A N     1 
ATOM   164  C CA    . TRP A 1 42  ? 4.889   12.049  -6.892  1.00 5.49  ? 20  TRP A CA    1 
ATOM   165  C C     . TRP A 1 42  ? 6.244   12.203  -6.188  1.00 4.89  ? 20  TRP A C     1 
ATOM   166  O O     . TRP A 1 42  ? 7.057   11.265  -6.163  1.00 5.47  ? 20  TRP A O     1 
ATOM   167  C CB    . TRP A 1 42  ? 3.707   12.540  -6.068  1.00 5.44  ? 20  TRP A CB    1 
ATOM   168  C CG    . TRP A 1 42  ? 2.512   12.768  -6.940  1.00 6.37  ? 20  TRP A CG    1 
ATOM   169  C CD1   . TRP A 1 42  ? 1.392   11.994  -7.035  1.00 6.28  ? 20  TRP A CD1   1 
ATOM   170  C CD2   . TRP A 1 42  ? 2.353   13.841  -7.877  1.00 7.42  ? 20  TRP A CD2   1 
ATOM   171  N NE1   . TRP A 1 42  ? 0.543   12.528  -7.970  1.00 6.88  ? 20  TRP A NE1   1 
ATOM   172  C CE2   . TRP A 1 42  ? 1.100   13.661  -8.497  1.00 7.43  ? 20  TRP A CE2   1 
ATOM   173  C CE3   . TRP A 1 42  ? 3.139   14.935  -8.233  1.00 7.93  ? 20  TRP A CE3   1 
ATOM   174  C CZ2   . TRP A 1 42  ? 0.629   14.547  -9.467  1.00 8.15  ? 20  TRP A CZ2   1 
ATOM   175  C CZ3   . TRP A 1 42  ? 2.674   15.805  -9.188  1.00 8.06  ? 20  TRP A CZ3   1 
ATOM   176  C CH2   . TRP A 1 42  ? 1.443   15.601  -9.806  1.00 8.42  ? 20  TRP A CH2   1 
ATOM   177  N N     . GLN A 1 43  ? 6.505   13.408  -5.695  1.00 5.46  ? 21  GLN A N     1 
ATOM   178  C CA    . GLN A 1 43  ? 7.832   13.801  -5.199  1.00 5.04  ? 21  GLN A CA    1 
ATOM   179  C C     . GLN A 1 43  ? 8.284   12.859  -4.086  1.00 5.37  ? 21  GLN A C     1 
ATOM   180  O O     . GLN A 1 43  ? 7.470   12.493  -3.210  1.00 5.08  ? 21  GLN A O     1 
ATOM   181  C CB    . GLN A 1 43  ? 7.821   15.231  -4.644  1.00 4.85  ? 21  GLN A CB    1 
ATOM   182  C CG    . GLN A 1 43  ? 7.354   16.276  -5.654  1.00 5.18  ? 21  GLN A CG    1 
ATOM   183  C CD    . GLN A 1 43  ? 5.886   16.601  -5.581  1.00 5.24  ? 21  GLN A CD    1 
ATOM   184  O OE1   . GLN A 1 43  ? 5.066   15.763  -5.242  1.00 5.82  ? 21  GLN A OE1   1 
ATOM   185  N NE2   . GLN A 1 43  ? 5.536   17.830  -5.907  1.00 6.07  ? 21  GLN A NE2   1 
ATOM   186  N N     . PHE A 1 44  ? 9.580   12.578  -4.040  1.00 5.23  ? 22  PHE A N     1 
ATOM   187  C CA    . PHE A 1 44  ? 10.231  11.979  -2.849  1.00 5.20  ? 22  PHE A CA    1 
ATOM   188  C C     . PHE A 1 44  ? 9.644   10.589  -2.619  1.00 5.61  ? 22  PHE A C     1 
ATOM   189  O O     . PHE A 1 44  ? 9.609   10.120  -1.479  1.00 6.53  ? 22  PHE A O     1 
ATOM   190  C CB    . PHE A 1 44  ? 10.086  12.868  -1.614  1.00 5.34  ? 22  PHE A CB    1 
ATOM   191  C CG    . PHE A 1 44  ? 10.404  14.307  -1.901  1.00 4.96  ? 22  PHE A CG    1 
ATOM   192  C CD1   . PHE A 1 44  ? 11.594  14.668  -2.522  1.00 5.85  ? 22  PHE A CD1   1 
ATOM   193  C CD2   . PHE A 1 44  ? 9.500   15.304  -1.579  1.00 5.48  ? 22  PHE A CD2   1 
ATOM   194  C CE1   . PHE A 1 44  ? 11.845  15.996  -2.839  1.00 5.95  ? 22  PHE A CE1   1 
ATOM   195  C CE2   . PHE A 1 44  ? 9.770   16.633  -1.855  1.00 6.04  ? 22  PHE A CE2   1 
ATOM   196  C CZ    . PHE A 1 44  ? 10.934  16.971  -2.502  1.00 5.78  ? 22  PHE A CZ    1 
ATOM   197  N N     . CYS A 1 45  ? 9.183   9.929   -3.672  1.00 5.47  ? 23  CYS A N     1 
ATOM   198  C CA    . CYS A 1 45  ? 8.906   8.484   -3.632  1.00 5.37  ? 23  CYS A CA    1 
ATOM   199  C C     . CYS A 1 45  ? 10.149  7.681   -4.007  1.00 5.03  ? 23  CYS A C     1 
ATOM   200  O O     . CYS A 1 45  ? 11.008  8.171   -4.763  1.00 6.32  ? 23  CYS A O     1 
ATOM   201  C CB    . CYS A 1 45  ? 7.765   8.129   -4.567  1.00 5.48  ? 23  CYS A CB    1 
ATOM   202  S SG    . CYS A 1 45  ? 6.158   8.718   -3.987  1.00 5.52  ? 23  CYS A SG    1 
ATOM   203  N N     . VAL A 1 46  ? 10.229  6.484   -3.455  1.00 4.95  ? 24  VAL A N     1 
ATOM   204  C CA    . VAL A 1 46  ? 11.232  5.456   -3.828  1.00 5.03  ? 24  VAL A CA    1 
ATOM   205  C C     . VAL A 1 46  ? 10.457  4.234   -4.282  1.00 4.90  ? 24  VAL A C     1 
ATOM   206  O O     . VAL A 1 46  ? 9.581   3.773   -3.533  1.00 5.74  ? 24  VAL A O     1 
ATOM   207  C CB    . VAL A 1 46  ? 12.138  5.107   -2.643  1.00 5.56  ? 24  VAL A CB    1 
ATOM   208  C CG1   . VAL A 1 46  ? 13.089  3.978   -2.984  1.00 6.10  ? 24  VAL A CG1   1 
ATOM   209  C CG2   . VAL A 1 46  ? 12.880  6.308   -2.107  1.00 6.07  ? 24  VAL A CG2   1 
ATOM   210  N N     . VAL A 1 47  ? 10.741  3.729   -5.472  1.00 4.88  ? 25  VAL A N     1 
ATOM   211  C CA    . VAL A 1 47  ? 10.106  2.482   -5.964  1.00 5.57  ? 25  VAL A CA    1 
ATOM   212  C C     . VAL A 1 47  ? 11.208  1.575   -6.482  1.00 5.81  ? 25  VAL A C     1 
ATOM   213  O O     . VAL A 1 47  ? 11.943  1.975   -7.390  1.00 6.48  ? 25  VAL A O     1 
ATOM   214  C CB    . VAL A 1 47  ? 9.054   2.755   -7.047  1.00 5.41  ? 25  VAL A CB    1 
ATOM   215  C CG1   . VAL A 1 47  ? 8.438   1.461   -7.560  1.00 6.43  ? 25  VAL A CG1   1 
ATOM   216  C CG2   . VAL A 1 47  ? 8.003   3.745   -6.561  1.00 5.63  ? 25  VAL A CG2   1 
ATOM   217  N N     . LEU A 1 48  ? 11.341  0.415   -5.874  1.00 6.19  ? 26  LEU A N     1 
ATOM   218  C CA    . LEU A 1 48  ? 12.466  -0.486  -6.199  1.00 6.66  ? 26  LEU A CA    1 
ATOM   219  C C     . LEU A 1 48  ? 12.131  -1.339  -7.416  1.00 6.88  ? 26  LEU A C     1 
ATOM   220  O O     . LEU A 1 48  ? 10.993  -1.404  -7.873  1.00 7.46  ? 26  LEU A O     1 
ATOM   221  C CB    . LEU A 1 48  ? 12.804  -1.292  -4.948  1.00 6.70  ? 26  LEU A CB    1 
ATOM   222  C CG    . LEU A 1 48  ? 13.273  -0.463  -3.760  1.00 7.22  ? 26  LEU A CG    1 
ATOM   223  C CD1   . LEU A 1 48  ? 13.827  -1.363  -2.677  1.00 7.69  ? 26  LEU A CD1   1 
ATOM   224  C CD2   . LEU A 1 48  ? 14.311  0.559   -4.196  1.00 7.39  ? 26  LEU A CD2   1 
ATOM   225  N N     . PRO A 1 49  ? 13.160  -1.938  -8.063  1.00 7.24  ? 27  PRO A N     1 
ATOM   226  C CA    . PRO A 1 49  ? 13.010  -2.436  -9.430  1.00 7.48  ? 27  PRO A CA    1 
ATOM   227  C C     . PRO A 1 49  ? 11.877  -3.443  -9.694  1.00 6.28  ? 27  PRO A C     1 
ATOM   228  O O     . PRO A 1 49  ? 11.317  -3.418  -10.767 1.00 9.16  ? 27  PRO A O     1 
ATOM   229  C CB    . PRO A 1 49  ? 14.369  -3.116  -9.682  1.00 7.62  ? 27  PRO A CB    1 
ATOM   230  C CG    . PRO A 1 49  ? 15.336  -2.294  -8.866  1.00 7.76  ? 27  PRO A CG    1 
ATOM   231  C CD    . PRO A 1 49  ? 14.549  -1.989  -7.607  1.00 6.62  ? 27  PRO A CD    1 
ATOM   232  N N     . SER A 1 50  ? 11.601  -4.377  -8.779  1.00 7.09  ? 28  SER A N     1 
ATOM   233  C CA    . SER A 1 50  ? 10.641  -5.473  -9.074  1.00 7.27  ? 28  SER A CA    1 
ATOM   234  C C     . SER A 1 50  ? 9.197   -5.047  -8.770  1.00 6.83  ? 28  SER A C     1 
ATOM   235  O O     . SER A 1 50  ? 8.277   -5.836  -9.040  1.00 8.01  ? 28  SER A O     1 
ATOM   236  C CB    . SER A 1 50  ? 11.024  -6.724  -8.360  1.00 7.44  ? 28  SER A CB    1 
ATOM   237  O OG    . SER A 1 50  ? 12.180  -7.286  -8.981  1.00 7.89  ? 28  SER A OG    1 
ATOM   238  N N     . ALA A 1 51  ? 8.976   -3.859  -8.216  1.00 6.67  ? 29  ALA A N     1 
ATOM   239  C CA    . ALA A 1 51  ? 7.600   -3.448  -7.884  1.00 7.22  ? 29  ALA A CA    1 
ATOM   240  C C     . ALA A 1 51  ? 6.748   -3.525  -9.151  1.00 7.57  ? 29  ALA A C     1 
ATOM   241  O O     . ALA A 1 51  ? 7.215   -3.141  -10.240 1.00 7.40  ? 29  ALA A O     1 
ATOM   242  C CB    . ALA A 1 51  ? 7.578   -2.063  -7.311  1.00 6.65  ? 29  ALA A CB    1 
ATOM   243  N N     . ILE A 1 52  ? 5.514   -3.985  -9.012  1.00 7.91  ? 30  ILE A N     1 
ATOM   244  C CA    . ILE A 1 52  ? 4.501   -3.971  -10.097 1.00 9.25  ? 30  ILE A CA    1 
ATOM   245  C C     . ILE A 1 52  ? 3.374   -3.053  -9.661  1.00 9.50  ? 30  ILE A C     1 
ATOM   246  O O     . ILE A 1 52  ? 2.800   -3.266  -8.574  1.00 9.48  ? 30  ILE A O     1 
ATOM   247  C CB    . ILE A 1 52  ? 3.974   -5.380  -10.407 1.00 10.37 ? 30  ILE A CB    1 
ATOM   248  C CG1   . ILE A 1 52  ? 5.113   -6.309  -10.824 1.00 10.29 ? 30  ILE A CG1   1 
ATOM   249  C CG2   . ILE A 1 52  ? 2.880   -5.305  -11.460 1.00 10.23 ? 30  ILE A CG2   1 
ATOM   250  C CD1   . ILE A 1 52  ? 4.696   -7.735  -11.056 1.00 11.80 ? 30  ILE A CD1   1 
ATOM   251  N N     . ILE A 1 53  ? 3.062   -2.081  -10.496 1.00 8.97  ? 31  ILE A N     1 
ATOM   252  C CA    . ILE A 1 53  ? 2.006   -1.083  -10.217 1.00 8.23  ? 31  ILE A CA    1 
ATOM   253  C C     . ILE A 1 53  ? 1.114   -1.041  -11.445 1.00 9.01  ? 31  ILE A C     1 
ATOM   254  O O     . ILE A 1 53  ? 1.647   -0.942  -12.564 1.00 9.14  ? 31  ILE A O     1 
ATOM   255  C CB    . ILE A 1 53  ? 2.617   0.293   -9.889  1.00 8.85  ? 31  ILE A CB    1 
ATOM   256  C CG1   . ILE A 1 53  ? 3.567   0.213   -8.688  1.00 8.83  ? 31  ILE A CG1   1 
ATOM   257  C CG2   . ILE A 1 53  ? 1.508   1.308   -9.692  1.00 9.50  ? 31  ILE A CG2   1 
ATOM   258  C CD1   . ILE A 1 53  ? 4.378   1.461   -8.449  1.00 10.06 ? 31  ILE A CD1   1 
ATOM   259  N N     . GLY A 1 54  ? -0.190  -1.130  -11.244 1.00 7.96  ? 32  GLY A N     1 
ATOM   260  C CA    . GLY A 1 54  ? -1.150  -1.184  -12.350 1.00 8.53  ? 32  GLY A CA    1 
ATOM   261  C C     . GLY A 1 54  ? -1.415  0.180   -12.951 1.00 9.39  ? 32  GLY A C     1 
ATOM   262  O O     . GLY A 1 54  ? -0.588  1.122   -12.818 1.00 8.79  ? 32  GLY A O     1 
ATOM   263  N N     . GLU A 1 55  ? -2.544  0.274   -13.644 1.00 9.37  ? 33  GLU A N     1 
ATOM   264  C CA    . GLU A 1 55  ? -2.957  1.471   -14.391 1.00 9.26  ? 33  GLU A CA    1 
ATOM   265  C C     . GLU A 1 55  ? -3.710  2.430   -13.479 1.00 8.23  ? 33  GLU A C     1 
ATOM   266  O O     . GLU A 1 55  ? -4.370  1.976   -12.552 1.00 8.38  ? 33  GLU A O     1 
ATOM   267  C CB    . GLU A 1 55  ? -3.843  1.051   -15.562 1.00 10.58 ? 33  GLU A CB    1 
ATOM   268  C CG    . GLU A 1 55  ? -3.101  0.205   -16.581 1.00 13.07 ? 33  GLU A CG    1 
ATOM   269  C CD    . GLU A 1 55  ? -3.910  -0.202  -17.798 1.00 17.59 ? 33  GLU A CD    1 
ATOM   270  O OE1   . GLU A 1 55  ? -5.158  -0.171  -17.714 1.00 19.12 ? 33  GLU A OE1   1 
ATOM   271  O OE2   . GLU A 1 55  ? -3.281  -0.561  -18.815 1.00 20.52 ? 33  GLU A OE2   1 
ATOM   272  N N     . ASN A 1 56  ? -3.575  3.717   -13.758 1.00 8.17  ? 34  ASN A N     1 
ATOM   273  C CA    A ASN A 1 56  ? -4.418  4.778   -13.156 0.50 8.49  ? 34  ASN A CA    1 
ATOM   274  C CA    B ASN A 1 56  ? -4.368  4.825   -13.160 0.50 9.80  ? 34  ASN A CA    1 
ATOM   275  C C     . ASN A 1 56  ? -4.273  4.766   -11.633 1.00 8.31  ? 34  ASN A C     1 
ATOM   276  O O     . ASN A 1 56  ? -5.273  5.053   -10.947 1.00 9.63  ? 34  ASN A O     1 
ATOM   277  C CB    A ASN A 1 56  ? -5.875  4.587   -13.575 0.50 8.48  ? 34  ASN A CB    1 
ATOM   278  C CB    B ASN A 1 56  ? -5.825  4.814   -13.626 0.50 11.87 ? 34  ASN A CB    1 
ATOM   279  C CG    A ASN A 1 56  ? -6.050  4.842   -15.052 0.50 9.42  ? 34  ASN A CG    1 
ATOM   280  C CG    B ASN A 1 56  ? -6.518  6.136   -13.372 0.50 15.57 ? 34  ASN A CG    1 
ATOM   281  O OD1   A ASN A 1 56  ? -5.525  5.825   -15.567 0.50 10.70 ? 34  ASN A OD1   1 
ATOM   282  O OD1   B ASN A 1 56  ? -5.895  7.203   -13.439 0.50 18.42 ? 34  ASN A OD1   1 
ATOM   283  N ND2   A ASN A 1 56  ? -6.714  3.929   -15.738 0.50 11.11 ? 34  ASN A ND2   1 
ATOM   284  N ND2   B ASN A 1 56  ? -7.809  6.080   -13.091 0.50 20.62 ? 34  ASN A ND2   1 
ATOM   285  N N     . CYS A 1 57  ? -3.084  4.457   -11.126 1.00 7.28  ? 35  CYS A N     1 
ATOM   286  C CA    . CYS A 1 57  ? -2.793  4.586   -9.678  1.00 7.15  ? 35  CYS A CA    1 
ATOM   287  C C     . CYS A 1 57  ? -2.304  6.002   -9.385  1.00 7.24  ? 35  CYS A C     1 
ATOM   288  O O     . CYS A 1 57  ? -1.800  6.694   -10.290 1.00 8.40  ? 35  CYS A O     1 
ATOM   289  C CB    . CYS A 1 57  ? -1.763  3.569   -9.215  1.00 7.55  ? 35  CYS A CB    1 
ATOM   290  S SG    . CYS A 1 57  ? -2.358  1.863   -9.329  1.00 7.67  ? 35  CYS A SG    1 
ATOM   291  N N     . ASN A 1 58  ? -2.440  6.411   -8.130  1.00 6.34  ? 36  ASN A N     1 
ATOM   292  C CA    . ASN A 1 58  ? -1.867  7.684   -7.647  1.00 7.14  ? 36  ASN A CA    1 
ATOM   293  C C     . ASN A 1 58  ? -1.011  7.355   -6.442  1.00 7.06  ? 36  ASN A C     1 
ATOM   294  O O     . ASN A 1 58  ? -1.578  6.957   -5.411  1.00 8.30  ? 36  ASN A O     1 
ATOM   295  C CB    . ASN A 1 58  ? -2.934  8.723   -7.323  1.00 7.64  ? 36  ASN A CB    1 
ATOM   296  C CG    . ASN A 1 58  ? -2.342  10.108  -7.237  1.00 9.02  ? 36  ASN A CG    1 
ATOM   297  O OD1   . ASN A 1 58  ? -1.255  10.342  -7.757  1.00 10.83 ? 36  ASN A OD1   1 
ATOM   298  N ND2   . ASN A 1 58  ? -3.017  11.012  -6.555  1.00 10.26 ? 36  ASN A ND2   1 
ATOM   299  N N     . ILE A 1 59  ? 0.299   7.444   -6.605  1.00 6.69  ? 37  ILE A N     1 
ATOM   300  C CA    A ILE A 1 59  ? 1.290   7.200   -5.521  0.50 6.47  ? 37  ILE A CA    1 
ATOM   301  C CA    B ILE A 1 59  ? 1.243   7.208   -5.488  0.50 6.65  ? 37  ILE A CA    1 
ATOM   302  C C     . ILE A 1 59  ? 1.754   8.569   -5.043  1.00 6.16  ? 37  ILE A C     1 
ATOM   303  O O     . ILE A 1 59  ? 2.551   9.194   -5.745  1.00 5.68  ? 37  ILE A O     1 
ATOM   304  C CB    A ILE A 1 59  ? 2.488   6.339   -5.982  0.50 6.89  ? 37  ILE A CB    1 
ATOM   305  C CB    B ILE A 1 59  ? 2.341   6.209   -5.887  0.50 7.36  ? 37  ILE A CB    1 
ATOM   306  C CG1   A ILE A 1 59  ? 2.071   5.100   -6.785  0.50 7.37  ? 37  ILE A CG1   1 
ATOM   307  C CG1   B ILE A 1 59  ? 1.710   4.955   -6.501  0.50 8.62  ? 37  ILE A CG1   1 
ATOM   308  C CG2   A ILE A 1 59  ? 3.365   5.971   -4.792  0.50 7.23  ? 37  ILE A CG2   1 
ATOM   309  C CG2   B ILE A 1 59  ? 3.239   5.889   -4.699  0.50 7.79  ? 37  ILE A CG2   1 
ATOM   310  C CD1   A ILE A 1 59  ? 1.123   4.192   -6.044  0.50 7.64  ? 37  ILE A CD1   1 
ATOM   311  C CD1   B ILE A 1 59  ? 2.649   3.788   -6.634  0.50 9.09  ? 37  ILE A CD1   1 
ATOM   312  N N     . CYS A 1 60  ? 1.202   9.034   -3.941  1.00 5.37  ? 38  CYS A N     1 
ATOM   313  C CA    . CYS A 1 60  ? 1.427   10.421  -3.491  1.00 5.25  ? 38  CYS A CA    1 
ATOM   314  C C     . CYS A 1 60  ? 2.819   10.575  -2.862  1.00 4.61  ? 38  CYS A C     1 
ATOM   315  O O     . CYS A 1 60  ? 3.580   9.599   -2.720  1.00 4.84  ? 38  CYS A O     1 
ATOM   316  C CB    . CYS A 1 60  ? 0.321   10.828  -2.534  1.00 5.34  ? 38  CYS A CB    1 
ATOM   317  S SG    . CYS A 1 60  ? -1.316  10.807  -3.311  1.00 6.13  ? 38  CYS A SG    1 
ATOM   318  N N     . SER A 1 61  ? 3.163   11.812  -2.502  1.00 4.43  ? 39  SER A N     1 
ATOM   319  C CA    . SER A 1 61  ? 4.539   12.140  -2.103  1.00 4.57  ? 39  SER A CA    1 
ATOM   320  C C     . SER A 1 61  ? 4.944   11.284  -0.893  1.00 4.49  ? 39  SER A C     1 
ATOM   321  O O     . SER A 1 61  ? 4.120   10.904  -0.060  1.00 4.41  ? 39  SER A O     1 
ATOM   322  C CB    . SER A 1 61  ? 4.699   13.597  -1.865  1.00 4.62  ? 39  SER A CB    1 
ATOM   323  O OG    . SER A 1 61  ? 3.959   14.007  -0.736  1.00 5.06  ? 39  SER A OG    1 
ATOM   324  N N     . HIS A 1 62  ? 6.233   11.018  -0.789  1.00 4.14  ? 40  HIS A N     1 
ATOM   325  C CA    . HIS A 1 62  ? 6.893   10.480  0.419   1.00 4.58  ? 40  HIS A CA    1 
ATOM   326  C C     . HIS A 1 62  ? 6.568   9.005   0.620   1.00 5.16  ? 40  HIS A C     1 
ATOM   327  O O     . HIS A 1 62  ? 6.627   8.545   1.770   1.00 5.98  ? 40  HIS A O     1 
ATOM   328  C CB    . HIS A 1 62  ? 6.549   11.260  1.679   1.00 4.84  ? 40  HIS A CB    1 
ATOM   329  C CG    . HIS A 1 62  ? 6.863   12.714  1.594   1.00 5.37  ? 40  HIS A CG    1 
ATOM   330  N ND1   . HIS A 1 62  ? 5.889   13.651  1.352   1.00 5.75  ? 40  HIS A ND1   1 
ATOM   331  C CD2   . HIS A 1 62  ? 8.032   13.379  1.662   1.00 5.94  ? 40  HIS A CD2   1 
ATOM   332  C CE1   . HIS A 1 62  ? 6.451   14.850  1.342   1.00 5.83  ? 40  HIS A CE1   1 
ATOM   333  N NE2   . HIS A 1 62  ? 7.757   14.713  1.531   1.00 6.45  ? 40  HIS A NE2   1 
ATOM   334  N N     . CYS A 1 63  ? 6.280   8.256   -0.429  1.00 4.44  ? 41  CYS A N     1 
ATOM   335  C CA    . CYS A 1 63  ? 6.033   6.810   -0.325  1.00 4.73  ? 41  CYS A CA    1 
ATOM   336  C C     . CYS A 1 63  ? 7.301   6.021   -0.624  1.00 4.49  ? 41  CYS A C     1 
ATOM   337  O O     . CYS A 1 63  ? 8.221   6.510   -1.289  1.00 5.39  ? 41  CYS A O     1 
ATOM   338  C CB    . CYS A 1 63  ? 4.926   6.368   -1.268  1.00 5.36  ? 41  CYS A CB    1 
ATOM   339  S SG    . CYS A 1 63  ? 3.290   6.923   -0.718  1.00 5.37  ? 41  CYS A SG    1 
ATOM   340  N N     . PHE A 1 64  ? 7.315   4.801   -0.118  1.00 4.48  ? 42  PHE A N     1 
ATOM   341  C CA    . PHE A 1 64  ? 8.385   3.808   -0.366  1.00 4.83  ? 42  PHE A CA    1 
ATOM   342  C C     . PHE A 1 64  ? 7.720   2.525   -0.804  1.00 5.42  ? 42  PHE A C     1 
ATOM   343  O O     . PHE A 1 64  ? 6.846   2.026   -0.076  1.00 6.25  ? 42  PHE A O     1 
ATOM   344  C CB    . PHE A 1 64  ? 9.194   3.528   0.895   1.00 5.29  ? 42  PHE A CB    1 
ATOM   345  C CG    . PHE A 1 64  ? 10.235  2.440   0.744   1.00 5.28  ? 42  PHE A CG    1 
ATOM   346  C CD1   . PHE A 1 64  ? 11.504  2.723   0.263   1.00 5.69  ? 42  PHE A CD1   1 
ATOM   347  C CD2   . PHE A 1 64  ? 9.942   1.122   1.051   1.00 5.60  ? 42  PHE A CD2   1 
ATOM   348  C CE1   . PHE A 1 64  ? 12.445  1.715   0.128   1.00 6.38  ? 42  PHE A CE1   1 
ATOM   349  C CE2   . PHE A 1 64  ? 10.879  0.111   0.894   1.00 5.59  ? 42  PHE A CE2   1 
ATOM   350  C CZ    . PHE A 1 64  ? 12.129  0.410   0.414   1.00 6.35  ? 42  PHE A CZ    1 
ATOM   351  N N     A ILE A 1 65  ? 8.134   1.976   -1.942  0.50 5.35  ? 43  ILE A N     1 
ATOM   352  N N     B ILE A 1 65  ? 8.144   1.990   -1.943  0.50 5.31  ? 43  ILE A N     1 
ATOM   353  C CA    A ILE A 1 65  ? 7.544   0.719   -2.479  0.50 5.18  ? 43  ILE A CA    1 
ATOM   354  C CA    B ILE A 1 65  ? 7.569   0.749   -2.530  0.50 5.07  ? 43  ILE A CA    1 
ATOM   355  C C     A ILE A 1 65  ? 8.681   -0.238  -2.804  0.50 5.05  ? 43  ILE A C     1 
ATOM   356  C C     B ILE A 1 65  ? 8.740   -0.207  -2.758  0.50 4.86  ? 43  ILE A C     1 
ATOM   357  O O     A ILE A 1 65  ? 9.499   0.083   -3.675  0.50 5.77  ? 43  ILE A O     1 
ATOM   358  O O     B ILE A 1 65  ? 9.726   0.193   -3.417  0.50 4.64  ? 43  ILE A O     1 
ATOM   359  C CB    A ILE A 1 65  ? 6.662   0.948   -3.713  0.50 5.68  ? 43  ILE A CB    1 
ATOM   360  C CB    B ILE A 1 65  ? 6.781   1.037   -3.823  0.50 5.79  ? 43  ILE A CB    1 
ATOM   361  C CG1   A ILE A 1 65  ? 5.449   1.823   -3.396  0.50 6.16  ? 43  ILE A CG1   1 
ATOM   362  C CG1   B ILE A 1 65  ? 5.795   2.206   -3.691  0.50 5.90  ? 43  ILE A CG1   1 
ATOM   363  C CG2   A ILE A 1 65  ? 6.275   -0.404  -4.297  0.50 5.92  ? 43  ILE A CG2   1 
ATOM   364  C CG2   B ILE A 1 65  ? 6.101   -0.229  -4.316  0.50 6.20  ? 43  ILE A CG2   1 
ATOM   365  C CD1   A ILE A 1 65  ? 4.648   2.257   -4.605  0.50 6.32  ? 43  ILE A CD1   1 
ATOM   366  C CD1   B ILE A 1 65  ? 4.666   1.992   -2.701  0.50 6.45  ? 43  ILE A CD1   1 
ATOM   367  N N     . GLU A 1 66  ? 8.708   -1.375  -2.117  1.00 5.12  ? 44  GLU A N     1 
ATOM   368  C CA    . GLU A 1 66  ? 9.835   -2.327  -2.176  1.00 5.55  ? 44  GLU A CA    1 
ATOM   369  C C     . GLU A 1 66  ? 9.704   -3.216  -3.421  1.00 5.91  ? 44  GLU A C     1 
ATOM   370  O O     . GLU A 1 66  ? 9.005   -2.867  -4.371  1.00 6.49  ? 44  GLU A O     1 
ATOM   371  C CB    . GLU A 1 66  ? 9.942   -3.111  -0.867  1.00 6.36  ? 44  GLU A CB    1 
ATOM   372  C CG    . GLU A 1 66  ? 11.371  -3.309  -0.398  1.00 6.30  ? 44  GLU A CG    1 
ATOM   373  C CD    . GLU A 1 66  ? 11.513  -3.733  1.044   1.00 6.09  ? 44  GLU A CD    1 
ATOM   374  O OE1   . GLU A 1 66  ? 10.507  -4.181  1.640   1.00 6.17  ? 44  GLU A OE1   1 
ATOM   375  O OE2   . GLU A 1 66  ? 12.630  -3.626  1.559   1.00 6.30  ? 44  GLU A OE2   1 
ATOM   376  N N     . ASN A 1 67  ? 10.409  -4.343  -3.429  1.00 6.22  ? 45  ASN A N     1 
ATOM   377  C CA    . ASN A 1 67  ? 10.568  -5.169  -4.652  1.00 5.94  ? 45  ASN A CA    1 
ATOM   378  C C     . ASN A 1 67  ? 9.412   -6.149  -4.818  1.00 6.55  ? 45  ASN A C     1 
ATOM   379  O O     . ASN A 1 67  ? 8.848   -6.208  -5.904  1.00 6.64  ? 45  ASN A O     1 
ATOM   380  C CB    . ASN A 1 67  ? 11.904  -5.891  -4.617  1.00 5.96  ? 45  ASN A CB    1 
ATOM   381  C CG    . ASN A 1 67  ? 13.014  -4.949  -5.004  1.00 5.78  ? 45  ASN A CG    1 
ATOM   382  O OD1   . ASN A 1 67  ? 13.000  -4.397  -6.103  1.00 5.85  ? 45  ASN A OD1   1 
ATOM   383  N ND2   . ASN A 1 67  ? 13.961  -4.753  -4.115  1.00 6.91  ? 45  ASN A ND2   1 
ATOM   384  N N     . ASP A 1 68  ? 9.158   -6.966  -3.796  1.00 6.42  ? 46  ASP A N     1 
ATOM   385  C CA    . ASP A 1 68  ? 8.163   -8.057  -3.892  1.00 7.40  ? 46  ASP A CA    1 
ATOM   386  C C     . ASP A 1 68  ? 6.797   -7.465  -3.550  1.00 7.16  ? 46  ASP A C     1 
ATOM   387  O O     . ASP A 1 68  ? 6.226   -7.768  -2.477  1.00 6.99  ? 46  ASP A O     1 
ATOM   388  C CB    . ASP A 1 68  ? 8.535   -9.244  -3.028  1.00 8.85  ? 46  ASP A CB    1 
ATOM   389  C CG    . ASP A 1 68  ? 7.513   -10.358 -3.094  1.00 11.11 ? 46  ASP A CG    1 
ATOM   390  O OD1   . ASP A 1 68  ? 6.812   -10.448 -4.114  1.00 12.48 ? 46  ASP A OD1   1 
ATOM   391  O OD2   . ASP A 1 68  ? 7.420   -11.099 -2.096  1.00 12.20 ? 46  ASP A OD2   1 
ATOM   392  N N     . VAL A 1 69  ? 6.345   -6.579  -4.414  1.00 6.75  ? 47  VAL A N     1 
ATOM   393  C CA    . VAL A 1 69  ? 5.137   -5.747  -4.180  1.00 7.00  ? 47  VAL A CA    1 
ATOM   394  C C     . VAL A 1 69  ? 4.301   -5.760  -5.448  1.00 7.67  ? 47  VAL A C     1 
ATOM   395  O O     . VAL A 1 69  ? 4.855   -5.532  -6.533  1.00 9.00  ? 47  VAL A O     1 
ATOM   396  C CB    . VAL A 1 69  ? 5.488   -4.302  -3.783  1.00 7.40  ? 47  VAL A CB    1 
ATOM   397  C CG1   . VAL A 1 69  ? 4.223   -3.462  -3.694  1.00 7.79  ? 47  VAL A CG1   1 
ATOM   398  C CG2   . VAL A 1 69  ? 6.250   -4.274  -2.471  1.00 7.61  ? 47  VAL A CG2   1 
ATOM   399  N N     . LYS A 1 70  ? 3.030   -6.085  -5.320  1.00 7.99  ? 48  LYS A N     1 
ATOM   400  C CA    A LYS A 1 70  ? 2.104   -5.966  -6.466  0.50 8.22  ? 48  LYS A CA    1 
ATOM   401  C CA    B LYS A 1 70  ? 2.081   -6.006  -6.455  0.50 8.49  ? 48  LYS A CA    1 
ATOM   402  C C     . LYS A 1 70  ? 0.947   -5.057  -6.080  1.00 7.90  ? 48  LYS A C     1 
ATOM   403  O O     . LYS A 1 70  ? 0.313   -5.299  -5.049  1.00 8.27  ? 48  LYS A O     1 
ATOM   404  C CB    A LYS A 1 70  ? 1.568   -7.324  -6.922  0.50 9.35  ? 48  LYS A CB    1 
ATOM   405  C CB    B LYS A 1 70  ? 1.540   -7.402  -6.784  0.50 9.78  ? 48  LYS A CB    1 
ATOM   406  C CG    A LYS A 1 70  ? 0.659   -7.235  -8.138  0.50 11.74 ? 48  LYS A CG    1 
ATOM   407  C CG    B LYS A 1 70  ? 2.605   -8.429  -7.146  0.50 12.52 ? 48  LYS A CG    1 
ATOM   408  C CD    A LYS A 1 70  ? 0.504   -8.531  -8.898  0.50 13.55 ? 48  LYS A CD    1 
ATOM   409  C CD    B LYS A 1 70  ? 2.062   -9.710  -7.760  0.50 15.09 ? 48  LYS A CD    1 
ATOM   410  C CE    A LYS A 1 70  ? -0.329  -8.331  -10.144 0.50 16.04 ? 48  LYS A CE    1 
ATOM   411  C CE    B LYS A 1 70  ? 3.013   -10.313 -8.776  0.50 17.52 ? 48  LYS A CE    1 
ATOM   412  N NZ    A LYS A 1 70  ? -1.335  -7.269  -9.924  0.50 18.50 ? 48  LYS A NZ    1 
ATOM   413  N NZ    B LYS A 1 70  ? 2.675   -11.718 -9.096  0.50 20.16 ? 48  LYS A NZ    1 
ATOM   414  N N     . ILE A 1 71  ? 0.735   -4.047  -6.890  1.00 7.51  ? 49  ILE A N     1 
ATOM   415  C CA    . ILE A 1 71  ? -0.334  -3.055  -6.701  1.00 7.65  ? 49  ILE A CA    1 
ATOM   416  C C     . ILE A 1 71  ? -1.183  -3.080  -7.954  1.00 8.33  ? 49  ILE A C     1 
ATOM   417  O O     . ILE A 1 71  ? -0.610  -3.009  -9.046  1.00 9.09  ? 49  ILE A O     1 
ATOM   418  C CB    . ILE A 1 71  ? 0.274   -1.670  -6.426  1.00 7.46  ? 49  ILE A CB    1 
ATOM   419  C CG1   . ILE A 1 71  ? 1.020   -1.648  -5.093  1.00 7.23  ? 49  ILE A CG1   1 
ATOM   420  C CG2   . ILE A 1 71  ? -0.804  -0.602  -6.506  1.00 8.19  ? 49  ILE A CG2   1 
ATOM   421  C CD1   . ILE A 1 71  ? 1.976   -0.480  -4.946  1.00 8.13  ? 49  ILE A CD1   1 
ATOM   422  N N     . GLY A 1 72  ? -2.483  -3.259  -7.798  1.00 8.07  ? 50  GLY A N     1 
ATOM   423  C CA    . GLY A 1 72  ? -3.411  -3.388  -8.927  1.00 8.10  ? 50  GLY A CA    1 
ATOM   424  C C     . GLY A 1 72  ? -3.713  -2.066  -9.599  1.00 8.48  ? 50  GLY A C     1 
ATOM   425  O O     . GLY A 1 72  ? -2.896  -1.098  -9.550  1.00 8.57  ? 50  GLY A O     1 
ATOM   426  N N     . ASN A 1 73  ? -4.861  -2.019  -10.259 1.00 7.84  ? 51  ASN A N     1 
ATOM   427  C CA    . ASN A 1 73  ? -5.324  -0.843  -11.024 1.00 8.12  ? 51  ASN A CA    1 
ATOM   428  C C     . ASN A 1 73  ? -6.162  0.066   -10.130 1.00 7.87  ? 51  ASN A C     1 
ATOM   429  O O     . ASN A 1 73  ? -6.823  -0.445  -9.199  1.00 7.89  ? 51  ASN A O     1 
ATOM   430  C CB    . ASN A 1 73  ? -6.145  -1.277  -12.240 1.00 9.31  ? 51  ASN A CB    1 
ATOM   431  C CG    . ASN A 1 73  ? -5.393  -2.224  -13.149 1.00 10.39 ? 51  ASN A CG    1 
ATOM   432  O OD1   . ASN A 1 73  ? -4.235  -1.995  -13.497 1.00 10.30 ? 51  ASN A OD1   1 
ATOM   433  N ND2   . ASN A 1 73  ? -6.039  -3.322  -13.516 1.00 12.54 ? 51  ASN A ND2   1 
ATOM   434  N N     . ASN A 1 74  ? -6.142  1.357   -10.425 1.00 7.28  ? 52  ASN A N     1 
ATOM   435  C CA    . ASN A 1 74  ? -7.025  2.369   -9.801  1.00 8.62  ? 52  ASN A CA    1 
ATOM   436  C C     . ASN A 1 74  ? -6.784  2.423   -8.295  1.00 8.00  ? 52  ASN A C     1 
ATOM   437  O O     . ASN A 1 74  ? -7.743  2.673   -7.551  1.00 8.80  ? 52  ASN A O     1 
ATOM   438  C CB    . ASN A 1 74  ? -8.488  2.048   -10.069 1.00 9.82  ? 52  ASN A CB    1 
ATOM   439  C CG    . ASN A 1 74  ? -8.771  1.834   -11.535 1.00 14.23 ? 52  ASN A CG    1 
ATOM   440  O OD1   . ASN A 1 74  ? -8.380  2.649   -12.353 1.00 19.40 ? 52  ASN A OD1   1 
ATOM   441  N ND2   . ASN A 1 74  ? -9.467  0.753   -11.846 1.00 19.01 ? 52  ASN A ND2   1 
ATOM   442  N N     . VAL A 1 75  ? -5.563  2.177   -7.850  1.00 6.50  ? 53  VAL A N     1 
ATOM   443  C CA    . VAL A 1 75  ? -5.208  2.239   -6.411  1.00 6.31  ? 53  VAL A CA    1 
ATOM   444  C C     . VAL A 1 75  ? -4.771  3.662   -6.059  1.00 6.45  ? 53  VAL A C     1 
ATOM   445  O O     . VAL A 1 75  ? -3.939  4.250   -6.780  1.00 7.06  ? 53  VAL A O     1 
ATOM   446  C CB    . VAL A 1 75  ? -4.124  1.211   -6.084  1.00 6.29  ? 53  VAL A CB    1 
ATOM   447  C CG1   . VAL A 1 75  ? -3.667  1.368   -4.650  1.00 6.52  ? 53  VAL A CG1   1 
ATOM   448  C CG2   . VAL A 1 75  ? -4.627  -0.197  -6.352  1.00 6.31  ? 53  VAL A CG2   1 
ATOM   449  N N     . THR A 1 76  ? -5.278  4.172   -4.942  1.00 6.53  ? 54  THR A N     1 
ATOM   450  C CA    . THR A 1 76  ? -4.849  5.467   -4.381  1.00 6.36  ? 54  THR A CA    1 
ATOM   451  C C     . THR A 1 76  ? -3.968  5.190   -3.176  1.00 5.63  ? 54  THR A C     1 
ATOM   452  O O     . THR A 1 76  ? -4.440  4.536   -2.247  1.00 5.98  ? 54  THR A O     1 
ATOM   453  C CB    . THR A 1 76  ? -6.048  6.311   -3.963  1.00 7.29  ? 54  THR A CB    1 
ATOM   454  O OG1   . THR A 1 76  ? -6.891  6.517   -5.101  1.00 8.52  ? 54  THR A OG1   1 
ATOM   455  C CG2   . THR A 1 76  ? -5.619  7.638   -3.387  1.00 8.18  ? 54  THR A CG2   1 
ATOM   456  N N     . ILE A 1 77  ? -2.707  5.611   -3.244  1.00 5.46  ? 55  ILE A N     1 
ATOM   457  C CA    A ILE A 1 77  ? -1.786  5.545   -2.076  0.50 5.28  ? 55  ILE A CA    1 
ATOM   458  C CA    B ILE A 1 77  ? -1.785  5.544   -2.081  0.50 5.17  ? 55  ILE A CA    1 
ATOM   459  C C     . ILE A 1 77  ? -1.450  6.974   -1.660  1.00 5.21  ? 55  ILE A C     1 
ATOM   460  O O     . ILE A 1 77  ? -0.710  7.657   -2.377  1.00 5.48  ? 55  ILE A O     1 
ATOM   461  C CB    A ILE A 1 77  ? -0.527  4.712   -2.365  0.50 6.05  ? 55  ILE A CB    1 
ATOM   462  C CB    B ILE A 1 77  ? -0.544  4.700   -2.403  0.50 5.74  ? 55  ILE A CB    1 
ATOM   463  C CG1   A ILE A 1 77  ? -0.876  3.418   -3.102  0.50 6.35  ? 55  ILE A CG1   1 
ATOM   464  C CG1   B ILE A 1 77  ? -0.971  3.347   -2.980  0.50 5.77  ? 55  ILE A CG1   1 
ATOM   465  C CG2   A ILE A 1 77  ? 0.214   4.456   -1.065  0.50 6.05  ? 55  ILE A CG2   1 
ATOM   466  C CG2   B ILE A 1 77  ? 0.335   4.582   -1.169  0.50 5.83  ? 55  ILE A CG2   1 
ATOM   467  C CD1   A ILE A 1 77  ? -1.400  2.332   -2.187  0.50 7.09  ? 55  ILE A CD1   1 
ATOM   468  C CD1   B ILE A 1 77  ? 0.155   2.397   -3.263  0.50 5.62  ? 55  ILE A CD1   1 
ATOM   469  N N     . LYS A 1 78  ? -2.035  7.410   -0.557  1.00 4.53  ? 56  LYS A N     1 
ATOM   470  C CA    . LYS A 1 78  ? -1.790  8.784   -0.093  1.00 4.62  ? 56  LYS A CA    1 
ATOM   471  C C     . LYS A 1 78  ? -0.387  8.878   0.523   1.00 4.00  ? 56  LYS A C     1 
ATOM   472  O O     . LYS A 1 78  ? 0.362   7.882   0.603   1.00 4.46  ? 56  LYS A O     1 
ATOM   473  C CB    . LYS A 1 78  ? -2.884  9.202   0.888   1.00 5.70  ? 56  LYS A CB    1 
ATOM   474  C CG    . LYS A 1 78  ? -4.289  9.212   0.306   1.00 6.07  ? 56  LYS A CG    1 
ATOM   475  C CD    . LYS A 1 78  ? -4.471  10.089  -0.899  1.00 7.37  ? 56  LYS A CD    1 
ATOM   476  C CE    . LYS A 1 78  ? -4.120  11.528  -0.677  1.00 8.32  ? 56  LYS A CE    1 
ATOM   477  N NZ    . LYS A 1 78  ? -4.677  12.369  -1.759  1.00 10.34 ? 56  LYS A NZ    1 
ATOM   478  N N     . CYS A 1 79  ? -0.034  10.093  0.935   1.00 3.86  ? 57  CYS A N     1 
ATOM   479  C CA    . CYS A 1 79  ? 1.355   10.413  1.268   1.00 4.27  ? 57  CYS A CA    1 
ATOM   480  C C     . CYS A 1 79  ? 1.879   9.529   2.403   1.00 4.65  ? 57  CYS A C     1 
ATOM   481  O O     . CYS A 1 79  ? 1.148   9.202   3.339   1.00 4.89  ? 57  CYS A O     1 
ATOM   482  C CB    . CYS A 1 79  ? 1.456   11.857  1.737   1.00 4.53  ? 57  CYS A CB    1 
ATOM   483  S SG    . CYS A 1 79  ? 0.979   13.089  0.507   1.00 5.43  ? 57  CYS A SG    1 
ATOM   484  N N     . GLY A 1 80  ? 3.179   9.285   2.393   1.00 4.63  ? 58  GLY A N     1 
ATOM   485  C CA    . GLY A 1 80  ? 3.872   8.763   3.581   1.00 4.41  ? 58  GLY A CA    1 
ATOM   486  C C     . GLY A 1 80  ? 3.661   7.270   3.799   1.00 4.43  ? 58  GLY A C     1 
ATOM   487  O O     . GLY A 1 80  ? 3.881   6.803   4.918   1.00 5.63  ? 58  GLY A O     1 
ATOM   488  N N     . VAL A 1 81  ? 3.310   6.520   2.770   1.00 4.38  ? 59  VAL A N     1 
ATOM   489  C CA    . VAL A 1 81  ? 3.053   5.063   2.893   1.00 4.49  ? 59  VAL A CA    1 
ATOM   490  C C     . VAL A 1 81  ? 4.260   4.285   2.405   1.00 4.43  ? 59  VAL A C     1 
ATOM   491  O O     . VAL A 1 81  ? 4.729   4.522   1.286   1.00 4.92  ? 59  VAL A O     1 
ATOM   492  C CB    . VAL A 1 81  ? 1.774   4.669   2.145   1.00 4.51  ? 59  VAL A CB    1 
ATOM   493  C CG1   . VAL A 1 81  ? 1.568   3.167   2.170   1.00 4.98  ? 59  VAL A CG1   1 
ATOM   494  C CG2   . VAL A 1 81  ? 0.557   5.391   2.701   1.00 4.88  ? 59  VAL A CG2   1 
ATOM   495  N N     . GLN A 1 82  ? 4.683   3.325   3.208   1.00 4.49  ? 60  GLN A N     1 
ATOM   496  C CA    . GLN A 1 82  ? 5.662   2.311   2.751   1.00 4.78  ? 60  GLN A CA    1 
ATOM   497  C C     . GLN A 1 82  ? 4.972   0.967   2.570   1.00 5.32  ? 60  GLN A C     1 
ATOM   498  O O     . GLN A 1 82  ? 4.302   0.471   3.500   1.00 6.04  ? 60  GLN A O     1 
ATOM   499  C CB    . GLN A 1 82  ? 6.843   2.170   3.702   1.00 4.71  ? 60  GLN A CB    1 
ATOM   500  C CG    . GLN A 1 82  ? 7.407   3.514   4.116   1.00 5.23  ? 60  GLN A CG    1 
ATOM   501  C CD    . GLN A 1 82  ? 7.072   3.884   5.545   1.00 4.40  ? 60  GLN A CD    1 
ATOM   502  O OE1   . GLN A 1 82  ? 6.749   3.025   6.363   1.00 4.98  ? 60  GLN A OE1   1 
ATOM   503  N NE2   . GLN A 1 82  ? 7.196   5.164   5.869   1.00 5.42  ? 60  GLN A NE2   1 
ATOM   504  N N     . ILE A 1 83  ? 5.190   0.375   1.410   1.00 5.17  ? 61  ILE A N     1 
ATOM   505  C CA    A ILE A 1 83  ? 4.671   -0.985  1.133   0.50 5.31  ? 61  ILE A CA    1 
ATOM   506  C CA    B ILE A 1 83  ? 4.658   -0.964  1.019   0.50 5.53  ? 61  ILE A CA    1 
ATOM   507  C C     . ILE A 1 83  ? 5.860   -1.906  0.906   1.00 5.18  ? 61  ILE A C     1 
ATOM   508  O O     . ILE A 1 83  ? 6.664   -1.715  -0.039  1.00 6.18  ? 61  ILE A O     1 
ATOM   509  C CB    A ILE A 1 83  ? 3.658   -0.991  -0.013  0.50 5.69  ? 61  ILE A CB    1 
ATOM   510  C CB    B ILE A 1 83  ? 3.886   -0.864  -0.314  0.50 6.11  ? 61  ILE A CB    1 
ATOM   511  C CG1   A ILE A 1 83  ? 2.579   0.064   0.233   0.50 5.82  ? 61  ILE A CG1   1 
ATOM   512  C CG1   B ILE A 1 83  ? 2.854   0.265   -0.296  0.50 6.65  ? 61  ILE A CG1   1 
ATOM   513  C CG2   A ILE A 1 83  ? 3.089   -2.395  -0.150  0.50 5.90  ? 61  ILE A CG2   1 
ATOM   514  C CG2   B ILE A 1 83  ? 3.254   -2.195  -0.686  0.50 6.46  ? 61  ILE A CG2   1 
ATOM   515  C CD1   A ILE A 1 83  ? 1.612   0.224   -0.901  0.50 6.89  ? 61  ILE A CD1   1 
ATOM   516  C CD1   B ILE A 1 83  ? 1.625   -0.030  0.512   0.50 7.23  ? 61  ILE A CD1   1 
ATOM   517  N N     . TRP A 1 84  ? 5.983   -2.836  1.833   1.00 5.55  ? 62  TRP A N     1 
ATOM   518  C CA    . TRP A 1 84  ? 7.151   -3.735  1.972   1.00 5.50  ? 62  TRP A CA    1 
ATOM   519  C C     . TRP A 1 84  ? 6.999   -4.982  1.118   1.00 5.74  ? 62  TRP A C     1 
ATOM   520  O O     . TRP A 1 84  ? 5.883   -5.353  0.718   1.00 6.55  ? 62  TRP A O     1 
ATOM   521  C CB    . TRP A 1 84  ? 7.334   -4.134  3.440   1.00 5.53  ? 62  TRP A CB    1 
ATOM   522  C CG    . TRP A 1 84  ? 7.294   -2.952  4.350   1.00 5.16  ? 62  TRP A CG    1 
ATOM   523  C CD1   . TRP A 1 84  ? 6.229   -2.573  5.117   1.00 4.81  ? 62  TRP A CD1   1 
ATOM   524  C CD2   . TRP A 1 84  ? 8.306   -1.961  4.526   1.00 4.77  ? 62  TRP A CD2   1 
ATOM   525  N NE1   . TRP A 1 84  ? 6.521   -1.420  5.784   1.00 4.93  ? 62  TRP A NE1   1 
ATOM   526  C CE2   . TRP A 1 84  ? 7.787   -1.027  5.451   1.00 4.22  ? 62  TRP A CE2   1 
ATOM   527  C CE3   . TRP A 1 84  ? 9.621   -1.796  4.074   1.00 4.98  ? 62  TRP A CE3   1 
ATOM   528  C CZ2   . TRP A 1 84  ? 8.510   0.090   5.858   1.00 4.98  ? 62  TRP A CZ2   1 
ATOM   529  C CZ3   . TRP A 1 84  ? 10.337  -0.704  4.499   1.00 5.71  ? 62  TRP A CZ3   1 
ATOM   530  C CH2   . TRP A 1 84  ? 9.796   0.210   5.394   1.00 5.25  ? 62  TRP A CH2   1 
ATOM   531  N N     . ASP A 1 85  ? 8.131   -5.663  0.959   1.00 5.99  ? 63  ASP A N     1 
ATOM   532  C CA    . ASP A 1 85  ? 8.174   -7.022  0.374   1.00 6.25  ? 63  ASP A CA    1 
ATOM   533  C C     . ASP A 1 85  ? 7.091   -7.901  1.008   1.00 7.06  ? 63  ASP A C     1 
ATOM   534  O O     . ASP A 1 85  ? 7.001   -7.959  2.244   1.00 7.55  ? 63  ASP A O     1 
ATOM   535  C CB    . ASP A 1 85  ? 9.562   -7.601  0.587   1.00 6.31  ? 63  ASP A CB    1 
ATOM   536  C CG    . ASP A 1 85  ? 10.655  -6.946  -0.245  1.00 6.17  ? 63  ASP A CG    1 
ATOM   537  O OD1   . ASP A 1 85  ? 10.341  -6.365  -1.301  1.00 6.25  ? 63  ASP A OD1   1 
ATOM   538  O OD2   . ASP A 1 85  ? 11.813  -7.060  0.186   1.00 7.47  ? 63  ASP A OD2   1 
ATOM   539  N N     . GLY A 1 86  ? 6.361   -8.615  0.157   1.00 7.38  ? 64  GLY A N     1 
ATOM   540  C CA    . GLY A 1 86  ? 5.326   -9.587  0.558   1.00 8.75  ? 64  GLY A CA    1 
ATOM   541  C C     . GLY A 1 86  ? 3.960   -8.958  0.711   1.00 9.68  ? 64  GLY A C     1 
ATOM   542  O O     . GLY A 1 86  ? 3.076   -9.586  1.320   1.00 10.54 ? 64  GLY A O     1 
ATOM   543  N N     . ILE A 1 87  ? 3.739   -7.773  0.168   1.00 9.22  ? 65  ILE A N     1 
ATOM   544  C CA    . ILE A 1 87  ? 2.423   -7.100  0.316   1.00 9.65  ? 65  ILE A CA    1 
ATOM   545  C C     . ILE A 1 87  ? 1.821   -6.906  -1.053  1.00 8.90  ? 65  ILE A C     1 
ATOM   546  O O     . ILE A 1 87  ? 2.507   -6.425  -1.973  1.00 9.43  ? 65  ILE A O     1 
ATOM   547  C CB    . ILE A 1 87  ? 2.576   -5.790  1.083   1.00 8.85  ? 65  ILE A CB    1 
ATOM   548  C CG1   . ILE A 1 87  ? 3.201   -6.144  2.431   1.00 10.60 ? 65  ILE A CG1   1 
ATOM   549  C CG2   . ILE A 1 87  ? 1.249   -5.054  1.187   1.00 10.09 ? 65  ILE A CG2   1 
ATOM   550  C CD1   . ILE A 1 87  ? 3.104   -5.070  3.447   1.00 11.93 ? 65  ILE A CD1   1 
ATOM   551  N N     . GLU A 1 88  ? 0.558   -7.287  -1.154  1.00 8.94  ? 66  GLU A N     1 
ATOM   552  C CA    . GLU A 1 88  ? -0.227  -7.136  -2.386  1.00 7.60  ? 66  GLU A CA    1 
ATOM   553  C C     . GLU A 1 88  ? -1.405  -6.215  -2.102  1.00 7.52  ? 66  GLU A C     1 
ATOM   554  O O     . GLU A 1 88  ? -2.128  -6.423  -1.110  1.00 7.78  ? 66  GLU A O     1 
ATOM   555  C CB    . GLU A 1 88  ? -0.708  -8.479  -2.931  1.00 8.66  ? 66  GLU A CB    1 
ATOM   556  C CG    . GLU A 1 88  ? -1.528  -8.302  -4.176  1.00 9.33  ? 66  GLU A CG    1 
ATOM   557  C CD    . GLU A 1 88  ? -1.810  -9.554  -4.985  1.00 11.00 ? 66  GLU A CD    1 
ATOM   558  O OE1   . GLU A 1 88  ? -2.504  -9.432  -6.003  1.00 13.80 ? 66  GLU A OE1   1 
ATOM   559  O OE2   . GLU A 1 88  ? -1.333  -10.640 -4.579  1.00 14.28 ? 66  GLU A OE2   1 
ATOM   560  N N     . ILE A 1 89  ? -1.599  -5.286  -2.991  1.00 7.41  ? 67  ILE A N     1 
ATOM   561  C CA    . ILE A 1 89  ? -2.759  -4.367  -2.966  1.00 7.40  ? 67  ILE A CA    1 
ATOM   562  C C     . ILE A 1 89  ? -3.549  -4.669  -4.240  1.00 7.39  ? 67  ILE A C     1 
ATOM   563  O O     . ILE A 1 89  ? -3.046  -4.550  -5.346  1.00 7.61  ? 67  ILE A O     1 
ATOM   564  C CB    . ILE A 1 89  ? -2.312  -2.891  -2.933  1.00 7.57  ? 67  ILE A CB    1 
ATOM   565  C CG1   . ILE A 1 89  ? -1.271  -2.608  -1.833  1.00 8.94  ? 67  ILE A CG1   1 
ATOM   566  C CG2   . ILE A 1 89  ? -3.544  -1.987  -2.843  1.00 7.56  ? 67  ILE A CG2   1 
ATOM   567  C CD1   . ILE A 1 89  ? -1.794  -2.881  -0.459  1.00 8.70  ? 67  ILE A CD1   1 
ATOM   568  N N     . GLU A 1 90  ? -4.804  -5.067  -4.055  1.00 7.42  ? 68  GLU A N     1 
ATOM   569  C CA    . GLU A 1 90  ? -5.680  -5.377  -5.219  1.00 7.18  ? 68  GLU A CA    1 
ATOM   570  C C     . GLU A 1 90  ? -6.211  -4.081  -5.818  1.00 7.76  ? 68  GLU A C     1 
ATOM   571  O O     . GLU A 1 90  ? -6.016  -2.974  -5.304  1.00 7.47  ? 68  GLU A O     1 
ATOM   572  C CB    . GLU A 1 90  ? -6.763  -6.377  -4.783  1.00 7.42  ? 68  GLU A CB    1 
ATOM   573  C CG    . GLU A 1 90  ? -6.212  -7.778  -4.577  1.00 8.90  ? 68  GLU A CG    1 
ATOM   574  C CD    . GLU A 1 90  ? -7.296  -8.851  -4.443  1.00 8.57  ? 68  GLU A CD    1 
ATOM   575  O OE1   . GLU A 1 90  ? -8.431  -8.521  -4.222  1.00 8.88  ? 68  GLU A OE1   1 
ATOM   576  O OE2   . GLU A 1 90  ? -6.967  -10.028 -4.512  1.00 9.43  ? 68  GLU A OE2   1 
ATOM   577  N N     . ASP A 1 91  ? -7.006  -4.250  -6.872  1.00 8.01  ? 69  ASP A N     1 
ATOM   578  C CA    . ASP A 1 91  ? -7.601  -3.107  -7.594  1.00 7.97  ? 69  ASP A CA    1 
ATOM   579  C C     . ASP A 1 91  ? -8.517  -2.287  -6.684  1.00 7.48  ? 69  ASP A C     1 
ATOM   580  O O     . ASP A 1 91  ? -9.122  -2.860  -5.758  1.00 7.86  ? 69  ASP A O     1 
ATOM   581  C CB    . ASP A 1 91  ? -8.501  -3.583  -8.749  1.00 8.45  ? 69  ASP A CB    1 
ATOM   582  C CG    . ASP A 1 91  ? -7.778  -4.314  -9.894  1.00 10.92 ? 69  ASP A CG    1 
ATOM   583  O OD1   . ASP A 1 91  ? -6.553  -4.222  -10.031 1.00 9.49  ? 69  ASP A OD1   1 
ATOM   584  O OD2   . ASP A 1 91  ? -8.477  -5.005  -10.637 1.00 13.71 ? 69  ASP A OD2   1 
ATOM   585  N N     . ASP A 1 92  ? -8.523  -0.988  -6.986  1.00 7.16  ? 70  ASP A N     1 
ATOM   586  C CA    . ASP A 1 92  ? -9.554  -0.063  -6.469  1.00 7.91  ? 70  ASP A CA    1 
ATOM   587  C C     . ASP A 1 92  ? -9.367  0.172   -4.965  1.00 7.37  ? 70  ASP A C     1 
ATOM   588  O O     . ASP A 1 92  ? -10.252 0.754   -4.362  1.00 7.14  ? 70  ASP A O     1 
ATOM   589  C CB    . ASP A 1 92  ? -10.968 -0.598  -6.707  1.00 9.31  ? 70  ASP A CB    1 
ATOM   590  C CG    . ASP A 1 92  ? -11.271 -0.908  -8.164  1.00 13.04 ? 70  ASP A CG    1 
ATOM   591  O OD1   . ASP A 1 92  ? -10.674 -0.264  -9.037  1.00 14.71 ? 70  ASP A OD1   1 
ATOM   592  O OD2   . ASP A 1 92  ? -12.128 -1.796  -8.416  1.00 17.86 ? 70  ASP A OD2   1 
ATOM   593  N N     . VAL A 1 93  ? -8.228  -0.183  -4.389  1.00 6.29  ? 71  VAL A N     1 
ATOM   594  C CA    . VAL A 1 93  ? -7.954  0.031   -2.946  1.00 6.33  ? 71  VAL A CA    1 
ATOM   595  C C     . VAL A 1 93  ? -7.584  1.494   -2.717  1.00 6.04  ? 71  VAL A C     1 
ATOM   596  O O     . VAL A 1 93  ? -6.960  2.130   -3.586  1.00 6.99  ? 71  VAL A O     1 
ATOM   597  C CB    . VAL A 1 93  ? -6.865  -0.937  -2.470  1.00 6.47  ? 71  VAL A CB    1 
ATOM   598  C CG1   . VAL A 1 93  ? -6.277  -0.554  -1.112  1.00 6.16  ? 71  VAL A CG1   1 
ATOM   599  C CG2   . VAL A 1 93  ? -7.398  -2.352  -2.468  1.00 6.38  ? 71  VAL A CG2   1 
ATOM   600  N N     . PHE A 1 94  ? -8.024  2.016   -1.580  1.00 5.48  ? 72  PHE A N     1 
ATOM   601  C CA    . PHE A 1 94  ? -7.624  3.340   -1.054  1.00 5.63  ? 72  PHE A CA    1 
ATOM   602  C C     . PHE A 1 94  ? -6.739  3.117   0.168   1.00 5.19  ? 72  PHE A C     1 
ATOM   603  O O     . PHE A 1 94  ? -7.210  2.468   1.113   1.00 6.01  ? 72  PHE A O     1 
ATOM   604  C CB    . PHE A 1 94  ? -8.844  4.180   -0.687  1.00 6.89  ? 72  PHE A CB    1 
ATOM   605  C CG    . PHE A 1 94  ? -8.527  5.620   -0.368  1.00 9.08  ? 72  PHE A CG    1 
ATOM   606  C CD1   . PHE A 1 94  ? -8.041  6.000   0.870   1.00 11.30 ? 72  PHE A CD1   1 
ATOM   607  C CD2   . PHE A 1 94  ? -8.703  6.591   -1.346  1.00 11.66 ? 72  PHE A CD2   1 
ATOM   608  C CE1   . PHE A 1 94  ? -7.718  7.335   1.115   1.00 10.23 ? 72  PHE A CE1   1 
ATOM   609  C CE2   . PHE A 1 94  ? -8.422  7.924   -1.088  1.00 12.61 ? 72  PHE A CE2   1 
ATOM   610  C CZ    . PHE A 1 94  ? -7.897  8.281   0.133   1.00 10.72 ? 72  PHE A CZ    1 
ATOM   611  N N     . ILE A 1 95  ? -5.518  3.646   0.152   1.00 4.89  ? 73  ILE A N     1 
ATOM   612  C CA    A ILE A 1 95  ? -4.620  3.625   1.338   0.50 4.96  ? 73  ILE A CA    1 
ATOM   613  C CA    B ILE A 1 95  ? -4.630  3.622   1.347   0.50 4.99  ? 73  ILE A CA    1 
ATOM   614  C C     . ILE A 1 95  ? -4.436  5.062   1.825   1.00 4.96  ? 73  ILE A C     1 
ATOM   615  O O     . ILE A 1 95  ? -3.885  5.878   1.091   1.00 5.36  ? 73  ILE A O     1 
ATOM   616  C CB    A ILE A 1 95  ? -3.286  2.951   1.011   0.50 5.05  ? 73  ILE A CB    1 
ATOM   617  C CB    B ILE A 1 95  ? -3.296  2.920   1.069   0.50 5.06  ? 73  ILE A CB    1 
ATOM   618  C CG1   A ILE A 1 95  ? -3.496  1.627   0.274   0.50 5.14  ? 73  ILE A CG1   1 
ATOM   619  C CG1   B ILE A 1 95  ? -3.486  1.501   0.522   0.50 5.30  ? 73  ILE A CG1   1 
ATOM   620  C CG2   A ILE A 1 95  ? -2.458  2.801   2.281   0.50 5.03  ? 73  ILE A CG2   1 
ATOM   621  C CG2   B ILE A 1 95  ? -2.431  2.962   2.325   0.50 4.96  ? 73  ILE A CG2   1 
ATOM   622  C CD1   A ILE A 1 95  ? -2.223  0.882   -0.011  0.50 4.97  ? 73  ILE A CD1   1 
ATOM   623  C CD1   B ILE A 1 95  ? -4.088  0.516   1.497   0.50 5.35  ? 73  ILE A CD1   1 
ATOM   624  N N     . GLY A 1 96  ? -4.919  5.330   3.023   1.00 4.96  ? 74  GLY A N     1 
ATOM   625  C CA    . GLY A 1 96  ? -4.827  6.659   3.614   1.00 4.35  ? 74  GLY A CA    1 
ATOM   626  C C     . GLY A 1 96  ? -3.388  7.043   3.908   1.00 3.93  ? 74  GLY A C     1 
ATOM   627  O O     . GLY A 1 96  ? -2.464  6.221   3.919   1.00 4.67  ? 74  GLY A O     1 
ATOM   628  N N     . PRO A 1 97  ? -3.186  8.343   4.163   1.00 4.77  ? 75  PRO A N     1 
ATOM   629  C CA    . PRO A 1 97  ? -1.845  8.834   4.395   1.00 4.65  ? 75  PRO A CA    1 
ATOM   630  C C     . PRO A 1 97  ? -1.311  8.192   5.679   1.00 4.36  ? 75  PRO A C     1 
ATOM   631  O O     . PRO A 1 97  ? -2.038  8.026   6.653   1.00 5.09  ? 75  PRO A O     1 
ATOM   632  C CB    . PRO A 1 97  ? -1.997  10.345  4.526   1.00 5.24  ? 75  PRO A CB    1 
ATOM   633  C CG    . PRO A 1 97  ? -3.449  10.513  4.928   1.00 5.05  ? 75  PRO A CG    1 
ATOM   634  C CD    . PRO A 1 97  ? -4.200  9.403   4.223   1.00 5.09  ? 75  PRO A CD    1 
ATOM   635  N N     . ASN A 1 98  ? -0.022  7.900   5.658   1.00 4.15  ? 76  ASN A N     1 
ATOM   636  C CA    . ASN A 1 98  ? 0.764   7.416   6.825   1.00 4.14  ? 76  ASN A CA    1 
ATOM   637  C C     . ASN A 1 98  ? 0.285   6.036   7.304   1.00 4.63  ? 76  ASN A C     1 
ATOM   638  O O     . ASN A 1 98  ? 0.775   5.553   8.319   1.00 4.51  ? 76  ASN A O     1 
ATOM   639  C CB    . ASN A 1 98  ? 0.745   8.423   7.966   1.00 4.65  ? 76  ASN A CB    1 
ATOM   640  C CG    . ASN A 1 98  ? 1.173   9.784   7.485   1.00 4.99  ? 76  ASN A CG    1 
ATOM   641  O OD1   . ASN A 1 98  ? 2.145   9.902   6.739   1.00 4.97  ? 76  ASN A OD1   1 
ATOM   642  N ND2   . ASN A 1 98  ? 0.458   10.810  7.922   1.00 5.87  ? 76  ASN A ND2   1 
ATOM   643  N N     . VAL A 1 99  ? -0.553  5.352   6.548   1.00 4.29  ? 77  VAL A N     1 
ATOM   644  C CA    . VAL A 1 99  ? -0.818  3.928   6.839   1.00 4.17  ? 77  VAL A CA    1 
ATOM   645  C C     . VAL A 1 99  ? 0.509   3.179   6.869   1.00 4.11  ? 77  VAL A C     1 
ATOM   646  O O     . VAL A 1 99  ? 1.356   3.355   5.985   1.00 4.31  ? 77  VAL A O     1 
ATOM   647  C CB    . VAL A 1 99  ? -1.780  3.309   5.814   1.00 4.56  ? 77  VAL A CB    1 
ATOM   648  C CG1   . VAL A 1 99  ? -1.809  1.792   5.887   1.00 5.40  ? 77  VAL A CG1   1 
ATOM   649  C CG2   . VAL A 1 99  ? -3.170  3.880   6.006   1.00 4.79  ? 77  VAL A CG2   1 
ATOM   650  N N     . THR A 1 100 ? 0.646   2.345   7.885   1.00 4.41  ? 78  THR A N     1 
ATOM   651  C CA    . THR A 1 100 ? 1.875   1.572   8.119   1.00 4.53  ? 78  THR A CA    1 
ATOM   652  C C     . THR A 1 100 ? 1.578   0.090   7.919   1.00 4.84  ? 78  THR A C     1 
ATOM   653  O O     . THR A 1 100 ? 0.622   -0.437  8.518   1.00 5.96  ? 78  THR A O     1 
ATOM   654  C CB    . THR A 1 100 ? 2.413   1.858   9.515   1.00 5.37  ? 78  THR A CB    1 
ATOM   655  O OG1   . THR A 1 100 ? 2.602   3.263   9.651   1.00 4.84  ? 78  THR A OG1   1 
ATOM   656  C CG2   . THR A 1 100 ? 3.724   1.152   9.761   1.00 6.42  ? 78  THR A CG2   1 
ATOM   657  N N     . PHE A 1 101 ? 2.409   -0.573  7.125   1.00 4.83  ? 79  PHE A N     1 
ATOM   658  C CA    . PHE A 1 101 ? 2.348   -2.028  6.895   1.00 5.44  ? 79  PHE A CA    1 
ATOM   659  C C     . PHE A 1 101 ? 3.575   -2.664  7.528   1.00 5.37  ? 79  PHE A C     1 
ATOM   660  O O     . PHE A 1 101 ? 4.560   -1.987  7.810   1.00 5.15  ? 79  PHE A O     1 
ATOM   661  C CB    . PHE A 1 101 ? 2.352   -2.324  5.402   1.00 6.05  ? 79  PHE A CB    1 
ATOM   662  C CG    . PHE A 1 101 ? 1.113   -1.893  4.662   1.00 6.16  ? 79  PHE A CG    1 
ATOM   663  C CD1   . PHE A 1 101 ? -0.057  -2.634  4.730   1.00 6.57  ? 79  PHE A CD1   1 
ATOM   664  C CD2   . PHE A 1 101 ? 1.096   -0.722  3.917   1.00 5.96  ? 79  PHE A CD2   1 
ATOM   665  C CE1   . PHE A 1 101 ? -1.195  -2.245  4.041   1.00 7.31  ? 79  PHE A CE1   1 
ATOM   666  C CE2   . PHE A 1 101 ? -0.037  -0.339  3.221   1.00 7.30  ? 79  PHE A CE2   1 
ATOM   667  C CZ    . PHE A 1 101 ? -1.180  -1.100  3.290   1.00 7.09  ? 79  PHE A CZ    1 
ATOM   668  N N     . THR A 1 102 ? 3.512   -3.978  7.720   1.00 5.45  ? 80  THR A N     1 
ATOM   669  C CA    . THR A 1 102 ? 4.613   -4.734  8.356   1.00 5.56  ? 80  THR A CA    1 
ATOM   670  C C     . THR A 1 102 ? 4.699   -6.125  7.739   1.00 5.91  ? 80  THR A C     1 
ATOM   671  O O     . THR A 1 102 ? 3.698   -6.623  7.204   1.00 7.00  ? 80  THR A O     1 
ATOM   672  C CB    . THR A 1 102 ? 4.431   -4.801  9.874   1.00 5.64  ? 80  THR A CB    1 
ATOM   673  O OG1   . THR A 1 102 ? 3.194   -5.452  10.157  1.00 6.06  ? 80  THR A OG1   1 
ATOM   674  C CG2   . THR A 1 102 ? 4.468   -3.442  10.533  1.00 5.24  ? 80  THR A CG2   1 
ATOM   675  N N     . ASN A 1 103 ? 5.870   -6.738  7.855   1.00 5.66  ? 81  ASN A N     1 
ATOM   676  C CA    . ASN A 1 103 ? 6.066   -8.111  7.325   1.00 6.26  ? 81  ASN A CA    1 
ATOM   677  C C     . ASN A 1 103 ? 6.912   -8.967  8.267   1.00 6.54  ? 81  ASN A C     1 
ATOM   678  O O     . ASN A 1 103 ? 7.192   -10.106 7.896   1.00 7.38  ? 81  ASN A O     1 
ATOM   679  C CB    . ASN A 1 103 ? 6.662   -8.061  5.917   1.00 6.07  ? 81  ASN A CB    1 
ATOM   680  C CG    . ASN A 1 103 ? 8.041   -7.438  5.884   1.00 6.09  ? 81  ASN A CG    1 
ATOM   681  O OD1   . ASN A 1 103 ? 8.631   -7.141  6.920   1.00 7.42  ? 81  ASN A OD1   1 
ATOM   682  N ND2   . ASN A 1 103 ? 8.540   -7.165  4.682   1.00 7.60  ? 81  ASN A ND2   1 
ATOM   683  N N     . ASP A 1 104 ? 7.215   -8.510  9.473   1.00 6.56  ? 82  ASP A N     1 
ATOM   684  C CA    . ASP A 1 104 ? 8.049   -9.277  10.429  1.00 6.50  ? 82  ASP A CA    1 
ATOM   685  C C     . ASP A 1 104 ? 7.453   -9.054  11.817  1.00 6.47  ? 82  ASP A C     1 
ATOM   686  O O     . ASP A 1 104 ? 7.475   -7.917  12.286  1.00 6.39  ? 82  ASP A O     1 
ATOM   687  C CB    . ASP A 1 104 ? 9.524   -8.866  10.357  1.00 8.42  ? 82  ASP A CB    1 
ATOM   688  C CG    . ASP A 1 104 ? 10.448  -9.651  11.287  1.00 9.76  ? 82  ASP A CG    1 
ATOM   689  O OD1   . ASP A 1 104 ? 9.948   -10.440 12.109  1.00 12.64 ? 82  ASP A OD1   1 
ATOM   690  O OD2   . ASP A 1 104 ? 11.667  -9.376  11.235  1.00 12.68 ? 82  ASP A OD2   1 
ATOM   691  N N     . LYS A 1 105 ? 6.876   -10.090 12.415  1.00 6.64  ? 83  LYS A N     1 
ATOM   692  C CA    . LYS A 1 105 ? 6.105   -9.950  13.680  1.00 6.92  ? 83  LYS A CA    1 
ATOM   693  C C     . LYS A 1 105 ? 7.027   -9.722  14.887  1.00 7.30  ? 83  LYS A C     1 
ATOM   694  O O     . LYS A 1 105 ? 6.584   -9.085  15.862  1.00 7.76  ? 83  LYS A O     1 
ATOM   695  C CB    . LYS A 1 105 ? 5.184   -11.155 13.877  1.00 8.45  ? 83  LYS A CB    1 
ATOM   696  C CG    . LYS A 1 105 ? 4.219   -11.008 15.045  1.00 9.11  ? 83  LYS A CG    1 
ATOM   697  C CD    . LYS A 1 105 ? 3.204   -12.124 15.143  1.00 10.78 ? 83  LYS A CD    1 
ATOM   698  C CE    . LYS A 1 105 ? 2.269   -11.930 16.313  1.00 11.87 ? 83  LYS A CE    1 
ATOM   699  N NZ    . LYS A 1 105 ? 1.420   -13.121 16.558  1.00 13.36 ? 83  LYS A NZ    1 
ATOM   700  N N     . TYR A 1 106 ? 8.256   -10.231 14.869  1.00 6.96  ? 84  TYR A N     1 
ATOM   701  C CA    . TYR A 1 106 ? 9.160   -10.160 16.044  1.00 7.85  ? 84  TYR A CA    1 
ATOM   702  C C     . TYR A 1 106 ? 10.506  -9.611  15.610  1.00 7.79  ? 84  TYR A C     1 
ATOM   703  O O     . TYR A 1 106 ? 11.527  -10.302 15.628  1.00 8.16  ? 84  TYR A O     1 
ATOM   704  C CB    . TYR A 1 106 ? 9.295   -11.530 16.702  1.00 9.01  ? 84  TYR A CB    1 
ATOM   705  C CG    . TYR A 1 106 ? 7.973   -12.162 17.061  1.00 9.79  ? 84  TYR A CG    1 
ATOM   706  C CD1   . TYR A 1 106 ? 7.263   -11.767 18.184  1.00 10.07 ? 84  TYR A CD1   1 
ATOM   707  C CD2   . TYR A 1 106 ? 7.459   -13.191 16.291  1.00 11.49 ? 84  TYR A CD2   1 
ATOM   708  C CE1   . TYR A 1 106 ? 6.046   -12.355 18.503  1.00 11.20 ? 84  TYR A CE1   1 
ATOM   709  C CE2   . TYR A 1 106 ? 6.247   -13.785 16.591  1.00 12.66 ? 84  TYR A CE2   1 
ATOM   710  C CZ    . TYR A 1 106 ? 5.549   -13.377 17.706  1.00 12.14 ? 84  TYR A CZ    1 
ATOM   711  O OH    . TYR A 1 106 ? 4.368   -14.016 17.972  1.00 15.58 ? 84  TYR A OH    1 
ATOM   712  N N     . PRO A 1 107 ? 10.547  -8.355  15.140  1.00 6.64  ? 85  PRO A N     1 
ATOM   713  C CA    . PRO A 1 107 ? 11.743  -7.844  14.490  1.00 6.97  ? 85  PRO A CA    1 
ATOM   714  C C     . PRO A 1 107 ? 12.887  -7.679  15.489  1.00 6.62  ? 85  PRO A C     1 
ATOM   715  O O     . PRO A 1 107 ? 12.677  -7.102  16.549  1.00 7.72  ? 85  PRO A O     1 
ATOM   716  C CB    . PRO A 1 107 ? 11.281  -6.490  13.932  1.00 7.18  ? 85  PRO A CB    1 
ATOM   717  C CG    . PRO A 1 107 ? 10.146  -6.084  14.837  1.00 7.15  ? 85  PRO A CG    1 
ATOM   718  C CD    . PRO A 1 107 ? 9.441   -7.385  15.125  1.00 7.10  ? 85  PRO A CD    1 
ATOM   719  N N     . ARG A 1 108 ? 14.078  -8.094  15.067  1.00 7.11  ? 86  ARG A N     1 
ATOM   720  C CA    . ARG A 1 108 ? 15.329  -7.879  15.819  1.00 7.59  ? 86  ARG A CA    1 
ATOM   721  C C     . ARG A 1 108 ? 16.394  -7.462  14.813  1.00 8.37  ? 86  ARG A C     1 
ATOM   722  O O     . ARG A 1 108 ? 16.510  -8.117  13.763  1.00 10.14 ? 86  ARG A O     1 
ATOM   723  C CB    . ARG A 1 108 ? 15.716  -9.159  16.572  1.00 7.61  ? 86  ARG A CB    1 
ATOM   724  C CG    . ARG A 1 108 ? 14.847  -9.505  17.776  1.00 8.35  ? 86  ARG A CG    1 
ATOM   725  C CD    . ARG A 1 108 ? 14.840  -8.521  18.911  1.00 8.95  ? 86  ARG A CD    1 
ATOM   726  N NE    . ARG A 1 108 ? 13.968  -8.973  19.991  1.00 9.57  ? 86  ARG A NE    1 
ATOM   727  C CZ    . ARG A 1 108 ? 13.553  -8.208  20.993  1.00 9.02  ? 86  ARG A CZ    1 
ATOM   728  N NH1   . ARG A 1 108 ? 13.915  -6.943  21.068  1.00 7.76  ? 86  ARG A NH1   1 
ATOM   729  N NH2   . ARG A 1 108 ? 12.755  -8.691  21.927  1.00 9.58  ? 86  ARG A NH2   1 
ATOM   730  N N     . SER A 1 109 ? 17.146  -6.419  15.124  1.00 7.15  ? 87  SER A N     1 
ATOM   731  C CA    . SER A 1 109 ? 18.141  -5.865  14.179  1.00 8.66  ? 87  SER A CA    1 
ATOM   732  C C     . SER A 1 109 ? 19.140  -6.962  13.781  1.00 10.76 ? 87  SER A C     1 
ATOM   733  O O     . SER A 1 109 ? 19.701  -7.607  14.682  1.00 14.51 ? 87  SER A O     1 
ATOM   734  C CB    . SER A 1 109 ? 18.806  -4.662  14.763  1.00 8.12  ? 87  SER A CB    1 
ATOM   735  O OG    . SER A 1 109 ? 19.568  -4.033  13.755  1.00 7.94  ? 87  SER A OG    1 
ATOM   736  N N     . LYS A 1 110 ? 19.345  -7.152  12.473  1.00 12.84 ? 88  LYS A N     1 
ATOM   737  C CA    . LYS A 1 110 ? 20.357  -8.081  11.882  1.00 14.33 ? 88  LYS A CA    1 
ATOM   738  C C     . LYS A 1 110 ? 19.922  -9.537  12.106  1.00 20.51 ? 88  LYS A C     1 
ATOM   739  O O     . LYS A 1 110 ? 20.815  -10.416 12.099  1.00 22.67 ? 88  LYS A O     1 
ATOM   740  C CB    . LYS A 1 110 ? 21.743  -7.810  12.475  1.00 15.03 ? 88  LYS A CB    1 
ATOM   741  C CG    . LYS A 1 110 ? 22.163  -6.344  12.467  1.00 13.52 ? 88  LYS A CG    1 
ATOM   742  C CD    . LYS A 1 110 ? 22.160  -5.731  11.097  1.00 13.29 ? 88  LYS A CD    1 
ATOM   743  C CE    . LYS A 1 110 ? 22.703  -4.319  11.126  1.00 13.29 ? 88  LYS A CE    1 
ATOM   744  N NZ    . LYS A 1 110 ? 22.735  -3.704  9.783   1.00 13.50 ? 88  LYS A NZ    1 
ATOM   745  N N     . GLN A 1 111 ? 18.609  -9.782  12.235  1.00 19.88 ? 89  GLN A N     1 
ATOM   746  C CA    . GLN A 1 111 ? 17.980  -11.133 12.263  1.00 22.81 ? 89  GLN A CA    1 
ATOM   747  C C     . GLN A 1 111 ? 16.778  -11.152 11.303  1.00 23.73 ? 89  GLN A C     1 
ATOM   748  O O     . GLN A 1 111 ? 16.167  -10.062 11.106  1.00 19.89 ? 89  GLN A O     1 
ATOM   749  C CB    . GLN A 1 111 ? 17.561  -11.474 13.697  1.00 22.92 ? 89  GLN A CB    1 
ATOM   750  C CG    . GLN A 1 111 ? 18.697  -11.368 14.704  1.00 25.23 ? 89  GLN A CG    1 
ATOM   751  C CD    . GLN A 1 111 ? 18.257  -11.678 16.116  1.00 27.34 ? 89  GLN A CD    1 
ATOM   752  O OE1   . GLN A 1 111 ? 17.353  -12.478 16.347  1.00 37.72 ? 89  GLN A OE1   1 
ATOM   753  N NE2   . GLN A 1 111 ? 18.894  -11.035 17.081  1.00 31.18 ? 89  GLN A NE2   1 
ATOM   754  N N     . PHE A 1 116 ? 9.264   -14.111 7.350   1.00 25.94 ? 94  PHE A N     1 
ATOM   755  C CA    . PHE A 1 116 ? 8.429   -12.986 6.850   1.00 17.31 ? 94  PHE A CA    1 
ATOM   756  C C     . PHE A 1 116 ? 7.015   -13.481 6.577   1.00 18.85 ? 94  PHE A C     1 
ATOM   757  O O     . PHE A 1 116 ? 6.787   -14.708 6.439   1.00 22.85 ? 94  PHE A O     1 
ATOM   758  C CB    . PHE A 1 116 ? 9.053   -12.337 5.613   1.00 16.78 ? 94  PHE A CB    1 
ATOM   759  C CG    . PHE A 1 116 ? 10.367  -11.679 5.936   1.00 16.41 ? 94  PHE A CG    1 
ATOM   760  C CD1   . PHE A 1 116 ? 10.396  -10.403 6.471   1.00 14.68 ? 94  PHE A CD1   1 
ATOM   761  C CD2   . PHE A 1 116 ? 11.564  -12.364 5.779   1.00 16.50 ? 94  PHE A CD2   1 
ATOM   762  C CE1   . PHE A 1 116 ? 11.599  -9.814  6.832   1.00 15.89 ? 94  PHE A CE1   1 
ATOM   763  C CE2   . PHE A 1 116 ? 12.764  -11.773 6.142   1.00 18.05 ? 94  PHE A CE2   1 
ATOM   764  C CZ    . PHE A 1 116 ? 12.779  -10.502 6.663   1.00 17.14 ? 94  PHE A CZ    1 
ATOM   765  N N     . SER A 1 117 ? 6.093   -12.521 6.565   1.00 12.29 ? 95  SER A N     1 
ATOM   766  C CA    . SER A 1 117 ? 4.632   -12.729 6.451   1.00 12.86 ? 95  SER A CA    1 
ATOM   767  C C     . SER A 1 117 ? 4.098   -11.895 5.289   1.00 10.72 ? 95  SER A C     1 
ATOM   768  O O     . SER A 1 117 ? 4.638   -10.806 5.023   1.00 10.73 ? 95  SER A O     1 
ATOM   769  C CB    . SER A 1 117 ? 3.917   -12.366 7.734   1.00 13.07 ? 95  SER A CB    1 
ATOM   770  O OG    . SER A 1 117 ? 4.526   -12.994 8.853   1.00 17.44 ? 95  SER A OG    1 
ATOM   771  N N     . LYS A 1 118 ? 3.054   -12.380 4.640   1.00 11.34 ? 96  LYS A N     1 
ATOM   772  C CA    . LYS A 1 118 ? 2.395   -11.699 3.507   1.00 10.69 ? 96  LYS A CA    1 
ATOM   773  C C     . LYS A 1 118 ? 1.139   -10.978 3.996   1.00 10.07 ? 96  LYS A C     1 
ATOM   774  O O     . LYS A 1 118 ? 0.415   -11.505 4.846   1.00 10.78 ? 96  LYS A O     1 
ATOM   775  C CB    . LYS A 1 118 ? 2.061   -12.711 2.416   1.00 12.74 ? 96  LYS A CB    1 
ATOM   776  C CG    . LYS A 1 118 ? 3.286   -13.247 1.686   1.00 17.10 ? 96  LYS A CG    1 
ATOM   777  C CD    . LYS A 1 118 ? 3.008   -14.467 0.841   1.00 24.16 ? 96  LYS A CD    1 
ATOM   778  C CE    . LYS A 1 118 ? 2.173   -14.171 -0.385  1.00 28.94 ? 96  LYS A CE    1 
ATOM   779  N NZ    . LYS A 1 118 ? 2.144   -15.332 -1.307  1.00 34.53 ? 96  LYS A NZ    1 
ATOM   780  N N     . THR A 1 119 ? 0.887   -9.801  3.454   1.00 7.52  ? 97  THR A N     1 
ATOM   781  C CA    . THR A 1 119 ? -0.359  -9.031  3.659   1.00 7.74  ? 97  THR A CA    1 
ATOM   782  C C     . THR A 1 119 ? -1.051  -8.911  2.313   1.00 6.35  ? 97  THR A C     1 
ATOM   783  O O     . THR A 1 119 ? -0.381  -8.707  1.288   1.00 7.10  ? 97  THR A O     1 
ATOM   784  C CB    . THR A 1 119 ? -0.066  -7.656  4.275   1.00 7.08  ? 97  THR A CB    1 
ATOM   785  O OG1   . THR A 1 119 ? 0.438   -7.837  5.593   1.00 7.92  ? 97  THR A OG1   1 
ATOM   786  C CG2   . THR A 1 119 ? -1.264  -6.736  4.327   1.00 6.50  ? 97  THR A CG2   1 
ATOM   787  N N     . ILE A 1 120 ? -2.368  -9.025  2.297   1.00 6.47  ? 98  ILE A N     1 
ATOM   788  C CA    . ILE A 1 120 ? -3.127  -8.699  1.073   1.00 6.75  ? 98  ILE A CA    1 
ATOM   789  C C     . ILE A 1 120 ? -4.298  -7.801  1.435   1.00 6.68  ? 98  ILE A C     1 
ATOM   790  O O     . ILE A 1 120 ? -5.062  -8.089  2.374   1.00 7.79  ? 98  ILE A O     1 
ATOM   791  C CB    . ILE A 1 120 ? -3.568  -9.952  0.309   1.00 8.26  ? 98  ILE A CB    1 
ATOM   792  C CG1   . ILE A 1 120 ? -4.176  -9.541  -1.031  1.00 8.82  ? 98  ILE A CG1   1 
ATOM   793  C CG2   . ILE A 1 120 ? -4.524  -10.807 1.116   1.00 10.00 ? 98  ILE A CG2   1 
ATOM   794  C CD1   . ILE A 1 120 ? -4.221  -10.664 -2.061  1.00 10.01 ? 98  ILE A CD1   1 
ATOM   795  N N     . ILE A 1 121 ? -4.388  -6.701  0.711   1.00 6.49  ? 99  ILE A N     1 
ATOM   796  C CA    . ILE A 1 121 ? -5.500  -5.735  0.849   1.00 6.63  ? 99  ILE A CA    1 
ATOM   797  C C     . ILE A 1 121 ? -6.388  -5.921  -0.372  1.00 6.19  ? 99  ILE A C     1 
ATOM   798  O O     . ILE A 1 121 ? -5.953  -5.654  -1.487  1.00 6.48  ? 99  ILE A O     1 
ATOM   799  C CB    . ILE A 1 121 ? -4.992  -4.287  0.995   1.00 6.62  ? 99  ILE A CB    1 
ATOM   800  C CG1   . ILE A 1 121 ? -3.882  -4.151  2.046   1.00 6.58  ? 99  ILE A CG1   1 
ATOM   801  C CG2   . ILE A 1 121 ? -6.174  -3.383  1.258   1.00 7.12  ? 99  ILE A CG2   1 
ATOM   802  C CD1   . ILE A 1 121 ? -4.248  -4.645  3.415   1.00 7.50  ? 99  ILE A CD1   1 
ATOM   803  N N     . LYS A 1 122 ? -7.574  -6.488  -0.148  1.00 6.80  ? 100 LYS A N     1 
ATOM   804  C CA    . LYS A 1 122 ? -8.410  -7.018  -1.241  1.00 7.31  ? 100 LYS A CA    1 
ATOM   805  C C     . LYS A 1 122 ? -9.229  -5.904  -1.892  1.00 7.26  ? 100 LYS A C     1 
ATOM   806  O O     . LYS A 1 122 ? -9.383  -4.792  -1.339  1.00 7.09  ? 100 LYS A O     1 
ATOM   807  C CB    . LYS A 1 122 ? -9.322  -8.132  -0.718  1.00 8.50  ? 100 LYS A CB    1 
ATOM   808  C CG    . LYS A 1 122 ? -8.572  -9.319  -0.147  1.00 10.52 ? 100 LYS A CG    1 
ATOM   809  C CD    . LYS A 1 122 ? -7.954  -10.181 -1.211  1.00 12.37 ? 100 LYS A CD    1 
ATOM   810  C CE    . LYS A 1 122 ? -8.993  -11.017 -1.938  1.00 14.57 ? 100 LYS A CE    1 
ATOM   811  N NZ    . LYS A 1 122 ? -8.368  -11.852 -2.991  1.00 14.88 ? 100 LYS A NZ    1 
ATOM   812  N N     . LYS A 1 123 ? -9.757  -6.221  -3.076  1.00 7.77  ? 101 LYS A N     1 
ATOM   813  C CA    . LYS A 1 123 ? -10.323 -5.258  -4.039  1.00 7.83  ? 101 LYS A CA    1 
ATOM   814  C C     . LYS A 1 123 ? -11.254 -4.264  -3.339  1.00 7.68  ? 101 LYS A C     1 
ATOM   815  O O     . LYS A 1 123 ? -12.197 -4.678  -2.633  1.00 7.81  ? 101 LYS A O     1 
ATOM   816  C CB    . LYS A 1 123 ? -11.080 -6.021  -5.135  1.00 10.33 ? 101 LYS A CB    1 
ATOM   817  C CG    . LYS A 1 123 ? -11.756 -5.145  -6.175  1.00 14.26 ? 101 LYS A CG    1 
ATOM   818  C CD    . LYS A 1 123 ? -12.263 -5.902  -7.389  1.00 16.54 ? 101 LYS A CD    1 
ATOM   819  C CE    . LYS A 1 123 ? -12.983 -4.992  -8.363  1.00 22.81 ? 101 LYS A CE    1 
ATOM   820  N NZ    . LYS A 1 123 ? -13.279 -5.667  -9.654  1.00 26.53 ? 101 LYS A NZ    1 
ATOM   821  N N     . GLY A 1 124 ? -11.011 -2.985  -3.551  1.00 7.50  ? 102 GLY A N     1 
ATOM   822  C CA    . GLY A 1 124 ? -11.908 -1.899  -3.134  1.00 7.30  ? 102 GLY A CA    1 
ATOM   823  C C     . GLY A 1 124 ? -11.847 -1.589  -1.648  1.00 7.05  ? 102 GLY A C     1 
ATOM   824  O O     . GLY A 1 124 ? -12.542 -0.649  -1.243  1.00 7.61  ? 102 GLY A O     1 
ATOM   825  N N     . ALA A 1 125 ? -11.045 -2.289  -0.855  1.00 6.79  ? 103 ALA A N     1 
ATOM   826  C CA    . ALA A 1 125 ? -10.924 -1.968  0.579   1.00 6.76  ? 103 ALA A CA    1 
ATOM   827  C C     . ALA A 1 125 ? -10.326 -0.564  0.715   1.00 6.45  ? 103 ALA A C     1 
ATOM   828  O O     . ALA A 1 125 ? -9.579  -0.091  -0.184  1.00 6.45  ? 103 ALA A O     1 
ATOM   829  C CB    . ALA A 1 125 ? -10.094 -3.000  1.296   1.00 6.89  ? 103 ALA A CB    1 
ATOM   830  N N     . SER A 1 126 ? -10.596 0.040   1.855   1.00 6.08  ? 104 SER A N     1 
ATOM   831  C CA    . SER A 1 126 ? -10.072 1.369   2.216   1.00 6.33  ? 104 SER A CA    1 
ATOM   832  C C     . SER A 1 126 ? -9.436  1.300   3.592   1.00 5.80  ? 104 SER A C     1 
ATOM   833  O O     . SER A 1 126 ? -10.071 0.804   4.544   1.00 6.02  ? 104 SER A O     1 
ATOM   834  C CB    . SER A 1 126 ? -11.148 2.393   2.171   1.00 7.23  ? 104 SER A CB    1 
ATOM   835  O OG    . SER A 1 126 ? -11.546 2.568   0.819   1.00 8.94  ? 104 SER A OG    1 
ATOM   836  N N     . ILE A 1 127 ? -8.200  1.787   3.688   1.00 5.33  ? 105 ILE A N     1 
ATOM   837  C CA    . ILE A 1 127 ? -7.469  1.827   4.974   1.00 5.31  ? 105 ILE A CA    1 
ATOM   838  C C     . ILE A 1 127 ? -7.348  3.275   5.444   1.00 5.38  ? 105 ILE A C     1 
ATOM   839  O O     . ILE A 1 127 ? -6.696  4.096   4.774   1.00 5.78  ? 105 ILE A O     1 
ATOM   840  C CB    . ILE A 1 127 ? -6.108  1.127   4.922   1.00 6.11  ? 105 ILE A CB    1 
ATOM   841  C CG1   . ILE A 1 127 ? -6.209  -0.270  4.312   1.00 7.09  ? 105 ILE A CG1   1 
ATOM   842  C CG2   . ILE A 1 127 ? -5.535  1.084   6.335   1.00 6.18  ? 105 ILE A CG2   1 
ATOM   843  C CD1   . ILE A 1 127 ? -4.929  -1.052  4.369   1.00 9.37  ? 105 ILE A CD1   1 
ATOM   844  N N     . GLY A 1 128 ? -7.972  3.580   6.576   1.00 5.32  ? 106 GLY A N     1 
ATOM   845  C CA    . GLY A 1 128 ? -7.953  4.919   7.179   1.00 5.12  ? 106 GLY A CA    1 
ATOM   846  C C     . GLY A 1 128 ? -6.542  5.409   7.469   1.00 4.84  ? 106 GLY A C     1 
ATOM   847  O O     . GLY A 1 128 ? -5.627  4.634   7.754   1.00 5.63  ? 106 GLY A O     1 
ATOM   848  N N     . ALA A 1 129 ? -6.407  6.723   7.472   1.00 4.98  ? 107 ALA A N     1 
ATOM   849  C CA    . ALA A 1 129 ? -5.142  7.447   7.692   1.00 4.52  ? 107 ALA A CA    1 
ATOM   850  C C     . ALA A 1 129 ? -4.483  6.981   8.989   1.00 4.32  ? 107 ALA A C     1 
ATOM   851  O O     . ALA A 1 129 ? -5.141  6.863   10.025  1.00 4.70  ? 107 ALA A O     1 
ATOM   852  C CB    . ALA A 1 129 ? -5.457  8.915   7.731   1.00 5.68  ? 107 ALA A CB    1 
ATOM   853  N N     . ASN A 1 130 ? -3.186  6.740   8.914   1.00 4.00  ? 108 ASN A N     1 
ATOM   854  C CA    . ASN A 1 130 ? -2.303  6.478   10.085  1.00 3.94  ? 108 ASN A CA    1 
ATOM   855  C C     . ASN A 1 130 ? -2.703  5.180   10.785  1.00 4.81  ? 108 ASN A C     1 
ATOM   856  O O     . ASN A 1 130 ? -2.281  4.996   11.937  1.00 5.01  ? 108 ASN A O     1 
ATOM   857  C CB    . ASN A 1 130 ? -2.293  7.663   11.060  1.00 4.30  ? 108 ASN A CB    1 
ATOM   858  C CG    . ASN A 1 130 ? -1.006  7.778   11.848  1.00 4.21  ? 108 ASN A CG    1 
ATOM   859  O OD1   . ASN A 1 130 ? 0.020   7.213   11.456  1.00 4.54  ? 108 ASN A OD1   1 
ATOM   860  N ND2   . ASN A 1 130 ? -1.030  8.572   12.912  1.00 4.70  ? 108 ASN A ND2   1 
ATOM   861  N N     . ALA A 1 131 ? -3.444  4.294   10.124  1.00 4.14  ? 109 ALA A N     1 
ATOM   862  C CA    . ALA A 1 131 ? -3.673  2.940   10.661  1.00 4.91  ? 109 ALA A CA    1 
ATOM   863  C C     . ALA A 1 131 ? -2.379  2.134   10.599  1.00 4.79  ? 109 ALA A C     1 
ATOM   864  O O     . ALA A 1 131 ? -1.471  2.421   9.772   1.00 5.63  ? 109 ALA A O     1 
ATOM   865  C CB    . ALA A 1 131 ? -4.796  2.246   9.938   1.00 4.80  ? 109 ALA A CB    1 
ATOM   866  N N     . THR A 1 132 ? -2.313  1.103   11.432  1.00 4.70  ? 110 THR A N     1 
ATOM   867  C CA    . THR A 1 132 ? -1.138  0.214   11.534  1.00 4.62  ? 110 THR A CA    1 
ATOM   868  C C     . THR A 1 132 ? -1.597  -1.217  11.300  1.00 4.93  ? 110 THR A C     1 
ATOM   869  O O     . THR A 1 132 ? -2.476  -1.702  12.022  1.00 5.32  ? 110 THR A O     1 
ATOM   870  C CB    . THR A 1 132 ? -0.445  0.363   12.883  1.00 5.19  ? 110 THR A CB    1 
ATOM   871  O OG1   . THR A 1 132 ? -0.173  1.746   13.145  1.00 5.08  ? 110 THR A OG1   1 
ATOM   872  C CG2   . THR A 1 132 ? 0.814   -0.464  12.918  1.00 6.09  ? 110 THR A CG2   1 
ATOM   873  N N     . ILE A 1 133 ? -1.010  -1.873  10.314  1.00 4.92  ? 111 ILE A N     1 
ATOM   874  C CA    . ILE A 1 133 ? -1.429  -3.236  9.896   1.00 5.12  ? 111 ILE A CA    1 
ATOM   875  C C     . ILE A 1 133 ? -0.315  -4.202  10.286  1.00 5.08  ? 111 ILE A C     1 
ATOM   876  O O     . ILE A 1 133 ? 0.829   -4.042  9.813   1.00 5.13  ? 111 ILE A O     1 
ATOM   877  C CB    . ILE A 1 133 ? -1.710  -3.279  8.387   1.00 6.02  ? 111 ILE A CB    1 
ATOM   878  C CG1   . ILE A 1 133 ? -2.540  -2.098  7.876   1.00 6.45  ? 111 ILE A CG1   1 
ATOM   879  C CG2   . ILE A 1 133 ? -2.341  -4.611  8.032   1.00 6.41  ? 111 ILE A CG2   1 
ATOM   880  C CD1   . ILE A 1 133 ? -3.886  -1.910  8.534   1.00 7.21  ? 111 ILE A CD1   1 
ATOM   881  N N     . LEU A 1 134 ? -0.650  -5.176  11.128  1.00 5.53  ? 112 LEU A N     1 
ATOM   882  C CA    . LEU A 1 134 ? 0.331   -6.178  11.576  1.00 5.85  ? 112 LEU A CA    1 
ATOM   883  C C     . LEU A 1 134 ? 0.667   -7.139  10.440  1.00 5.75  ? 112 LEU A C     1 
ATOM   884  O O     . LEU A 1 134 ? 0.040   -7.135  9.380   1.00 5.66  ? 112 LEU A O     1 
ATOM   885  C CB    . LEU A 1 134 ? -0.224  -6.902  12.804  1.00 6.85  ? 112 LEU A CB    1 
ATOM   886  C CG    . LEU A 1 134 ? 0.000   -6.240  14.167  1.00 8.00  ? 112 LEU A CG    1 
ATOM   887  C CD1   . LEU A 1 134 ? 1.460   -6.252  14.545  1.00 9.57  ? 112 LEU A CD1   1 
ATOM   888  C CD2   . LEU A 1 134 ? -0.538  -4.821  14.236  1.00 8.15  ? 112 LEU A CD2   1 
ATOM   889  N N     . PRO A 1 135 ? 1.658   -8.031  10.638  1.00 5.74  ? 113 PRO A N     1 
ATOM   890  C CA    . PRO A 1 135 ? 2.049   -8.908  9.537   1.00 6.81  ? 113 PRO A CA    1 
ATOM   891  C C     . PRO A 1 135 ? 1.008   -10.006 9.271   1.00 7.62  ? 113 PRO A C     1 
ATOM   892  O O     . PRO A 1 135 ? 0.328   -10.448 10.184  1.00 7.37  ? 113 PRO A O     1 
ATOM   893  C CB    . PRO A 1 135 ? 3.378   -9.521  10.019  1.00 6.98  ? 113 PRO A CB    1 
ATOM   894  C CG    . PRO A 1 135 ? 3.884   -8.518  11.021  1.00 7.23  ? 113 PRO A CG    1 
ATOM   895  C CD    . PRO A 1 135 ? 2.629   -8.066  11.746  1.00 7.08  ? 113 PRO A CD    1 
ATOM   896  N N     . GLY A 1 136 ? 0.946   -10.466 8.028   1.00 7.75  ? 114 GLY A N     1 
ATOM   897  C CA    . GLY A 1 136 ? 0.181   -11.670 7.664   1.00 9.07  ? 114 GLY A CA    1 
ATOM   898  C C     . GLY A 1 136 ? -1.300  -11.404 7.541   1.00 9.16  ? 114 GLY A C     1 
ATOM   899  O O     . GLY A 1 136 ? -2.088  -12.359 7.489   1.00 11.31 ? 114 GLY A O     1 
ATOM   900  N N     . ILE A 1 137 ? -1.692  -10.139 7.461   1.00 8.33  ? 115 ILE A N     1 
ATOM   901  C CA    . ILE A 1 137 ? -3.114  -9.729  7.529   1.00 8.33  ? 115 ILE A CA    1 
ATOM   902  C C     . ILE A 1 137 ? -3.740  -9.807  6.138   1.00 7.49  ? 115 ILE A C     1 
ATOM   903  O O     . ILE A 1 137 ? -3.119  -9.401  5.125   1.00 8.59  ? 115 ILE A O     1 
ATOM   904  C CB    . ILE A 1 137 ? -3.211  -8.333  8.155   1.00 8.18  ? 115 ILE A CB    1 
ATOM   905  C CG1   . ILE A 1 137 ? -2.826  -8.370  9.634   1.00 8.77  ? 115 ILE A CG1   1 
ATOM   906  C CG2   . ILE A 1 137 ? -4.578  -7.717  7.963   1.00 8.16  ? 115 ILE A CG2   1 
ATOM   907  C CD1   . ILE A 1 137 ? -3.850  -9.036  10.537  1.00 10.93 ? 115 ILE A CD1   1 
ATOM   908  N N     . THR A 1 138 ? -4.993  -10.241 6.115   1.00 7.17  ? 116 THR A N     1 
ATOM   909  C CA    . THR A 1 138 ? -5.905  -10.064 4.970   1.00 7.88  ? 116 THR A CA    1 
ATOM   910  C C     . THR A 1 138 ? -6.977  -9.064  5.369   1.00 7.17  ? 116 THR A C     1 
ATOM   911  O O     . THR A 1 138 ? -7.618  -9.244  6.433   1.00 7.96  ? 116 THR A O     1 
ATOM   912  C CB    . THR A 1 138 ? -6.548  -11.386 4.554   1.00 9.49  ? 116 THR A CB    1 
ATOM   913  O OG1   . THR A 1 138 ? -5.520  -12.288 4.144   1.00 12.42 ? 116 THR A OG1   1 
ATOM   914  C CG2   . THR A 1 138 ? -7.547  -11.186 3.438   1.00 10.76 ? 116 THR A CG2   1 
ATOM   915  N N     . ILE A 1 139 ? -7.157  -8.021  4.558   1.00 7.43  ? 117 ILE A N     1 
ATOM   916  C CA    . ILE A 1 139 ? -8.296  -7.083  4.700   1.00 7.29  ? 117 ILE A CA    1 
ATOM   917  C C     . ILE A 1 139 ? -9.227  -7.315  3.521   1.00 6.87  ? 117 ILE A C     1 
ATOM   918  O O     . ILE A 1 139 ? -8.781  -7.218  2.378   1.00 7.03  ? 117 ILE A O     1 
ATOM   919  C CB    . ILE A 1 139 ? -7.838  -5.621  4.849   1.00 7.52  ? 117 ILE A CB    1 
ATOM   920  C CG1   . ILE A 1 139 ? -7.136  -5.443  6.199   1.00 9.15  ? 117 ILE A CG1   1 
ATOM   921  C CG2   . ILE A 1 139 ? -9.017  -4.672  4.692   1.00 7.57  ? 117 ILE A CG2   1 
ATOM   922  C CD1   . ILE A 1 139 ? -6.493  -4.111  6.416   1.00 11.46 ? 117 ILE A CD1   1 
ATOM   923  N N     . GLY A 1 140 ? -10.459 -7.742  3.817   1.00 7.28  ? 118 GLY A N     1 
ATOM   924  C CA    . GLY A 1 140 ? -11.392 -8.229  2.787   1.00 8.40  ? 118 GLY A CA    1 
ATOM   925  C C     . GLY A 1 140 ? -11.916 -7.141  1.877   1.00 7.32  ? 118 GLY A C     1 
ATOM   926  O O     . GLY A 1 140 ? -11.802 -5.933  2.165   1.00 7.42  ? 118 GLY A O     1 
ATOM   927  N N     . GLU A 1 141 ? -12.501 -7.587  0.771   1.00 7.66  ? 119 GLU A N     1 
ATOM   928  C CA    A GLU A 1 141 ? -12.996 -6.678  -0.290  0.50 7.22  ? 119 GLU A CA    1 
ATOM   929  C CA    B GLU A 1 141 ? -13.015 -6.703  -0.296  0.50 8.62  ? 119 GLU A CA    1 
ATOM   930  C C     . GLU A 1 141 ? -13.926 -5.635  0.327   1.00 7.58  ? 119 GLU A C     1 
ATOM   931  O O     . GLU A 1 141 ? -14.806 -5.996  1.133   1.00 8.00  ? 119 GLU A O     1 
ATOM   932  C CB    A GLU A 1 141 ? -13.777 -7.391  -1.395  0.50 6.89  ? 119 GLU A CB    1 
ATOM   933  C CB    B GLU A 1 141 ? -13.715 -7.574  -1.343  0.50 10.54 ? 119 GLU A CB    1 
ATOM   934  C CG    A GLU A 1 141 ? -12.901 -8.226  -2.306  0.50 6.64  ? 119 GLU A CG    1 
ATOM   935  C CG    B GLU A 1 141 ? -14.644 -6.836  -2.277  0.50 12.90 ? 119 GLU A CG    1 
ATOM   936  C CD    A GLU A 1 141 ? -13.531 -8.585  -3.645  0.50 7.19  ? 119 GLU A CD    1 
ATOM   937  C CD    B GLU A 1 141 ? -15.019 -7.644  -3.509  0.50 12.98 ? 119 GLU A CD    1 
ATOM   938  O OE1   A GLU A 1 141 ? -14.559 -7.971  -4.017  0.50 7.43  ? 119 GLU A OE1   1 
ATOM   939  O OE1   B GLU A 1 141 ? -14.517 -8.782  -3.644  0.50 14.42 ? 119 GLU A OE1   1 
ATOM   940  O OE2   A GLU A 1 141 ? -12.977 -9.472  -4.311  0.50 8.21  ? 119 GLU A OE2   1 
ATOM   941  O OE2   B GLU A 1 141 ? -15.804 -7.132  -4.324  0.50 16.16 ? 119 GLU A OE2   1 
ATOM   942  N N     . ASN A 1 142 ? -13.739 -4.377  -0.047  1.00 6.94  ? 120 ASN A N     1 
ATOM   943  C CA    . ASN A 1 142 ? -14.636 -3.261  0.329   1.00 7.09  ? 120 ASN A CA    1 
ATOM   944  C C     . ASN A 1 142 ? -14.678 -3.051  1.850   1.00 6.62  ? 120 ASN A C     1 
ATOM   945  O O     . ASN A 1 142 ? -15.572 -2.329  2.315   1.00 6.75  ? 120 ASN A O     1 
ATOM   946  C CB    . ASN A 1 142 ? -16.069 -3.462  -0.174  1.00 7.62  ? 120 ASN A CB    1 
ATOM   947  C CG    . ASN A 1 142 ? -16.858 -2.167  -0.239  1.00 10.10 ? 120 ASN A CG    1 
ATOM   948  O OD1   . ASN A 1 142 ? -18.055 -2.108  0.098   1.00 12.54 ? 120 ASN A OD1   1 
ATOM   949  N ND2   . ASN A 1 142 ? -16.234 -1.113  -0.737  1.00 9.20  ? 120 ASN A ND2   1 
ATOM   950  N N     . ALA A 1 143 ? -13.718 -3.563  2.608   1.00 6.70  ? 121 ALA A N     1 
ATOM   951  C CA    . ALA A 1 143 ? -13.672 -3.260  4.047   1.00 6.61  ? 121 ALA A CA    1 
ATOM   952  C C     . ALA A 1 143 ? -13.303 -1.782  4.218   1.00 6.01  ? 121 ALA A C     1 
ATOM   953  O O     . ALA A 1 143 ? -12.815 -1.135  3.275   1.00 6.55  ? 121 ALA A O     1 
ATOM   954  C CB    . ALA A 1 143 ? -12.714 -4.171  4.746   1.00 6.59  ? 121 ALA A CB    1 
ATOM   955  N N     . MET A 1 144 ? -13.609 -1.244  5.388   1.00 5.79  ? 122 MET A N     1 
ATOM   956  C CA    . MET A 1 144 ? -13.260 0.142   5.768   1.00 6.48  ? 122 MET A CA    1 
ATOM   957  C C     . MET A 1 144 ? -12.550 0.086   7.117   1.00 6.60  ? 122 MET A C     1 
ATOM   958  O O     . MET A 1 144 ? -13.153 -0.311  8.128   1.00 6.95  ? 122 MET A O     1 
ATOM   959  C CB    . MET A 1 144 ? -14.521 1.000   5.854   1.00 6.78  ? 122 MET A CB    1 
ATOM   960  C CG    . MET A 1 144 ? -14.256 2.418   6.337   1.00 8.56  ? 122 MET A CG    1 
ATOM   961  S SD    . MET A 1 144 ? -13.266 3.445   5.232   1.00 10.14 ? 122 MET A SD    1 
ATOM   962  C CE    . MET A 1 144 ? -14.419 3.630   3.871   1.00 11.33 ? 122 MET A CE    1 
ATOM   963  N N     . ILE A 1 145 ? -11.282 0.452   7.136   1.00 6.24  ? 123 ILE A N     1 
ATOM   964  C CA    . ILE A 1 145 ? -10.472 0.507   8.382   1.00 5.78  ? 123 ILE A CA    1 
ATOM   965  C C     . ILE A 1 145 ? -10.455 1.946   8.887   1.00 5.78  ? 123 ILE A C     1 
ATOM   966  O O     . ILE A 1 145 ? -10.089 2.866   8.135   1.00 5.46  ? 123 ILE A O     1 
ATOM   967  C CB    . ILE A 1 145 ? -9.037  0.028   8.156   1.00 6.57  ? 123 ILE A CB    1 
ATOM   968  C CG1   . ILE A 1 145 ? -8.978  -1.351  7.495   1.00 7.42  ? 123 ILE A CG1   1 
ATOM   969  C CG2   . ILE A 1 145 ? -8.274  0.051   9.467   1.00 6.89  ? 123 ILE A CG2   1 
ATOM   970  C CD1   . ILE A 1 145 ? -9.791  -2.416  8.186   1.00 8.37  ? 123 ILE A CD1   1 
ATOM   971  N N     . GLY A 1 146 ? -10.836 2.158   10.130  1.00 5.43  ? 124 GLY A N     1 
ATOM   972  C CA    . GLY A 1 146 ? -10.851 3.498   10.718  1.00 5.69  ? 124 GLY A CA    1 
ATOM   973  C C     . GLY A 1 146 ? -9.462  4.106   10.765  1.00 5.35  ? 124 GLY A C     1 
ATOM   974  O O     . GLY A 1 146 ? -8.463  3.408   10.947  1.00 5.70  ? 124 GLY A O     1 
ATOM   975  N N     . ALA A 1 147 ? -9.418  5.415   10.667  1.00 5.37  ? 125 ALA A N     1 
ATOM   976  C CA    . ALA A 1 147 ? -8.180  6.173   10.880  1.00 5.21  ? 125 ALA A CA    1 
ATOM   977  C C     . ALA A 1 147 ? -7.579  5.777   12.240  1.00 5.01  ? 125 ALA A C     1 
ATOM   978  O O     . ALA A 1 147 ? -8.301  5.665   13.230  1.00 5.50  ? 125 ALA A O     1 
ATOM   979  C CB    . ALA A 1 147 ? -8.446  7.649   10.762  1.00 5.75  ? 125 ALA A CB    1 
ATOM   980  N N     . GLY A 1 148 ? -6.269  5.588   12.276  1.00 4.46  ? 126 GLY A N     1 
ATOM   981  C CA    . GLY A 1 148 ? -5.506  5.331   13.509  1.00 4.99  ? 126 GLY A CA    1 
ATOM   982  C C     . GLY A 1 148 ? -5.714  3.928   14.059  1.00 5.48  ? 126 GLY A C     1 
ATOM   983  O O     . GLY A 1 148 ? -5.177  3.644   15.126  1.00 6.71  ? 126 GLY A O     1 
ATOM   984  N N     . ALA A 1 149 ? -6.452  3.059   13.379  1.00 5.60  ? 127 ALA A N     1 
ATOM   985  C CA    . ALA A 1 149 ? -6.706  1.701   13.895  1.00 6.09  ? 127 ALA A CA    1 
ATOM   986  C C     . ALA A 1 149 ? -5.409  0.903   13.955  1.00 6.64  ? 127 ALA A C     1 
ATOM   987  O O     . ALA A 1 149 ? -4.488  1.152   13.157  1.00 8.38  ? 127 ALA A O     1 
ATOM   988  C CB    . ALA A 1 149 ? -7.699  0.998   13.025  1.00 6.44  ? 127 ALA A CB    1 
ATOM   989  N N     . ILE A 1 150 ? -5.372  -0.091  14.832  1.00 6.54  ? 128 ILE A N     1 
ATOM   990  C CA    . ILE A 1 150 ? -4.326  -1.146  14.847  1.00 6.54  ? 128 ILE A CA    1 
ATOM   991  C C     . ILE A 1 150 ? -5.013  -2.440  14.464  1.00 6.68  ? 128 ILE A C     1 
ATOM   992  O O     . ILE A 1 150 ? -5.975  -2.826  15.143  1.00 8.27  ? 128 ILE A O     1 
ATOM   993  C CB    . ILE A 1 150 ? -3.628  -1.281  16.208  1.00 8.03  ? 128 ILE A CB    1 
ATOM   994  C CG1   . ILE A 1 150 ? -3.057  0.044   16.708  1.00 8.51  ? 128 ILE A CG1   1 
ATOM   995  C CG2   . ILE A 1 150 ? -2.576  -2.364  16.111  1.00 8.07  ? 128 ILE A CG2   1 
ATOM   996  C CD1   . ILE A 1 150 ? -2.390  -0.044  18.055  1.00 10.48 ? 128 ILE A CD1   1 
ATOM   997  N N     . VAL A 1 151 ? -4.612  -3.009  13.342  1.00 6.65  ? 129 VAL A N     1 
ATOM   998  C CA    . VAL A 1 151 ? -5.262  -4.213  12.776  1.00 6.58  ? 129 VAL A CA    1 
ATOM   999  C C     . VAL A 1 151 ? -4.391  -5.420  13.062  1.00 7.40  ? 129 VAL A C     1 
ATOM   1000 O O     . VAL A 1 151 ? -3.351  -5.568  12.421  1.00 7.20  ? 129 VAL A O     1 
ATOM   1001 C CB    . VAL A 1 151 ? -5.538  -4.028  11.279  1.00 6.62  ? 129 VAL A CB    1 
ATOM   1002 C CG1   . VAL A 1 151 ? -6.184  -5.272  10.691  1.00 6.95  ? 129 VAL A CG1   1 
ATOM   1003 C CG2   . VAL A 1 151 ? -6.380  -2.788  11.046  1.00 7.56  ? 129 VAL A CG2   1 
ATOM   1004 N N     . THR A 1 152 ? -4.784  -6.209  14.059  1.00 8.21  ? 130 THR A N     1 
ATOM   1005 C CA    . THR A 1 152 ? -3.966  -7.346  14.536  1.00 8.43  ? 130 THR A CA    1 
ATOM   1006 C C     . THR A 1 152 ? -4.575  -8.660  14.057  1.00 8.81  ? 130 THR A C     1 
ATOM   1007 O O     . THR A 1 152 ? -3.954  -9.698  14.274  1.00 9.11  ? 130 THR A O     1 
ATOM   1008 C CB    . THR A 1 152 ? -3.844  -7.357  16.058  1.00 9.53  ? 130 THR A CB    1 
ATOM   1009 O OG1   . THR A 1 152 ? -5.131  -7.726  16.560  1.00 10.24 ? 130 THR A OG1   1 
ATOM   1010 C CG2   . THR A 1 152 ? -3.389  -6.029  16.616  1.00 10.16 ? 130 THR A CG2   1 
ATOM   1011 N N     . LYS A 1 153 ? -5.765  -8.594  13.479  1.00 8.83  ? 131 LYS A N     1 
ATOM   1012 C CA    . LYS A 1 153 ? -6.495  -9.779  12.970  1.00 9.82  ? 131 LYS A CA    1 
ATOM   1013 C C     . LYS A 1 153 ? -7.104  -9.427  11.627  1.00 9.13  ? 131 LYS A C     1 
ATOM   1014 O O     . LYS A 1 153 ? -7.354  -8.246  11.379  1.00 9.23  ? 131 LYS A O     1 
ATOM   1015 C CB    . LYS A 1 153 ? -7.587  -10.209 13.948  1.00 12.64 ? 131 LYS A CB    1 
ATOM   1016 C CG    . LYS A 1 153 ? -7.035  -10.765 15.252  1.00 15.68 ? 131 LYS A CG    1 
ATOM   1017 C CD    . LYS A 1 153 ? -8.084  -11.359 16.162  1.00 19.83 ? 131 LYS A CD    1 
ATOM   1018 C CE    . LYS A 1 153 ? -7.497  -11.915 17.442  1.00 21.93 ? 131 LYS A CE    1 
ATOM   1019 N NZ    . LYS A 1 153 ? -6.761  -10.882 18.205  1.00 23.06 ? 131 LYS A NZ    1 
ATOM   1020 N N     . ASP A 1 154 ? -7.343  -10.436 10.804  1.00 9.03  ? 132 ASP A N     1 
ATOM   1021 C CA    . ASP A 1 154 ? -7.993  -10.223 9.495   1.00 8.47  ? 132 ASP A CA    1 
ATOM   1022 C C     . ASP A 1 154 ? -9.299  -9.450  9.679   1.00 8.40  ? 132 ASP A C     1 
ATOM   1023 O O     . ASP A 1 154 ? -9.989  -9.618  10.687  1.00 10.14 ? 132 ASP A O     1 
ATOM   1024 C CB    . ASP A 1 154 ? -8.249  -11.535 8.771   1.00 8.91  ? 132 ASP A CB    1 
ATOM   1025 C CG    . ASP A 1 154 ? -6.998  -12.247 8.315   1.00 11.43 ? 132 ASP A CG    1 
ATOM   1026 O OD1   . ASP A 1 154 ? -5.907  -11.667 8.423   1.00 12.20 ? 132 ASP A OD1   1 
ATOM   1027 O OD2   . ASP A 1 154 ? -7.141  -13.395 7.855   1.00 14.37 ? 132 ASP A OD2   1 
ATOM   1028 N N     . VAL A 1 155 ? -9.646  -8.664  8.677   1.00 7.75  ? 133 VAL A N     1 
ATOM   1029 C CA    . VAL A 1 155 ? -10.930 -7.939  8.622   1.00 8.07  ? 133 VAL A CA    1 
ATOM   1030 C C     . VAL A 1 155 ? -11.740 -8.517  7.472   1.00 6.63  ? 133 VAL A C     1 
ATOM   1031 O O     . VAL A 1 155 ? -11.213 -8.669  6.345   1.00 7.74  ? 133 VAL A O     1 
ATOM   1032 C CB    . VAL A 1 155 ? -10.726 -6.427  8.455   1.00 7.28  ? 133 VAL A CB    1 
ATOM   1033 C CG1   . VAL A 1 155 ? -12.041 -5.691  8.359   1.00 7.52  ? 133 VAL A CG1   1 
ATOM   1034 C CG2   . VAL A 1 155 ? -9.892  -5.877  9.601   1.00 8.04  ? 133 VAL A CG2   1 
ATOM   1035 N N     . LEU A 1 156 ? -12.968 -8.918  7.788   1.00 7.45  ? 134 LEU A N     1 
ATOM   1036 C CA    . LEU A 1 156 ? -13.846 -9.586  6.807   1.00 7.75  ? 134 LEU A CA    1 
ATOM   1037 C C     . LEU A 1 156 ? -14.231 -8.617  5.703   1.00 8.45  ? 134 LEU A C     1 
ATOM   1038 O O     . LEU A 1 156 ? -14.245 -7.396  5.874   1.00 7.56  ? 134 LEU A O     1 
ATOM   1039 C CB    . LEU A 1 156 ? -15.073 -10.104 7.550   1.00 8.83  ? 134 LEU A CB    1 
ATOM   1040 C CG    . LEU A 1 156 ? -14.824 -11.303 8.456   1.00 9.60  ? 134 LEU A CG    1 
ATOM   1041 C CD1   . LEU A 1 156 ? -16.044 -11.568 9.339   1.00 10.10 ? 134 LEU A CD1   1 
ATOM   1042 C CD2   . LEU A 1 156 ? -14.486 -12.537 7.640   1.00 10.84 ? 134 LEU A CD2   1 
ATOM   1043 N N     . PRO A 1 157 ? -14.626 -9.159  4.535   1.00 7.26  ? 135 PRO A N     1 
ATOM   1044 C CA    . PRO A 1 157 ? -15.134 -8.327  3.456   1.00 7.06  ? 135 PRO A CA    1 
ATOM   1045 C C     . PRO A 1 157 ? -16.246 -7.399  3.947   1.00 7.65  ? 135 PRO A C     1 
ATOM   1046 O O     . PRO A 1 157 ? -17.109 -7.812  4.709   1.00 7.36  ? 135 PRO A O     1 
ATOM   1047 C CB    . PRO A 1 157 ? -15.659 -9.347  2.447   1.00 7.80  ? 135 PRO A CB    1 
ATOM   1048 C CG    . PRO A 1 157 ? -14.808 -10.564 2.674   1.00 8.23  ? 135 PRO A CG    1 
ATOM   1049 C CD    . PRO A 1 157 ? -14.582 -10.582 4.175   1.00 7.82  ? 135 PRO A CD    1 
ATOM   1050 N N     . HIS A 1 158 ? -16.210 -6.155  3.496   1.00 6.96  ? 136 HIS A N     1 
ATOM   1051 C CA    . HIS A 1 158 ? -17.288 -5.156  3.671   1.00 6.56  ? 136 HIS A CA    1 
ATOM   1052 C C     . HIS A 1 158 ? -17.461 -4.747  5.140   1.00 6.50  ? 136 HIS A C     1 
ATOM   1053 O O     . HIS A 1 158 ? -18.413 -4.012  5.431   1.00 8.37  ? 136 HIS A O     1 
ATOM   1054 C CB    . HIS A 1 158 ? -18.607 -5.687  3.093   1.00 6.79  ? 136 HIS A CB    1 
ATOM   1055 C CG    . HIS A 1 158 ? -18.566 -5.886  1.616   1.00 6.97  ? 136 HIS A CG    1 
ATOM   1056 N ND1   . HIS A 1 158 ? -19.158 -5.011  0.751   1.00 7.69  ? 136 HIS A ND1   1 
ATOM   1057 C CD2   . HIS A 1 158 ? -17.990 -6.852  0.861   1.00 6.67  ? 136 HIS A CD2   1 
ATOM   1058 C CE1   . HIS A 1 158 ? -18.952 -5.421  -0.493  1.00 7.07  ? 136 HIS A CE1   1 
ATOM   1059 N NE2   . HIS A 1 158 ? -18.231 -6.540  -0.451  1.00 7.65  ? 136 HIS A NE2   1 
ATOM   1060 N N     . VAL A 1 159 ? -16.543 -5.115  6.024   1.00 6.58  ? 137 VAL A N     1 
ATOM   1061 C CA    . VAL A 1 159 ? -16.670 -4.777  7.463   1.00 6.98  ? 137 VAL A CA    1 
ATOM   1062 C C     . VAL A 1 159 ? -15.972 -3.442  7.704   1.00 6.41  ? 137 VAL A C     1 
ATOM   1063 O O     . VAL A 1 159 ? -14.898 -3.195  7.122   1.00 7.21  ? 137 VAL A O     1 
ATOM   1064 C CB    . VAL A 1 159 ? -16.119 -5.912  8.337   1.00 8.20  ? 137 VAL A CB    1 
ATOM   1065 C CG1   . VAL A 1 159 ? -15.810 -5.453  9.745   1.00 8.60  ? 137 VAL A CG1   1 
ATOM   1066 C CG2   . VAL A 1 159 ? -17.106 -7.072  8.369   1.00 8.55  ? 137 VAL A CG2   1 
ATOM   1067 N N     . THR A 1 160 ? -16.586 -2.629  8.548   1.00 6.78  ? 138 THR A N     1 
ATOM   1068 C CA    . THR A 1 160 ? -15.949 -1.419  9.109   1.00 7.81  ? 138 THR A CA    1 
ATOM   1069 C C     . THR A 1 160 ? -15.291 -1.784  10.435  1.00 7.71  ? 138 THR A C     1 
ATOM   1070 O O     . THR A 1 160 ? -16.003 -2.277  11.334  1.00 9.70  ? 138 THR A O     1 
ATOM   1071 C CB    . THR A 1 160 ? -16.951 -0.280  9.263   1.00 8.44  ? 138 THR A CB    1 
ATOM   1072 O OG1   . THR A 1 160 ? -17.447 0.039   7.963   1.00 10.03 ? 138 THR A OG1   1 
ATOM   1073 C CG2   . THR A 1 160 ? -16.316 0.919   9.932   1.00 8.32  ? 138 THR A CG2   1 
ATOM   1074 N N     . TYR A 1 161 ? -13.977 -1.623  10.538  1.00 7.22  ? 139 TYR A N     1 
ATOM   1075 C CA    . TYR A 1 161 ? -13.219 -1.941  11.764  1.00 6.92  ? 139 TYR A CA    1 
ATOM   1076 C C     . TYR A 1 161 ? -12.498 -0.681  12.239  1.00 7.57  ? 139 TYR A C     1 
ATOM   1077 O O     . TYR A 1 161 ? -11.821 -0.042  11.460  1.00 7.42  ? 139 TYR A O     1 
ATOM   1078 C CB    . TYR A 1 161 ? -12.221 -3.088  11.582  1.00 8.19  ? 139 TYR A CB    1 
ATOM   1079 C CG    . TYR A 1 161 ? -11.332 -3.217  12.793  1.00 9.40  ? 139 TYR A CG    1 
ATOM   1080 C CD1   . TYR A 1 161 ? -11.802 -3.810  13.956  1.00 11.10 ? 139 TYR A CD1   1 
ATOM   1081 C CD2   . TYR A 1 161 ? -10.093 -2.601  12.834  1.00 9.38  ? 139 TYR A CD2   1 
ATOM   1082 C CE1   . TYR A 1 161 ? -11.030 -3.848  15.109  1.00 12.23 ? 139 TYR A CE1   1 
ATOM   1083 C CE2   . TYR A 1 161 ? -9.307  -2.641  13.971  1.00 10.75 ? 139 TYR A CE2   1 
ATOM   1084 C CZ    . TYR A 1 161 ? -9.786  -3.244  15.119  1.00 12.37 ? 139 TYR A CZ    1 
ATOM   1085 O OH    . TYR A 1 161 ? -9.011  -3.238  16.253  1.00 15.56 ? 139 TYR A OH    1 
ATOM   1086 N N     . TYR A 1 162 ? -12.624 -0.352  13.520  1.00 7.29  ? 140 TYR A N     1 
ATOM   1087 C CA    . TYR A 1 162 ? -11.761 0.689   14.125  1.00 8.73  ? 140 TYR A CA    1 
ATOM   1088 C C     . TYR A 1 162 ? -11.448 0.294   15.556  1.00 9.93  ? 140 TYR A C     1 
ATOM   1089 O O     . TYR A 1 162 ? -12.152 -0.537  16.138  1.00 10.21 ? 140 TYR A O     1 
ATOM   1090 C CB    . TYR A 1 162 ? -12.409 2.066   14.048  1.00 9.42  ? 140 TYR A CB    1 
ATOM   1091 C CG    . TYR A 1 162 ? -13.833 2.123   14.523  1.00 9.85  ? 140 TYR A CG    1 
ATOM   1092 C CD1   . TYR A 1 162 ? -14.141 2.310   15.861  1.00 10.86 ? 140 TYR A CD1   1 
ATOM   1093 C CD2   . TYR A 1 162 ? -14.868 2.047   13.611  1.00 11.57 ? 140 TYR A CD2   1 
ATOM   1094 C CE1   . TYR A 1 162 ? -15.456 2.362   16.286  1.00 12.51 ? 140 TYR A CE1   1 
ATOM   1095 C CE2   . TYR A 1 162 ? -16.185 2.112   14.016  1.00 13.94 ? 140 TYR A CE2   1 
ATOM   1096 C CZ    . TYR A 1 162 ? -16.473 2.284   15.354  1.00 13.70 ? 140 TYR A CZ    1 
ATOM   1097 O OH    . TYR A 1 162 ? -17.775 2.329   15.765  1.00 18.24 ? 140 TYR A OH    1 
ATOM   1098 N N     . SER A 1 163 ? -10.351 0.831   16.064  1.00 10.45 ? 141 SER A N     1 
ATOM   1099 C CA    . SER A 1 163 ? -9.810  0.517   17.407  1.00 12.38 ? 141 SER A CA    1 
ATOM   1100 C C     . SER A 1 163 ? -10.535 1.382   18.438  1.00 17.04 ? 141 SER A C     1 
ATOM   1101 O O     . SER A 1 163 ? -10.886 2.507   18.107  1.00 21.42 ? 141 SER A O     1 
ATOM   1102 C CB    . SER A 1 163 ? -8.317  0.726   17.447  1.00 12.40 ? 141 SER A CB    1 
ATOM   1103 O OG    . SER A 1 163 ? -7.665  -0.221  16.619  1.00 12.31 ? 141 SER A OG    1 
ATOM   1104 N N     . LYS A 1 164 ? -10.725 0.873   19.656  1.00 25.55 ? 142 LYS A N     1 
ATOM   1105 C CA    . LYS A 1 164 ? -11.454 1.589   20.737  1.00 30.49 ? 142 LYS A CA    1 
ATOM   1106 C C     . LYS A 1 164 ? -10.507 2.636   21.338  1.00 28.96 ? 142 LYS A C     1 
ATOM   1107 O O     . LYS A 1 164 ? -9.313  2.317   21.497  1.00 35.62 ? 142 LYS A O     1 
ATOM   1108 C CB    . LYS A 1 164 ? -11.970 0.591   21.783  1.00 37.39 ? 142 LYS A CB    1 
ATOM   1109 C CG    . LYS A 1 164 ? -13.446 0.732   22.137  1.00 46.77 ? 142 LYS A CG    1 
ATOM   1110 C CD    . LYS A 1 164 ? -14.096 -0.557  22.609  1.00 53.56 ? 142 LYS A CD    1 
ATOM   1111 C CE    . LYS A 1 164 ? -15.535 -0.701  22.157  1.00 57.83 ? 142 LYS A CE    1 
ATOM   1112 N NZ    . LYS A 1 164 ? -16.462 -0.901  23.298  1.00 59.35 ? 142 LYS A NZ    1 
ATOM   1113 N N     . ILE A 1 165 ? -11.004 3.845   21.617  1.00 28.20 ? 143 ILE A N     1 
ATOM   1114 C CA    . ILE A 1 165 ? -10.186 4.967   22.176  1.00 28.51 ? 143 ILE A CA    1 
ATOM   1115 C C     . ILE A 1 165 ? -10.773 5.410   23.523  1.00 31.13 ? 143 ILE A C     1 
ATOM   1116 O O     . ILE A 1 165 ? -10.300 6.384   24.119  1.00 31.67 ? 143 ILE A O     1 
ATOM   1117 C CB    . ILE A 1 165 ? -10.082 6.143   21.183  1.00 27.56 ? 143 ILE A CB    1 
ATOM   1118 C CG1   . ILE A 1 165 ? -11.393 6.920   21.042  1.00 33.25 ? 143 ILE A CG1   1 
ATOM   1119 C CG2   . ILE A 1 165 ? -9.548  5.669   19.841  1.00 29.45 ? 143 ILE A CG2   1 
ATOM   1120 C CD1   . ILE A 1 165 ? -12.512 6.150   20.380  1.00 34.16 ? 143 ILE A CD1   1 
ATOM   1121 O OXT   . ILE A 1 165 ? -11.723 4.820   24.043  1.00 36.05 ? 143 ILE A OXT   1 
HETATM 1122 P PA    A TYD B 2 .   ? 17.959  -4.717  4.306   0.50 20.89 ? 201 TYD A PA    1 
HETATM 1123 P PA    B TYD B 2 .   ? 18.036  -4.639  4.556   0.50 17.01 ? 201 TYD A PA    1 
HETATM 1124 O O1A   A TYD B 2 .   ? 18.352  -5.593  3.162   0.50 18.34 ? 201 TYD A O1A   1 
HETATM 1125 O O1A   B TYD B 2 .   ? 17.556  -5.768  3.699   0.50 16.10 ? 201 TYD A O1A   1 
HETATM 1126 O O2A   A TYD B 2 .   ? 16.738  -5.041  5.093   0.50 21.49 ? 201 TYD A O2A   1 
HETATM 1127 O O2A   B TYD B 2 .   ? 19.426  -4.681  5.099   0.50 18.77 ? 201 TYD A O2A   1 
HETATM 1128 O O3A   A TYD B 2 .   ? 19.140  -4.657  5.372   0.50 22.56 ? 201 TYD A O3A   1 
HETATM 1129 O O3A   B TYD B 2 .   ? 16.940  -4.521  5.727   0.50 14.89 ? 201 TYD A O3A   1 
HETATM 1130 P PB    A TYD B 2 .   ? 18.967  -4.771  6.964   0.50 19.84 ? 201 TYD A PB    1 
HETATM 1131 P PB    B TYD B 2 .   ? 16.755  -3.831  7.176   0.50 16.92 ? 201 TYD A PB    1 
HETATM 1132 O O1B   A TYD B 2 .   ? 17.496  -4.904  7.299   0.50 22.35 ? 201 TYD A O1B   1 
HETATM 1133 O O1B   B TYD B 2 .   ? 15.666  -4.611  7.880   0.50 19.29 ? 201 TYD A O1B   1 
HETATM 1134 O O2B   A TYD B 2 .   ? 19.544  -3.478  7.471   0.50 21.51 ? 201 TYD A O2B   1 
HETATM 1135 O O2B   B TYD B 2 .   ? 16.375  -2.388  6.961   0.50 9.17  ? 201 TYD A O2B   1 
HETATM 1136 O O3B   A TYD B 2 .   ? 19.763  -5.982  7.395   0.50 25.27 ? 201 TYD A O3B   1 
HETATM 1137 O O3B   B TYD B 2 .   ? 18.103  -3.969  7.832   0.50 19.72 ? 201 TYD A O3B   1 
HETATM 1138 O "O5'" A TYD B 2 .   ? 17.831  -3.213  3.760   0.50 11.99 ? 201 TYD A "O5'" 1 
HETATM 1139 O "O5'" B TYD B 2 .   ? 17.819  -3.242  3.771   0.50 10.84 ? 201 TYD A "O5'" 1 
HETATM 1140 C "C5'" A TYD B 2 .   ? 16.640  -2.985  2.991   0.50 9.48  ? 201 TYD A "C5'" 1 
HETATM 1141 C "C5'" B TYD B 2 .   ? 16.593  -3.039  3.049   0.50 8.94  ? 201 TYD A "C5'" 1 
HETATM 1142 C "C4'" A TYD B 2 .   ? 15.993  -1.724  3.496   0.50 7.91  ? 201 TYD A "C4'" 1 
HETATM 1143 C "C4'" B TYD B 2 .   ? 15.979  -1.741  3.509   0.50 7.68  ? 201 TYD A "C4'" 1 
HETATM 1144 O "O4'" A TYD B 2 .   ? 16.833  -0.595  3.166   0.50 6.99  ? 201 TYD A "O4'" 1 
HETATM 1145 O "O4'" B TYD B 2 .   ? 16.831  -0.628  3.150   0.50 6.94  ? 201 TYD A "O4'" 1 
HETATM 1146 C "C3'" A TYD B 2 .   ? 14.642  -1.394  2.883   0.50 7.41  ? 201 TYD A "C3'" 1 
HETATM 1147 C "C3'" B TYD B 2 .   ? 14.634  -1.402  2.886   0.50 7.32  ? 201 TYD A "C3'" 1 
HETATM 1148 O "O3'" A TYD B 2 .   ? 13.575  -2.060  3.554   0.50 7.56  ? 201 TYD A "O3'" 1 
HETATM 1149 O "O3'" B TYD B 2 .   ? 13.560  -2.061  3.549   0.50 7.51  ? 201 TYD A "O3'" 1 
HETATM 1150 C "C2'" A TYD B 2 .   ? 14.576  0.108   3.114   0.50 7.02  ? 201 TYD A "C2'" 1 
HETATM 1151 C "C2'" B TYD B 2 .   ? 14.580  0.101   3.115   0.50 6.97  ? 201 TYD A "C2'" 1 
HETATM 1152 C "C1'" A TYD B 2 .   ? 16.027  0.546   2.912   0.50 6.65  ? 201 TYD A "C1'" 1 
HETATM 1153 C "C1'" B TYD B 2 .   ? 16.034  0.527   2.910   0.50 6.63  ? 201 TYD A "C1'" 1 
HETATM 1154 N N1    A TYD B 2 .   ? 16.292  1.016   1.537   0.50 6.32  ? 201 TYD A N1    1 
HETATM 1155 N N1    B TYD B 2 .   ? 16.296  1.008   1.537   0.50 6.31  ? 201 TYD A N1    1 
HETATM 1156 C C2    A TYD B 2 .   ? 15.892  2.296   1.254   0.50 6.09  ? 201 TYD A C2    1 
HETATM 1157 C C2    B TYD B 2 .   ? 15.895  2.290   1.258   0.50 6.07  ? 201 TYD A C2    1 
HETATM 1158 O O2    A TYD B 2 .   ? 15.411  3.027   2.109   0.50 6.13  ? 201 TYD A O2    1 
HETATM 1159 O O2    B TYD B 2 .   ? 15.414  3.020   2.113   0.50 6.12  ? 201 TYD A O2    1 
HETATM 1160 N N3    A TYD B 2 .   ? 16.082  2.693   -0.042  0.50 6.06  ? 201 TYD A N3    1 
HETATM 1161 N N3    B TYD B 2 .   ? 16.084  2.691   -0.037  0.50 6.05  ? 201 TYD A N3    1 
HETATM 1162 C C4    A TYD B 2 .   ? 16.602  1.927   -1.068  0.50 6.02  ? 201 TYD A C4    1 
HETATM 1163 C C4    B TYD B 2 .   ? 16.602  1.927   -1.067  0.50 6.01  ? 201 TYD A C4    1 
HETATM 1164 O O4    A TYD B 2 .   ? 16.697  2.402   -2.198  0.50 6.67  ? 201 TYD A O4    1 
HETATM 1165 O O4    B TYD B 2 .   ? 16.696  2.404   -2.195  0.50 6.67  ? 201 TYD A O4    1 
HETATM 1166 C C5    A TYD B 2 .   ? 16.991  0.585   -0.707  0.50 6.30  ? 201 TYD A C5    1 
HETATM 1167 C C5    B TYD B 2 .   ? 16.992  0.584   -0.708  0.50 6.30  ? 201 TYD A C5    1 
HETATM 1168 C C5M   A TYD B 2 .   ? 17.582  -0.297  -1.770  0.50 6.39  ? 201 TYD A C5M   1 
HETATM 1169 C C5M   B TYD B 2 .   ? 17.581  -0.296  -1.774  0.50 6.39  ? 201 TYD A C5M   1 
HETATM 1170 C C6    A TYD B 2 .   ? 16.819  0.191   0.562   0.50 6.23  ? 201 TYD A C6    1 
HETATM 1171 C C6    B TYD B 2 .   ? 16.821  0.186   0.559   0.50 6.22  ? 201 TYD A C6    1 
HETATM 1172 N N1A   . ACO C 3 .   ? -1.290  -3.711  19.454  1.00 8.40  ? 202 ACO A N1A   1 
HETATM 1173 C C2A   . ACO C 3 .   ? -2.433  -4.053  20.069  1.00 9.86  ? 202 ACO A C2A   1 
HETATM 1174 N N3A   . ACO C 3 .   ? -2.810  -5.310  20.379  1.00 10.09 ? 202 ACO A N3A   1 
HETATM 1175 C C4A   . ACO C 3 .   ? -1.967  -6.291  20.046  1.00 9.55  ? 202 ACO A C4A   1 
HETATM 1176 C C5A   . ACO C 3 .   ? -0.709  -6.015  19.355  1.00 9.04  ? 202 ACO A C5A   1 
HETATM 1177 C C6A   . ACO C 3 .   ? -0.412  -4.625  19.074  1.00 8.71  ? 202 ACO A C6A   1 
HETATM 1178 N N6A   . ACO C 3 .   ? 0.712   -4.278  18.431  1.00 7.17  ? 202 ACO A N6A   1 
HETATM 1179 N N7A   . ACO C 3 .   ? -0.057  -7.173  19.141  1.00 10.40 ? 202 ACO A N7A   1 
HETATM 1180 C C8A   . ACO C 3 .   ? -0.848  -8.136  19.681  1.00 11.81 ? 202 ACO A C8A   1 
HETATM 1181 N N9A   . ACO C 3 .   ? -1.964  -7.598  20.193  1.00 10.53 ? 202 ACO A N9A   1 
HETATM 1182 C C1B   . ACO C 3 .   ? -3.061  -8.321  20.855  1.00 11.35 ? 202 ACO A C1B   1 
HETATM 1183 C C2B   . ACO C 3 .   ? -3.646  -9.329  19.914  1.00 11.26 ? 202 ACO A C2B   1 
HETATM 1184 O O2B   . ACO C 3 .   ? -4.749  -8.757  19.187  1.00 13.46 ? 202 ACO A O2B   1 
HETATM 1185 C C3B   . ACO C 3 .   ? -4.042  -10.489 20.838  1.00 11.91 ? 202 ACO A C3B   1 
HETATM 1186 O O3B   . ACO C 3 .   ? -5.334  -10.198 21.355  1.00 14.06 ? 202 ACO A O3B   1 
HETATM 1187 P P3B   . ACO C 3 .   ? -6.306  -11.420 21.850  1.00 16.07 ? 202 ACO A P3B   1 
HETATM 1188 O O7A   . ACO C 3 .   ? -6.533  -12.252 20.640  1.00 17.87 ? 202 ACO A O7A   1 
HETATM 1189 O O8A   . ACO C 3 .   ? -7.447  -10.622 22.344  1.00 20.02 ? 202 ACO A O8A   1 
HETATM 1190 O O9A   . ACO C 3 .   ? -5.541  -12.212 22.880  1.00 21.39 ? 202 ACO A O9A   1 
HETATM 1191 C C4B   . ACO C 3 .   ? -3.025  -10.399 21.957  1.00 10.88 ? 202 ACO A C4B   1 
HETATM 1192 O O4B   . ACO C 3 .   ? -2.453  -9.073  21.891  1.00 12.02 ? 202 ACO A O4B   1 
HETATM 1193 C C5B   . ACO C 3 .   ? -1.923  -11.415 21.800  1.00 12.80 ? 202 ACO A C5B   1 
HETATM 1194 O O5B   . ACO C 3 .   ? -1.480  -11.388 20.439  1.00 13.13 ? 202 ACO A O5B   1 
HETATM 1195 P P1A   . ACO C 3 .   ? -0.280  -12.294 19.965  1.00 15.96 ? 202 ACO A P1A   1 
HETATM 1196 O O1A   . ACO C 3 .   ? -0.166  -12.147 18.460  1.00 16.78 ? 202 ACO A O1A   1 
HETATM 1197 O O2A   . ACO C 3 .   ? -0.450  -13.680 20.603  1.00 16.24 ? 202 ACO A O2A   1 
HETATM 1198 O O3A   . ACO C 3 .   ? 0.884   -11.644 20.724  1.00 14.38 ? 202 ACO A O3A   1 
HETATM 1199 P P2A   . ACO C 3 .   ? 2.405   -11.914 20.326  1.00 16.02 ? 202 ACO A P2A   1 
HETATM 1200 O O4A   . ACO C 3 .   ? 2.515   -13.139 19.451  1.00 17.24 ? 202 ACO A O4A   1 
HETATM 1201 O O5A   . ACO C 3 .   ? 3.007   -11.695 21.621  1.00 11.42 ? 202 ACO A O5A   1 
HETATM 1202 O O6A   . ACO C 3 .   ? 2.889   -10.631 19.442  1.00 14.31 ? 202 ACO A O6A   1 
HETATM 1203 C CBP   . ACO C 3 .   ? 3.791   -8.396  19.352  1.00 8.80  ? 202 ACO A CBP   1 
HETATM 1204 C CCP   . ACO C 3 .   ? 2.965   -9.417  20.092  1.00 12.76 ? 202 ACO A CCP   1 
HETATM 1205 C CDP   . ACO C 3 .   ? 3.507   -7.139  20.166  1.00 10.45 ? 202 ACO A CDP   1 
HETATM 1206 C CEP   . ACO C 3 .   ? 5.292   -8.631  19.323  1.00 9.27  ? 202 ACO A CEP   1 
HETATM 1207 C CAP   . ACO C 3 .   ? 3.342   -8.184  17.864  1.00 7.66  ? 202 ACO A CAP   1 
HETATM 1208 O OAP   . ACO C 3 .   ? 1.922   -8.231  17.687  1.00 8.66  ? 202 ACO A OAP   1 
HETATM 1209 C C9P   . ACO C 3 .   ? 3.813   -6.874  17.283  1.00 6.73  ? 202 ACO A C9P   1 
HETATM 1210 O O9P   . ACO C 3 .   ? 3.181   -5.830  17.464  1.00 6.50  ? 202 ACO A O9P   1 
HETATM 1211 N N8P   . ACO C 3 .   ? 4.956   -6.958  16.607  1.00 6.78  ? 202 ACO A N8P   1 
HETATM 1212 C C7P   . ACO C 3 .   ? 5.590   -5.809  15.967  1.00 6.20  ? 202 ACO A C7P   1 
HETATM 1213 C C6P   . ACO C 3 .   ? 5.591   -5.961  14.449  1.00 6.44  ? 202 ACO A C6P   1 
HETATM 1214 C C5P   . ACO C 3 .   ? 6.286   -4.795  13.770  1.00 6.36  ? 202 ACO A C5P   1 
HETATM 1215 O O5P   . ACO C 3 .   ? 5.977   -3.633  14.090  1.00 7.00  ? 202 ACO A O5P   1 
HETATM 1216 N N4P   . ACO C 3 .   ? 7.180   -5.112  12.835  1.00 6.29  ? 202 ACO A N4P   1 
HETATM 1217 C C3P   . ACO C 3 .   ? 7.895   -4.105  12.059  1.00 7.16  ? 202 ACO A C3P   1 
HETATM 1218 C C2P   . ACO C 3 .   ? 9.114   -4.713  11.369  1.00 7.06  ? 202 ACO A C2P   1 
HETATM 1219 S S1P   . ACO C 3 .   ? 9.706   -3.664  10.071  1.00 7.81  ? 202 ACO A S1P   1 
HETATM 1220 C C     . ACO C 3 .   ? 8.629   -4.125  8.835   1.00 7.40  ? 202 ACO A C     1 
HETATM 1221 O O     . ACO C 3 .   ? 7.801   -5.004  9.046   1.00 8.34  ? 202 ACO A O     1 
HETATM 1222 C CH3   . ACO C 3 .   ? 8.791   -3.546  7.455   1.00 9.36  ? 202 ACO A CH3   1 
HETATM 1223 C C1    . EDO D 4 .   ? 3.227   -9.989  -3.972  1.00 28.17 ? 203 EDO A C1    1 
HETATM 1224 O O1    . EDO D 4 .   ? 4.025   -10.983 -4.585  1.00 30.32 ? 203 EDO A O1    1 
HETATM 1225 C C2    . EDO D 4 .   ? 3.503   -9.853  -2.525  1.00 24.48 ? 203 EDO A C2    1 
HETATM 1226 O O2    . EDO D 4 .   ? 3.125   -10.984 -1.745  1.00 25.31 ? 203 EDO A O2    1 
HETATM 1227 C C1    . EDO E 4 .   ? -13.144 -1.331  18.957  1.00 45.81 ? 204 EDO A C1    1 
HETATM 1228 O O1    . EDO E 4 .   ? -13.238 -2.229  17.868  1.00 40.25 ? 204 EDO A O1    1 
HETATM 1229 C C2    . EDO E 4 .   ? -14.059 -0.173  18.827  1.00 47.27 ? 204 EDO A C2    1 
HETATM 1230 O O2    . EDO E 4 .   ? -15.358 -0.432  19.321  1.00 51.39 ? 204 EDO A O2    1 
HETATM 1231 C C1    . EDO F 4 .   ? -15.554 -1.212  15.078  1.00 18.38 ? 205 EDO A C1    1 
HETATM 1232 O O1    . EDO F 4 .   ? -14.655 -2.293  14.928  1.00 17.25 ? 205 EDO A O1    1 
HETATM 1233 C C2    . EDO F 4 .   ? -16.911 -1.571  15.561  1.00 24.53 ? 205 EDO A C2    1 
HETATM 1234 O O2    . EDO F 4 .   ? -16.901 -2.117  16.866  1.00 29.31 ? 205 EDO A O2    1 
HETATM 1235 S S1    A MPO G 5 .   ? 10.726  -15.411 2.552   0.50 12.19 ? 206 MPO A S1    1 
HETATM 1236 O O1    A MPO G 5 .   ? 10.482  -16.533 1.688   0.50 12.86 ? 206 MPO A O1    1 
HETATM 1237 O O2    A MPO G 5 .   ? 9.577   -14.765 3.116   0.50 13.54 ? 206 MPO A O2    1 
HETATM 1238 O O4    A MPO G 5 .   ? 12.775  -7.814  2.563   0.50 7.28  ? 206 MPO A O4    1 
HETATM 1239 N N1    A MPO G 5 .   ? 12.949  -10.653 2.210   0.50 7.77  ? 206 MPO A N1    1 
HETATM 1240 C C1    A MPO G 5 .   ? 11.553  -14.188 1.575   0.50 10.42 ? 206 MPO A C1    1 
HETATM 1241 O O3    A MPO G 5 .   ? 11.751  -15.776 3.635   0.50 15.30 ? 206 MPO A O3    1 
HETATM 1242 C C2    A MPO G 5 .   ? 11.968  -12.971 2.379   0.50 9.24  ? 206 MPO A C2    1 
HETATM 1243 C C3    A MPO G 5 .   ? 12.572  -11.890 1.500   0.50 8.49  ? 206 MPO A C3    1 
HETATM 1244 C C4    A MPO G 5 .   ? 11.806  -10.010 2.866   0.50 7.90  ? 206 MPO A C4    1 
HETATM 1245 C C5    A MPO G 5 .   ? 12.220  -8.717  3.510   0.50 7.64  ? 206 MPO A C5    1 
HETATM 1246 C C6    A MPO G 5 .   ? 13.918  -8.415  1.965   0.50 7.85  ? 206 MPO A C6    1 
HETATM 1247 C C7    A MPO G 5 .   ? 13.555  -9.701  1.272   0.50 7.98  ? 206 MPO A C7    1 
HETATM 1248 O O     . HOH H 6 .   ? 20.084  -3.006  9.403   1.00 12.80 ? 301 HOH A O     1 
HETATM 1249 O O     . HOH H 6 .   ? -16.057 -7.271  -6.409  1.00 28.95 ? 302 HOH A O     1 
HETATM 1250 O O     . HOH H 6 .   ? 9.550   20.190  -9.062  1.00 30.88 ? 303 HOH A O     1 
HETATM 1251 O O     . HOH H 6 .   ? 18.029  -7.404  10.723  1.00 30.34 ? 304 HOH A O     1 
HETATM 1252 O O     . HOH H 6 .   ? -11.272 -5.202  -10.442 1.00 32.80 ? 305 HOH A O     1 
HETATM 1253 O O     . HOH H 6 .   ? -17.179 -7.891  -2.772  1.00 13.54 ? 306 HOH A O     1 
HETATM 1254 O O     . HOH H 6 .   ? 2.336   7.705   11.804  0.33 0.50  ? 307 HOH A O     1 
HETATM 1255 O O     . HOH H 6 .   ? -4.723  -11.498 25.147  1.00 30.92 ? 308 HOH A O     1 
HETATM 1256 O O     . HOH H 6 .   ? 12.541  -7.544  9.747   1.00 23.36 ? 309 HOH A O     1 
HETATM 1257 O O     . HOH H 6 .   ? -15.207 -0.357  -2.923  1.00 33.69 ? 310 HOH A O     1 
HETATM 1258 O O     . HOH H 6 .   ? 19.673  -7.541  17.224  1.00 39.46 ? 311 HOH A O     1 
HETATM 1259 O O     . HOH H 6 .   ? -0.802  0.032   -18.970 1.00 22.96 ? 312 HOH A O     1 
HETATM 1260 O O     . HOH H 6 .   ? -18.281 2.299   18.296  1.00 33.62 ? 313 HOH A O     1 
HETATM 1261 O O     . HOH H 6 .   ? 18.720  5.327   -6.404  1.00 16.85 ? 314 HOH A O     1 
HETATM 1262 O O     . HOH H 6 .   ? 16.647  -6.159  1.295   1.00 12.91 ? 315 HOH A O     1 
HETATM 1263 O O     . HOH H 6 .   ? -14.061 -2.464  -6.811  1.00 30.07 ? 316 HOH A O     1 
HETATM 1264 O O     . HOH H 6 .   ? 17.469  5.009   -9.412  1.00 25.43 ? 317 HOH A O     1 
HETATM 1265 O O     . HOH H 6 .   ? 13.855  -9.859  12.629  1.00 11.46 ? 318 HOH A O     1 
HETATM 1266 O O     . HOH H 6 .   ? 9.263   -11.105 -0.203  1.00 13.88 ? 319 HOH A O     1 
HETATM 1267 O O     . HOH H 6 .   ? 10.960  -5.822  3.663   1.00 9.35  ? 320 HOH A O     1 
HETATM 1268 O O     . HOH H 6 .   ? -5.858  -14.005 2.154   1.00 25.82 ? 321 HOH A O     1 
HETATM 1269 O O     . HOH H 6 .   ? -10.126 -13.674 -3.799  1.00 33.48 ? 322 HOH A O     1 
HETATM 1270 O O     . HOH H 6 .   ? -0.490  -11.973 -2.436  1.00 19.38 ? 323 HOH A O     1 
HETATM 1271 O O     . HOH H 6 .   ? -19.071 -1.698  6.572   1.00 15.64 ? 324 HOH A O     1 
HETATM 1272 O O     . HOH H 6 .   ? -7.791  1.611   -14.988 1.00 27.69 ? 325 HOH A O     1 
HETATM 1273 O O     . HOH H 6 .   ? 12.698  -12.266 17.004  1.00 18.53 ? 326 HOH A O     1 
HETATM 1274 O O     . HOH H 6 .   ? -3.922  -14.339 22.901  1.00 28.96 ? 327 HOH A O     1 
HETATM 1275 O O     . HOH H 6 .   ? -5.087  -6.068  -11.291 1.00 21.20 ? 328 HOH A O     1 
HETATM 1276 O O     . HOH H 6 .   ? -2.210  -10.748 -8.315  1.00 27.39 ? 329 HOH A O     1 
HETATM 1277 O O     . HOH H 6 .   ? 15.030  -11.329 3.755   1.00 19.28 ? 330 HOH A O     1 
HETATM 1278 O O     . HOH H 6 .   ? 11.154  -12.658 13.034  1.00 24.36 ? 331 HOH A O     1 
HETATM 1279 O O     . HOH H 6 .   ? 3.933   4.128   5.956   1.00 4.97  ? 332 HOH A O     1 
HETATM 1280 O O     . HOH H 6 .   ? 5.281   -12.662 -1.600  1.00 24.61 ? 333 HOH A O     1 
HETATM 1281 O O     . HOH H 6 .   ? -2.430  -3.421  -14.901 1.00 23.68 ? 334 HOH A O     1 
HETATM 1282 O O     . HOH H 6 .   ? 22.783  -5.437  7.710   1.00 29.37 ? 335 HOH A O     1 
HETATM 1283 O O     . HOH H 6 .   ? -12.588 -2.326  -11.027 1.00 37.31 ? 336 HOH A O     1 
HETATM 1284 O O     . HOH H 6 .   ? -10.462 -10.194 -4.998  1.00 18.13 ? 337 HOH A O     1 
HETATM 1285 O O     . HOH H 6 .   ? -4.852  -11.036 -5.882  1.00 16.84 ? 338 HOH A O     1 
HETATM 1286 O O     . HOH H 6 .   ? 2.821   -9.023  6.132   1.00 9.33  ? 339 HOH A O     1 
HETATM 1287 O O     . HOH H 6 .   ? 1.579   -11.447 23.919  1.00 32.06 ? 340 HOH A O     1 
HETATM 1288 O O     . HOH H 6 .   ? -13.495 -9.838  -6.953  1.00 24.69 ? 341 HOH A O     1 
HETATM 1289 O O     . HOH H 6 .   ? 13.704  -1.945  -13.677 1.00 30.12 ? 342 HOH A O     1 
HETATM 1290 O O     . HOH H 6 .   ? -2.052  5.616   14.575  1.00 13.32 ? 343 HOH A O     1 
HETATM 1291 O O     . HOH H 6 .   ? 5.622   8.000   6.630   1.00 21.61 ? 344 HOH A O     1 
HETATM 1292 O O     . HOH H 6 .   ? -13.351 -11.895 -3.132  1.00 20.59 ? 345 HOH A O     1 
HETATM 1293 O O     . HOH H 6 .   ? 11.050  -6.264  7.812   1.00 15.55 ? 346 HOH A O     1 
HETATM 1294 O O     . HOH H 6 .   ? 18.129  1.973   -4.475  1.00 8.56  ? 347 HOH A O     1 
HETATM 1295 O O     . HOH H 6 .   ? -1.252  -9.958  14.513  1.00 18.26 ? 348 HOH A O     1 
HETATM 1296 O O     . HOH H 6 .   ? -2.191  2.991   14.487  1.00 11.10 ? 349 HOH A O     1 
HETATM 1297 O O     . HOH H 6 .   ? 15.166  13.756  -11.972 1.00 27.42 ? 350 HOH A O     1 
HETATM 1298 O O     . HOH H 6 .   ? -18.650 -9.953  5.400   1.00 9.55  ? 351 HOH A O     1 
HETATM 1299 O O     . HOH H 6 .   ? 0.854   -10.790 12.840  1.00 15.03 ? 352 HOH A O     1 
HETATM 1300 O O     . HOH H 6 .   ? 13.711  -6.195  -1.580  1.00 7.78  ? 353 HOH A O     1 
HETATM 1301 O O     . HOH H 6 .   ? 14.821  -4.395  0.104   1.00 9.77  ? 354 HOH A O     1 
HETATM 1302 O O     . HOH H 6 .   ? 5.574   -12.320 22.374  1.00 22.31 ? 355 HOH A O     1 
HETATM 1303 O O     . HOH H 6 .   ? 1.957   -2.792  -14.574 1.00 16.51 ? 356 HOH A O     1 
HETATM 1304 O O     . HOH H 6 .   ? -18.628 -2.188  12.147  1.00 27.42 ? 357 HOH A O     1 
HETATM 1305 O O     . HOH H 6 .   ? 8.023   7.054   3.611   1.00 8.98  ? 358 HOH A O     1 
HETATM 1306 O O     . HOH H 6 .   ? 9.360   3.487   -15.089 1.00 25.71 ? 359 HOH A O     1 
HETATM 1307 O O     . HOH H 6 .   ? 11.639  -3.083  -13.481 1.00 18.76 ? 360 HOH A O     1 
HETATM 1308 O O     . HOH H 6 .   ? 2.851   6.657   9.753   1.00 6.49  ? 361 HOH A O     1 
HETATM 1309 O O     . HOH H 6 .   ? -2.602  14.810  -11.006 1.00 24.08 ? 362 HOH A O     1 
HETATM 1310 O O     . HOH H 6 .   ? -0.783  -4.777  -11.153 1.00 17.12 ? 363 HOH A O     1 
HETATM 1311 O O     . HOH H 6 .   ? 4.143   8.071   7.350   1.00 11.39 ? 364 HOH A O     1 
HETATM 1312 O O     . HOH H 6 .   ? -4.092  -13.311 9.695   1.00 19.99 ? 365 HOH A O     1 
HETATM 1313 O O     . HOH H 6 .   ? -10.586 -11.821 12.239  1.00 28.39 ? 366 HOH A O     1 
HETATM 1314 O O     . HOH H 6 .   ? 4.670   1.027   6.181   1.00 5.61  ? 367 HOH A O     1 
HETATM 1315 O O     . HOH H 6 .   ? 6.450   -12.447 10.766  1.00 19.15 ? 368 HOH A O     1 
HETATM 1316 O O     . HOH H 6 .   ? -4.437  -13.440 6.499   1.00 16.26 ? 369 HOH A O     1 
HETATM 1317 O O     . HOH H 6 .   ? -17.779 2.573   6.886   1.00 17.91 ? 370 HOH A O     1 
HETATM 1318 O O     . HOH H 6 .   ? -1.242  -14.970 7.913   1.00 27.63 ? 371 HOH A O     1 
HETATM 1319 O O     . HOH H 6 .   ? -2.828  -6.907  -7.116  1.00 12.81 ? 372 HOH A O     1 
HETATM 1320 O O     . HOH H 6 .   ? -6.548  -13.734 -2.058  1.00 30.07 ? 373 HOH A O     1 
HETATM 1321 O O     . HOH H 6 .   ? -2.910  -12.068 13.259  1.00 30.73 ? 374 HOH A O     1 
HETATM 1322 O O     . HOH H 6 .   ? -15.570 -4.367  13.118  1.00 19.48 ? 375 HOH A O     1 
HETATM 1323 O O     . HOH H 6 .   ? 17.687  -0.585  -5.577  1.00 10.06 ? 376 HOH A O     1 
HETATM 1324 O O     . HOH H 6 .   ? -15.046 -4.488  -3.878  1.00 30.42 ? 377 HOH A O     1 
HETATM 1325 O O     . HOH H 6 .   ? -7.044  -0.579  -15.698 1.00 28.30 ? 378 HOH A O     1 
HETATM 1326 O O     . HOH H 6 .   ? 15.462  13.148  -8.110  1.00 12.74 ? 379 HOH A O     1 
HETATM 1327 O O     . HOH H 6 .   ? 14.612  13.698  -5.522  1.00 8.42  ? 380 HOH A O     1 
HETATM 1328 O O     . HOH H 6 .   ? -0.453  -9.737  17.062  1.00 17.59 ? 381 HOH A O     1 
HETATM 1329 O O     . HOH H 6 .   ? 15.549  7.002   -10.406 1.00 26.05 ? 382 HOH A O     1 
HETATM 1330 O O     . HOH H 6 .   ? 12.866  -4.630  7.662   1.00 23.44 ? 383 HOH A O     1 
HETATM 1331 O O     . HOH H 6 .   ? -3.724  5.136   17.019  1.00 17.87 ? 384 HOH A O     1 
HETATM 1332 O O     . HOH H 6 .   ? 11.118  11.416  -13.748 1.00 15.14 ? 385 HOH A O     1 
HETATM 1333 O O     . HOH H 6 .   ? 6.995   -10.506 3.460   1.00 14.32 ? 386 HOH A O     1 
HETATM 1334 O O     . HOH H 6 .   ? -17.712 0.851   -2.126  1.00 22.53 ? 387 HOH A O     1 
HETATM 1335 O O     . HOH H 6 .   ? -11.331 2.156   -2.159  1.00 7.18  ? 388 HOH A O     1 
HETATM 1336 O O     . HOH H 6 .   ? 12.641  10.661  -11.560 1.00 12.18 ? 389 HOH A O     1 
HETATM 1337 O O     . HOH H 6 .   ? 15.667  10.458  -8.708  1.00 21.52 ? 390 HOH A O     1 
HETATM 1338 O O     . HOH H 6 .   ? -0.125  -13.040 14.187  1.00 27.27 ? 391 HOH A O     1 
HETATM 1339 O O     . HOH H 6 .   ? 20.192  -5.606  1.004   1.00 27.95 ? 392 HOH A O     1 
HETATM 1340 O O     . HOH H 6 .   ? 0.642   -10.898 -0.379  1.00 18.30 ? 393 HOH A O     1 
HETATM 1341 O O     . HOH H 6 .   ? -1.687  -12.297 10.936  1.00 15.67 ? 394 HOH A O     1 
HETATM 1342 O O     . HOH H 6 .   ? 2.945   3.021   -18.733 1.00 30.00 ? 395 HOH A O     1 
HETATM 1343 O O     . HOH H 6 .   ? -10.945 -11.147 4.971   1.00 14.83 ? 396 HOH A O     1 
HETATM 1344 O O     . HOH H 6 .   ? 12.705  -11.533 20.034  1.00 27.92 ? 397 HOH A O     1 
HETATM 1345 O O     . HOH H 6 .   ? 0.081   -1.376  20.373  1.00 9.84  ? 398 HOH A O     1 
HETATM 1346 O O     . HOH H 6 .   ? 8.283   -12.448 2.040   1.00 20.14 ? 399 HOH A O     1 
HETATM 1347 O O     . HOH H 6 .   ? 8.571   -7.901  -11.009 1.00 18.59 ? 400 HOH A O     1 
HETATM 1348 O O     . HOH H 6 .   ? 6.459   -7.674  -7.785  1.00 20.67 ? 401 HOH A O     1 
HETATM 1349 O O     . HOH H 6 .   ? -7.298  -5.498  15.256  1.00 15.43 ? 402 HOH A O     1 
HETATM 1350 O O     . HOH H 6 .   ? -8.940  -3.462  -13.021 1.00 25.08 ? 403 HOH A O     1 
HETATM 1351 O O     . HOH H 6 .   ? -6.673  -7.389  20.839  1.00 23.80 ? 404 HOH A O     1 
HETATM 1352 O O     . HOH H 6 .   ? 13.632  -15.269 5.758   1.00 31.98 ? 405 HOH A O     1 
HETATM 1353 O O     . HOH H 6 .   ? 6.931   -4.573  -17.309 1.00 42.78 ? 406 HOH A O     1 
HETATM 1354 O O     . HOH H 6 .   ? -5.389  -4.790  -15.914 1.00 32.63 ? 407 HOH A O     1 
HETATM 1355 O O     . HOH H 6 .   ? 13.126  7.923   -11.231 1.00 11.61 ? 408 HOH A O     1 
HETATM 1356 O O     . HOH H 6 .   ? 7.352   10.445  -16.372 1.00 25.14 ? 409 HOH A O     1 
HETATM 1357 O O     . HOH H 6 .   ? -2.991  -4.528  -12.857 1.00 27.57 ? 410 HOH A O     1 
HETATM 1358 O O     . HOH H 6 .   ? 2.651   -15.629 15.799  1.00 30.67 ? 411 HOH A O     1 
HETATM 1359 O O     . HOH H 6 .   ? -2.589  -12.991 17.113  1.00 34.28 ? 412 HOH A O     1 
HETATM 1360 O O     . HOH H 6 .   ? -13.882 -8.723  10.536  1.00 11.63 ? 413 HOH A O     1 
HETATM 1361 O O     . HOH H 6 .   ? -9.011  8.493   -4.901  1.00 15.58 ? 414 HOH A O     1 
HETATM 1362 O O     . HOH H 6 .   ? -4.088  8.179   -11.305 1.00 17.65 ? 415 HOH A O     1 
HETATM 1363 O O     . HOH H 6 .   ? -4.056  -10.988 16.889  1.00 21.53 ? 416 HOH A O     1 
HETATM 1364 O O     . HOH H 6 .   ? -9.456  -13.371 6.077   1.00 26.14 ? 417 HOH A O     1 
HETATM 1365 O O     . HOH H 6 .   ? -8.714  -6.259  13.034  1.00 21.99 ? 418 HOH A O     1 
HETATM 1366 O O     . HOH H 6 .   ? -12.259 -10.435 0.149   1.00 10.31 ? 419 HOH A O     1 
HETATM 1367 O O     . HOH H 6 .   ? -4.818  -5.394  22.512  1.00 30.70 ? 420 HOH A O     1 
HETATM 1368 O O     . HOH H 6 .   ? 0.885   -5.309  7.018   1.00 6.94  ? 421 HOH A O     1 
HETATM 1369 O O     . HOH H 6 .   ? 2.028   -14.985 5.533   1.00 24.15 ? 422 HOH A O     1 
HETATM 1370 O O     . HOH H 6 .   ? -6.242  -13.029 11.703  1.00 17.62 ? 423 HOH A O     1 
HETATM 1371 O O     . HOH H 6 .   ? -7.342  -6.909  -8.131  1.00 16.16 ? 424 HOH A O     1 
HETATM 1372 O O     . HOH H 6 .   ? 0.226   -13.949 23.480  1.00 44.24 ? 425 HOH A O     1 
HETATM 1373 O O     . HOH H 6 .   ? -18.635 -7.625  -5.068  1.00 18.23 ? 426 HOH A O     1 
HETATM 1374 O O     . HOH H 6 .   ? 11.679  -10.198 -0.435  1.00 35.31 ? 427 HOH A O     1 
HETATM 1375 O O     . HOH H 6 .   ? -19.893 0.206   0.427   1.00 21.91 ? 428 HOH A O     1 
HETATM 1376 O O     . HOH H 6 .   ? 8.587   16.323  -12.687 1.00 12.89 ? 429 HOH A O     1 
HETATM 1377 O O     . HOH H 6 .   ? -2.242  -12.424 3.811   1.00 26.33 ? 430 HOH A O     1 
HETATM 1378 O O     . HOH H 6 .   ? 3.255   -15.312 21.407  1.00 32.56 ? 431 HOH A O     1 
HETATM 1379 O O     . HOH H 6 .   ? -19.207 -3.622  9.665   1.00 12.46 ? 432 HOH A O     1 
HETATM 1380 O O     . HOH H 6 .   ? 5.648   6.751   -19.638 1.00 27.16 ? 433 HOH A O     1 
HETATM 1381 O O     . HOH H 6 .   ? 17.975  -0.022  -10.181 1.00 17.34 ? 434 HOH A O     1 
HETATM 1382 O O     . HOH H 6 .   ? 19.582  0.825   -7.746  1.00 31.57 ? 435 HOH A O     1 
HETATM 1383 O O     . HOH H 6 .   ? -4.419  -14.044 19.184  1.00 40.43 ? 436 HOH A O     1 
HETATM 1384 O O     . HOH H 6 .   ? -10.892 -7.518  12.835  1.00 32.01 ? 437 HOH A O     1 
HETATM 1385 O O     . HOH H 6 .   ? 12.316  6.698   -13.771 1.00 21.49 ? 438 HOH A O     1 
HETATM 1386 O O     . HOH H 6 .   ? -13.783 0.941   -3.684  1.00 22.28 ? 439 HOH A O     1 
HETATM 1387 O O     B HOH H 6 .   ? 13.282  -6.427  2.951   0.50 10.57 ? 440 HOH A O     1 
HETATM 1388 O O     . HOH H 6 .   ? -7.845  -11.974 -6.906  1.00 36.89 ? 441 HOH A O     1 
HETATM 1389 O O     . HOH H 6 .   ? -2.501  -8.607  -12.617 1.00 39.48 ? 442 HOH A O     1 
HETATM 1390 O O     . HOH H 6 .   ? 14.896  11.840  -12.029 1.00 33.39 ? 443 HOH A O     1 
HETATM 1391 O O     . HOH H 6 .   ? 13.504  3.015   -14.160 1.00 38.65 ? 444 HOH A O     1 
HETATM 1392 O O     . HOH H 6 .   ? 4.689   18.741  -10.351 1.00 20.96 ? 445 HOH A O     1 
HETATM 1393 O O     . HOH H 6 .   ? 11.346  4.180   -14.409 1.00 31.37 ? 446 HOH A O     1 
HETATM 1394 O O     . HOH H 6 .   ? -12.903 -11.188 11.466  1.00 35.50 ? 447 HOH A O     1 
HETATM 1395 O O     . HOH H 6 .   ? 16.207  4.388   -12.050 1.00 37.90 ? 448 HOH A O     1 
HETATM 1396 O O     . HOH H 6 .   ? 8.800   18.933  -12.224 1.00 30.01 ? 449 HOH A O     1 
HETATM 1397 O O     . HOH H 6 .   ? 19.663  3.480   -7.860  1.00 25.69 ? 450 HOH A O     1 
HETATM 1398 O O     . HOH H 6 .   ? -16.753 -9.723  -0.769  1.00 9.67  ? 451 HOH A O     1 
HETATM 1399 O O     . HOH H 6 .   ? 4.164   -3.999  -15.502 1.00 22.56 ? 452 HOH A O     1 
HETATM 1400 O O     . HOH H 6 .   ? -2.659  -12.941 24.785  1.00 44.08 ? 453 HOH A O     1 
HETATM 1401 O O     . HOH H 6 .   ? -0.010  9.774   -16.180 1.00 31.69 ? 454 HOH A O     1 
HETATM 1402 O O     . HOH H 6 .   ? 7.493   8.766   5.781   1.00 18.90 ? 455 HOH A O     1 
HETATM 1403 O O     . HOH H 6 .   ? -4.833  -7.407  -8.896  1.00 22.22 ? 456 HOH A O     1 
HETATM 1404 O O     . HOH H 6 .   ? 18.991  -3.325  0.291   1.00 15.31 ? 457 HOH A O     1 
HETATM 1405 O O     . HOH H 6 .   ? 10.254  -11.266 21.084  1.00 25.74 ? 458 HOH A O     1 
HETATM 1406 O O     . HOH H 6 .   ? 16.188  -3.572  -16.376 1.00 31.85 ? 459 HOH A O     1 
HETATM 1407 O O     . HOH H 6 .   ? -10.411 -12.372 -6.088  1.00 29.42 ? 460 HOH A O     1 
HETATM 1408 O O     . HOH H 6 .   ? -16.488 3.084   20.050  1.00 34.92 ? 461 HOH A O     1 
HETATM 1409 O O     . HOH H 6 .   ? 13.795  -6.770  -12.373 1.00 47.26 ? 462 HOH A O     1 
HETATM 1410 O O     . HOH H 6 .   ? 5.822   9.775   7.690   0.33 16.56 ? 463 HOH A O     1 
HETATM 1411 O O     . HOH H 6 .   ? -20.812 -1.670  8.592   1.00 26.83 ? 464 HOH A O     1 
HETATM 1412 O O     . HOH H 6 .   ? 9.655   -10.387 -6.698  1.00 26.54 ? 465 HOH A O     1 
HETATM 1413 O O     . HOH H 6 .   ? 15.451  -8.668  5.203   1.00 30.18 ? 466 HOH A O     1 
HETATM 1414 O O     . HOH H 6 .   ? 15.540  -15.689 15.113  1.00 34.26 ? 467 HOH A O     1 
HETATM 1415 O O     . HOH H 6 .   ? -8.077  -15.702 -2.478  1.00 33.25 ? 468 HOH A O     1 
HETATM 1416 O O     . HOH H 6 .   ? 14.026  -12.526 13.590  1.00 24.32 ? 469 HOH A O     1 
HETATM 1417 O O     . HOH H 6 .   ? 10.418  -11.813 -4.838  1.00 23.59 ? 470 HOH A O     1 
HETATM 1418 O O     . HOH H 6 .   ? -0.289  -2.253  -16.201 1.00 27.15 ? 471 HOH A O     1 
HETATM 1419 O O     . HOH H 6 .   ? -19.567 -3.419  14.261  1.00 38.13 ? 472 HOH A O     1 
HETATM 1420 O O     . HOH H 6 .   ? -14.704 -11.529 -0.797  1.00 12.54 ? 473 HOH A O     1 
HETATM 1421 O O     . HOH H 6 .   ? 6.149   -13.850 0.480   1.00 32.93 ? 474 HOH A O     1 
HETATM 1422 O O     . HOH H 6 .   ? 16.847  -3.512  -1.559  1.00 11.02 ? 475 HOH A O     1 
HETATM 1423 O O     . HOH H 6 .   ? 9.908   15.616  -15.136 1.00 29.08 ? 476 HOH A O     1 
HETATM 1424 O O     . HOH H 6 .   ? -1.508  -13.440 1.822   1.00 36.82 ? 477 HOH A O     1 
HETATM 1425 O O     . HOH H 6 .   ? -0.014  -4.516  -13.678 1.00 21.70 ? 478 HOH A O     1 
HETATM 1426 O O     . HOH H 6 .   ? -4.865  -13.548 -4.274  1.00 31.43 ? 479 HOH A O     1 
HETATM 1427 O O     . HOH H 6 .   ? 15.399  -13.876 4.339   1.00 27.06 ? 480 HOH A O     1 
HETATM 1428 O O     . HOH H 6 .   ? -3.874  -15.764 9.358   1.00 31.26 ? 481 HOH A O     1 
HETATM 1429 O O     . HOH H 6 .   ? -14.865 -6.252  13.227  1.00 33.40 ? 482 HOH A O     1 
HETATM 1430 O O     . HOH H 6 .   ? 17.329  2.015   -12.042 1.00 40.58 ? 483 HOH A O     1 
HETATM 1431 O O     . HOH H 6 .   ? 17.178  15.196  -8.365  1.00 18.70 ? 484 HOH A O     1 
HETATM 1432 O O     . HOH H 6 .   ? 12.020  13.599  -15.210 1.00 30.83 ? 485 HOH A O     1 
HETATM 1433 O O     . HOH H 6 .   ? 5.975   15.572  -12.915 1.00 29.38 ? 486 HOH A O     1 
HETATM 1434 O O     . HOH H 6 .   ? 8.099   11.127  5.003   0.33 24.26 ? 487 HOH A O     1 
HETATM 1435 O O     . HOH H 6 .   ? -11.297 -11.902 2.383   1.00 15.10 ? 488 HOH A O     1 
HETATM 1436 O O     . HOH H 6 .   ? 11.325  9.021   -15.175 1.00 27.89 ? 489 HOH A O     1 
HETATM 1437 O O     . HOH H 6 .   ? -9.394  -13.548 1.132   1.00 23.85 ? 490 HOH A O     1 
HETATM 1438 O O     . HOH H 6 .   ? -13.111 -6.559  12.073  1.00 21.75 ? 491 HOH A O     1 
HETATM 1439 O O     . HOH H 6 .   ? 18.510  -14.417 11.668  1.00 31.73 ? 492 HOH A O     1 
HETATM 1440 O O     . HOH H 6 .   ? 11.038  -14.714 17.034  1.00 32.31 ? 493 HOH A O     1 
HETATM 1441 O O     . HOH H 6 .   ? 15.277  -14.775 12.769  1.00 30.89 ? 494 HOH A O     1 
HETATM 1442 O O     . HOH H 6 .   ? 0.619   -7.414  -14.282 1.00 37.61 ? 495 HOH A O     1 
HETATM 1443 O O     . HOH H 6 .   ? 9.494   8.408   -17.020 1.00 35.44 ? 496 HOH A O     1 
HETATM 1444 O O     . HOH H 6 .   ? -0.067  14.479  -13.197 1.00 29.14 ? 497 HOH A O     1 
HETATM 1445 O O     . HOH H 6 .   ? 10.397  -14.795 14.263  1.00 29.75 ? 498 HOH A O     1 
HETATM 1446 O O     . HOH H 6 .   ? 3.835   16.936  -12.655 1.00 32.95 ? 499 HOH A O     1 
HETATM 1447 O O     . HOH H 6 .   ? 15.858  15.735  -4.155  0.33 8.77  ? 500 HOH A O     1 
HETATM 1448 O O     . HOH H 6 .   ? -16.200 -8.716  11.959  1.00 24.06 ? 501 HOH A O     1 
HETATM 1449 O O     . HOH H 6 .   ? -13.409 -13.827 11.113  1.00 43.46 ? 502 HOH A O     1 
HETATM 1450 O O     . HOH H 6 .   ? 17.500  16.711  -6.093  0.33 15.94 ? 503 HOH A O     1 
# 
loop_
_pdbx_poly_seq_scheme.asym_id 
_pdbx_poly_seq_scheme.entity_id 
_pdbx_poly_seq_scheme.seq_id 
_pdbx_poly_seq_scheme.mon_id 
_pdbx_poly_seq_scheme.ndb_seq_num 
_pdbx_poly_seq_scheme.pdb_seq_num 
_pdbx_poly_seq_scheme.auth_seq_num 
_pdbx_poly_seq_scheme.pdb_mon_id 
_pdbx_poly_seq_scheme.auth_mon_id 
_pdbx_poly_seq_scheme.pdb_strand_id 
_pdbx_poly_seq_scheme.pdb_ins_code 
_pdbx_poly_seq_scheme.hetero 
A 1 1   MET 1   -21 ?   ?   ?   A . n 
A 1 2   HIS 2   -20 ?   ?   ?   A . n 
A 1 3   SER 3   -19 ?   ?   ?   A . n 
A 1 4   SER 4   -18 ?   ?   ?   A . n 
A 1 5   HIS 5   -17 ?   ?   ?   A . n 
A 1 6   HIS 6   -16 ?   ?   ?   A . n 
A 1 7   HIS 7   -15 ?   ?   ?   A . n 
A 1 8   HIS 8   -14 ?   ?   ?   A . n 
A 1 9   HIS 9   -13 ?   ?   ?   A . n 
A 1 10  HIS 10  -12 ?   ?   ?   A . n 
A 1 11  SER 11  -11 ?   ?   ?   A . n 
A 1 12  SER 12  -10 ?   ?   ?   A . n 
A 1 13  GLU 13  -9  ?   ?   ?   A . n 
A 1 14  ASN 14  -8  ?   ?   ?   A . n 
A 1 15  LEU 15  -7  ?   ?   ?   A . n 
A 1 16  TYR 16  -6  ?   ?   ?   A . n 
A 1 17  PHE 17  -5  ?   ?   ?   A . n 
A 1 18  GLN 18  -4  ?   ?   ?   A . n 
A 1 19  GLY 19  -3  ?   ?   ?   A . n 
A 1 20  GLY 20  -2  ?   ?   ?   A . n 
A 1 21  GLY 21  -1  -1  GLY GLY A . n 
A 1 22  HIS 22  0   0   HIS HIS A . n 
A 1 23  MET 23  1   1   MET MET A . n 
A 1 24  ILE 24  2   2   ILE ILE A . n 
A 1 25  HIS 25  3   3   HIS HIS A . n 
A 1 26  LYS 26  4   4   LYS LYS A . n 
A 1 27  LEU 27  5   5   LEU LEU A . n 
A 1 28  ALA 28  6   6   ALA ALA A . n 
A 1 29  ASP 29  7   7   ASP ASP A . n 
A 1 30  VAL 30  8   8   VAL VAL A . n 
A 1 31  GLN 31  9   9   GLN GLN A . n 
A 1 32  SER 32  10  10  SER SER A . n 
A 1 33  LYS 33  11  11  LYS LYS A . n 
A 1 34  ASN 34  12  12  ASN ASN A . n 
A 1 35  ILE 35  13  13  ILE ILE A . n 
A 1 36  GLY 36  14  14  GLY GLY A . n 
A 1 37  SER 37  15  15  SER SER A . n 
A 1 38  GLY 38  16  16  GLY GLY A . n 
A 1 39  THR 39  17  17  THR THR A . n 
A 1 40  ARG 40  18  18  ARG ARG A . n 
A 1 41  ILE 41  19  19  ILE ILE A . n 
A 1 42  TRP 42  20  20  TRP TRP A . n 
A 1 43  GLN 43  21  21  GLN GLN A . n 
A 1 44  PHE 44  22  22  PHE PHE A . n 
A 1 45  CYS 45  23  23  CYS CYS A . n 
A 1 46  VAL 46  24  24  VAL VAL A . n 
A 1 47  VAL 47  25  25  VAL VAL A . n 
A 1 48  LEU 48  26  26  LEU LEU A . n 
A 1 49  PRO 49  27  27  PRO PRO A . n 
A 1 50  SER 50  28  28  SER SER A . n 
A 1 51  ALA 51  29  29  ALA ALA A . n 
A 1 52  ILE 52  30  30  ILE ILE A . n 
A 1 53  ILE 53  31  31  ILE ILE A . n 
A 1 54  GLY 54  32  32  GLY GLY A . n 
A 1 55  GLU 55  33  33  GLU GLU A . n 
A 1 56  ASN 56  34  34  ASN ASN A . n 
A 1 57  CYS 57  35  35  CYS CYS A . n 
A 1 58  ASN 58  36  36  ASN ASN A . n 
A 1 59  ILE 59  37  37  ILE ILE A . n 
A 1 60  CYS 60  38  38  CYS CYS A . n 
A 1 61  SER 61  39  39  SER SER A . n 
A 1 62  HIS 62  40  40  HIS HIS A . n 
A 1 63  CYS 63  41  41  CYS CYS A . n 
A 1 64  PHE 64  42  42  PHE PHE A . n 
A 1 65  ILE 65  43  43  ILE ILE A . n 
A 1 66  GLU 66  44  44  GLU GLU A . n 
A 1 67  ASN 67  45  45  ASN ASN A . n 
A 1 68  ASP 68  46  46  ASP ASP A . n 
A 1 69  VAL 69  47  47  VAL VAL A . n 
A 1 70  LYS 70  48  48  LYS LYS A . n 
A 1 71  ILE 71  49  49  ILE ILE A . n 
A 1 72  GLY 72  50  50  GLY GLY A . n 
A 1 73  ASN 73  51  51  ASN ASN A . n 
A 1 74  ASN 74  52  52  ASN ASN A . n 
A 1 75  VAL 75  53  53  VAL VAL A . n 
A 1 76  THR 76  54  54  THR THR A . n 
A 1 77  ILE 77  55  55  ILE ILE A . n 
A 1 78  LYS 78  56  56  LYS LYS A . n 
A 1 79  CYS 79  57  57  CYS CYS A . n 
A 1 80  GLY 80  58  58  GLY GLY A . n 
A 1 81  VAL 81  59  59  VAL VAL A . n 
A 1 82  GLN 82  60  60  GLN GLN A . n 
A 1 83  ILE 83  61  61  ILE ILE A . n 
A 1 84  TRP 84  62  62  TRP TRP A . n 
A 1 85  ASP 85  63  63  ASP ASP A . n 
A 1 86  GLY 86  64  64  GLY GLY A . n 
A 1 87  ILE 87  65  65  ILE ILE A . n 
A 1 88  GLU 88  66  66  GLU GLU A . n 
A 1 89  ILE 89  67  67  ILE ILE A . n 
A 1 90  GLU 90  68  68  GLU GLU A . n 
A 1 91  ASP 91  69  69  ASP ASP A . n 
A 1 92  ASP 92  70  70  ASP ASP A . n 
A 1 93  VAL 93  71  71  VAL VAL A . n 
A 1 94  PHE 94  72  72  PHE PHE A . n 
A 1 95  ILE 95  73  73  ILE ILE A . n 
A 1 96  GLY 96  74  74  GLY GLY A . n 
A 1 97  PRO 97  75  75  PRO PRO A . n 
A 1 98  ASN 98  76  76  ASN ASN A . n 
A 1 99  VAL 99  77  77  VAL VAL A . n 
A 1 100 THR 100 78  78  THR THR A . n 
A 1 101 PHE 101 79  79  PHE PHE A . n 
A 1 102 THR 102 80  80  THR THR A . n 
A 1 103 ASN 103 81  81  ASN ASN A . n 
A 1 104 ASP 104 82  82  ASP ASP A . n 
A 1 105 LYS 105 83  83  LYS LYS A . n 
A 1 106 TYR 106 84  84  TYR TYR A . n 
A 1 107 PRO 107 85  85  PRO PRO A . n 
A 1 108 ARG 108 86  86  ARG ARG A . n 
A 1 109 SER 109 87  87  SER SER A . n 
A 1 110 LYS 110 88  88  LYS LYS A . n 
A 1 111 GLN 111 89  89  GLN GLN A . n 
A 1 112 TYR 112 90  ?   ?   ?   A . n 
A 1 113 PRO 113 91  ?   ?   ?   A . n 
A 1 114 LYS 114 92  ?   ?   ?   A . n 
A 1 115 GLU 115 93  ?   ?   ?   A . n 
A 1 116 PHE 116 94  94  PHE PHE A . n 
A 1 117 SER 117 95  95  SER SER A . n 
A 1 118 LYS 118 96  96  LYS LYS A . n 
A 1 119 THR 119 97  97  THR THR A . n 
A 1 120 ILE 120 98  98  ILE ILE A . n 
A 1 121 ILE 121 99  99  ILE ILE A . n 
A 1 122 LYS 122 100 100 LYS LYS A . n 
A 1 123 LYS 123 101 101 LYS LYS A . n 
A 1 124 GLY 124 102 102 GLY GLY A . n 
A 1 125 ALA 125 103 103 ALA ALA A . n 
A 1 126 SER 126 104 104 SER SER A . n 
A 1 127 ILE 127 105 105 ILE ILE A . n 
A 1 128 GLY 128 106 106 GLY GLY A . n 
A 1 129 ALA 129 107 107 ALA ALA A . n 
A 1 130 ASN 130 108 108 ASN ASN A . n 
A 1 131 ALA 131 109 109 ALA ALA A . n 
A 1 132 THR 132 110 110 THR THR A . n 
A 1 133 ILE 133 111 111 ILE ILE A . n 
A 1 134 LEU 134 112 112 LEU LEU A . n 
A 1 135 PRO 135 113 113 PRO PRO A . n 
A 1 136 GLY 136 114 114 GLY GLY A . n 
A 1 137 ILE 137 115 115 ILE ILE A . n 
A 1 138 THR 138 116 116 THR THR A . n 
A 1 139 ILE 139 117 117 ILE ILE A . n 
A 1 140 GLY 140 118 118 GLY GLY A . n 
A 1 141 GLU 141 119 119 GLU GLU A . n 
A 1 142 ASN 142 120 120 ASN ASN A . n 
A 1 143 ALA 143 121 121 ALA ALA A . n 
A 1 144 MET 144 122 122 MET MET A . n 
A 1 145 ILE 145 123 123 ILE ILE A . n 
A 1 146 GLY 146 124 124 GLY GLY A . n 
A 1 147 ALA 147 125 125 ALA ALA A . n 
A 1 148 GLY 148 126 126 GLY GLY A . n 
A 1 149 ALA 149 127 127 ALA ALA A . n 
A 1 150 ILE 150 128 128 ILE ILE A . n 
A 1 151 VAL 151 129 129 VAL VAL A . n 
A 1 152 THR 152 130 130 THR THR A . n 
A 1 153 LYS 153 131 131 LYS LYS A . n 
A 1 154 ASP 154 132 132 ASP ASP A . n 
A 1 155 VAL 155 133 133 VAL VAL A . n 
A 1 156 LEU 156 134 134 LEU LEU A . n 
A 1 157 PRO 157 135 135 PRO PRO A . n 
A 1 158 HIS 158 136 136 HIS HIS A . n 
A 1 159 VAL 159 137 137 VAL VAL A . n 
A 1 160 THR 160 138 138 THR THR A . n 
A 1 161 TYR 161 139 139 TYR TYR A . n 
A 1 162 TYR 162 140 140 TYR TYR A . n 
A 1 163 SER 163 141 141 SER SER A . n 
A 1 164 LYS 164 142 142 LYS LYS A . n 
A 1 165 ILE 165 143 143 ILE ILE A . n 
# 
loop_
_pdbx_nonpoly_scheme.asym_id 
_pdbx_nonpoly_scheme.entity_id 
_pdbx_nonpoly_scheme.mon_id 
_pdbx_nonpoly_scheme.ndb_seq_num 
_pdbx_nonpoly_scheme.pdb_seq_num 
_pdbx_nonpoly_scheme.auth_seq_num 
_pdbx_nonpoly_scheme.pdb_mon_id 
_pdbx_nonpoly_scheme.auth_mon_id 
_pdbx_nonpoly_scheme.pdb_strand_id 
_pdbx_nonpoly_scheme.pdb_ins_code 
B 2 TYD 1   201 200 TYD TYD A . 
C 3 ACO 1   202 201 ACO ACO A . 
D 4 EDO 1   203 1   EDO EDO A . 
E 4 EDO 1   204 2   EDO EDO A . 
F 4 EDO 1   205 3   EDO EDO A . 
G 5 MPO 1   206 1   MPO MPO A . 
H 6 HOH 1   301 15  HOH HOH A . 
H 6 HOH 2   302 171 HOH HOH A . 
H 6 HOH 3   303 234 HOH HOH A . 
H 6 HOH 4   304 250 HOH HOH A . 
H 6 HOH 5   305 53  HOH HOH A . 
H 6 HOH 6   306 27  HOH HOH A . 
H 6 HOH 7   307 193 HOH HOH A . 
H 6 HOH 8   308 248 HOH HOH A . 
H 6 HOH 9   309 210 HOH HOH A . 
H 6 HOH 10  310 162 HOH HOH A . 
H 6 HOH 11  311 107 HOH HOH A . 
H 6 HOH 12  312 62  HOH HOH A . 
H 6 HOH 13  313 262 HOH HOH A . 
H 6 HOH 14  314 34  HOH HOH A . 
H 6 HOH 15  315 37  HOH HOH A . 
H 6 HOH 16  316 223 HOH HOH A . 
H 6 HOH 17  317 169 HOH HOH A . 
H 6 HOH 18  318 11  HOH HOH A . 
H 6 HOH 19  319 60  HOH HOH A . 
H 6 HOH 20  320 25  HOH HOH A . 
H 6 HOH 21  321 72  HOH HOH A . 
H 6 HOH 22  322 91  HOH HOH A . 
H 6 HOH 23  323 163 HOH HOH A . 
H 6 HOH 24  324 93  HOH HOH A . 
H 6 HOH 25  325 115 HOH HOH A . 
H 6 HOH 26  326 124 HOH HOH A . 
H 6 HOH 27  327 199 HOH HOH A . 
H 6 HOH 28  328 57  HOH HOH A . 
H 6 HOH 29  329 159 HOH HOH A . 
H 6 HOH 30  330 207 HOH HOH A . 
H 6 HOH 31  331 102 HOH HOH A . 
H 6 HOH 32  332 195 HOH HOH A . 
H 6 HOH 33  333 63  HOH HOH A . 
H 6 HOH 34  334 47  HOH HOH A . 
H 6 HOH 35  335 225 HOH HOH A . 
H 6 HOH 36  336 256 HOH HOH A . 
H 6 HOH 37  337 158 HOH HOH A . 
H 6 HOH 38  338 52  HOH HOH A . 
H 6 HOH 39  339 3   HOH HOH A . 
H 6 HOH 40  340 264 HOH HOH A . 
H 6 HOH 41  341 209 HOH HOH A . 
H 6 HOH 42  342 231 HOH HOH A . 
H 6 HOH 43  343 155 HOH HOH A . 
H 6 HOH 44  344 216 HOH HOH A . 
H 6 HOH 45  345 208 HOH HOH A . 
H 6 HOH 46  346 211 HOH HOH A . 
H 6 HOH 47  347 12  HOH HOH A . 
H 6 HOH 48  348 74  HOH HOH A . 
H 6 HOH 49  349 19  HOH HOH A . 
H 6 HOH 50  350 104 HOH HOH A . 
H 6 HOH 51  351 258 HOH HOH A . 
H 6 HOH 52  352 109 HOH HOH A . 
H 6 HOH 53  353 8   HOH HOH A . 
H 6 HOH 54  354 13  HOH HOH A . 
H 6 HOH 55  355 200 HOH HOH A . 
H 6 HOH 56  356 48  HOH HOH A . 
H 6 HOH 57  357 188 HOH HOH A . 
H 6 HOH 58  358 156 HOH HOH A . 
H 6 HOH 59  359 233 HOH HOH A . 
H 6 HOH 60  360 33  HOH HOH A . 
H 6 HOH 61  361 194 HOH HOH A . 
H 6 HOH 62  362 152 HOH HOH A . 
H 6 HOH 63  363 43  HOH HOH A . 
H 6 HOH 64  364 6   HOH HOH A . 
H 6 HOH 65  365 59  HOH HOH A . 
H 6 HOH 66  366 73  HOH HOH A . 
H 6 HOH 67  367 20  HOH HOH A . 
H 6 HOH 68  368 45  HOH HOH A . 
H 6 HOH 69  369 147 HOH HOH A . 
H 6 HOH 70  370 55  HOH HOH A . 
H 6 HOH 71  371 97  HOH HOH A . 
H 6 HOH 72  372 14  HOH HOH A . 
H 6 HOH 73  373 110 HOH HOH A . 
H 6 HOH 74  374 197 HOH HOH A . 
H 6 HOH 75  375 164 HOH HOH A . 
H 6 HOH 76  376 148 HOH HOH A . 
H 6 HOH 77  377 87  HOH HOH A . 
H 6 HOH 78  378 94  HOH HOH A . 
H 6 HOH 79  379 30  HOH HOH A . 
H 6 HOH 80  380 7   HOH HOH A . 
H 6 HOH 81  381 99  HOH HOH A . 
H 6 HOH 82  382 168 HOH HOH A . 
H 6 HOH 83  383 212 HOH HOH A . 
H 6 HOH 84  384 68  HOH HOH A . 
H 6 HOH 85  385 41  HOH HOH A . 
H 6 HOH 86  386 205 HOH HOH A . 
H 6 HOH 87  387 222 HOH HOH A . 
H 6 HOH 88  388 5   HOH HOH A . 
H 6 HOH 89  389 36  HOH HOH A . 
H 6 HOH 90  390 106 HOH HOH A . 
H 6 HOH 91  391 180 HOH HOH A . 
H 6 HOH 92  392 182 HOH HOH A . 
H 6 HOH 93  393 49  HOH HOH A . 
H 6 HOH 94  394 81  HOH HOH A . 
H 6 HOH 95  395 178 HOH HOH A . 
H 6 HOH 96  396 24  HOH HOH A . 
H 6 HOH 97  397 108 HOH HOH A . 
H 6 HOH 98  398 1   HOH HOH A . 
H 6 HOH 99  399 204 HOH HOH A . 
H 6 HOH 100 400 42  HOH HOH A . 
H 6 HOH 101 401 54  HOH HOH A . 
H 6 HOH 102 402 69  HOH HOH A . 
H 6 HOH 103 403 64  HOH HOH A . 
H 6 HOH 104 404 238 HOH HOH A . 
H 6 HOH 105 405 254 HOH HOH A . 
H 6 HOH 106 406 221 HOH HOH A . 
H 6 HOH 107 407 75  HOH HOH A . 
H 6 HOH 108 408 23  HOH HOH A . 
H 6 HOH 109 409 170 HOH HOH A . 
H 6 HOH 110 410 224 HOH HOH A . 
H 6 HOH 111 411 131 HOH HOH A . 
H 6 HOH 112 412 259 HOH HOH A . 
H 6 HOH 113 413 16  HOH HOH A . 
H 6 HOH 114 414 17  HOH HOH A . 
H 6 HOH 115 415 79  HOH HOH A . 
H 6 HOH 116 416 172 HOH HOH A . 
H 6 HOH 117 417 58  HOH HOH A . 
H 6 HOH 118 418 228 HOH HOH A . 
H 6 HOH 119 419 10  HOH HOH A . 
H 6 HOH 120 420 236 HOH HOH A . 
H 6 HOH 121 421 2   HOH HOH A . 
H 6 HOH 122 422 39  HOH HOH A . 
H 6 HOH 123 423 32  HOH HOH A . 
H 6 HOH 124 424 9   HOH HOH A . 
H 6 HOH 125 425 96  HOH HOH A . 
H 6 HOH 126 426 218 HOH HOH A . 
H 6 HOH 127 427 44  HOH HOH A . 
H 6 HOH 128 428 46  HOH HOH A . 
H 6 HOH 129 429 4   HOH HOH A . 
H 6 HOH 130 430 146 HOH HOH A . 
H 6 HOH 131 431 202 HOH HOH A . 
H 6 HOH 132 432 21  HOH HOH A . 
H 6 HOH 133 433 103 HOH HOH A . 
H 6 HOH 134 434 67  HOH HOH A . 
H 6 HOH 135 435 181 HOH HOH A . 
H 6 HOH 136 436 198 HOH HOH A . 
H 6 HOH 137 437 229 HOH HOH A . 
H 6 HOH 138 438 77  HOH HOH A . 
H 6 HOH 139 439 123 HOH HOH A . 
H 6 HOH 140 440 1   HOH HOH A . 
H 6 HOH 141 441 260 HOH HOH A . 
H 6 HOH 142 442 219 HOH HOH A . 
H 6 HOH 143 443 255 HOH HOH A . 
H 6 HOH 144 444 232 HOH HOH A . 
H 6 HOH 145 445 153 HOH HOH A . 
H 6 HOH 146 446 253 HOH HOH A . 
H 6 HOH 147 447 227 HOH HOH A . 
H 6 HOH 148 448 176 HOH HOH A . 
H 6 HOH 149 449 85  HOH HOH A . 
H 6 HOH 150 450 98  HOH HOH A . 
H 6 HOH 151 451 139 HOH HOH A . 
H 6 HOH 152 452 101 HOH HOH A . 
H 6 HOH 153 453 249 HOH HOH A . 
H 6 HOH 154 454 263 HOH HOH A . 
H 6 HOH 155 455 65  HOH HOH A . 
H 6 HOH 156 456 50  HOH HOH A . 
H 6 HOH 157 457 151 HOH HOH A . 
H 6 HOH 158 458 136 HOH HOH A . 
H 6 HOH 159 459 201 HOH HOH A . 
H 6 HOH 160 460 242 HOH HOH A . 
H 6 HOH 161 461 237 HOH HOH A . 
H 6 HOH 162 462 167 HOH HOH A . 
H 6 HOH 163 463 217 HOH HOH A . 
H 6 HOH 164 464 252 HOH HOH A . 
H 6 HOH 165 465 157 HOH HOH A . 
H 6 HOH 166 466 31  HOH HOH A . 
H 6 HOH 167 467 246 HOH HOH A . 
H 6 HOH 168 468 187 HOH HOH A . 
H 6 HOH 169 469 230 HOH HOH A . 
H 6 HOH 170 470 235 HOH HOH A . 
H 6 HOH 171 471 76  HOH HOH A . 
H 6 HOH 172 472 247 HOH HOH A . 
H 6 HOH 173 473 22  HOH HOH A . 
H 6 HOH 174 474 179 HOH HOH A . 
H 6 HOH 175 475 257 HOH HOH A . 
H 6 HOH 176 476 213 HOH HOH A . 
H 6 HOH 177 477 203 HOH HOH A . 
H 6 HOH 178 478 82  HOH HOH A . 
H 6 HOH 179 479 144 HOH HOH A . 
H 6 HOH 180 480 206 HOH HOH A . 
H 6 HOH 181 481 239 HOH HOH A . 
H 6 HOH 182 482 165 HOH HOH A . 
H 6 HOH 183 483 240 HOH HOH A . 
H 6 HOH 184 484 40  HOH HOH A . 
H 6 HOH 185 485 141 HOH HOH A . 
H 6 HOH 186 486 215 HOH HOH A . 
H 6 HOH 187 487 196 HOH HOH A . 
H 6 HOH 188 488 29  HOH HOH A . 
H 6 HOH 189 489 128 HOH HOH A . 
H 6 HOH 190 490 80  HOH HOH A . 
H 6 HOH 191 491 192 HOH HOH A . 
H 6 HOH 192 492 251 HOH HOH A . 
H 6 HOH 193 493 244 HOH HOH A . 
H 6 HOH 194 494 261 HOH HOH A . 
H 6 HOH 195 495 220 HOH HOH A . 
H 6 HOH 196 496 143 HOH HOH A . 
H 6 HOH 197 497 243 HOH HOH A . 
H 6 HOH 198 498 245 HOH HOH A . 
H 6 HOH 199 499 214 HOH HOH A . 
H 6 HOH 200 500 66  HOH HOH A . 
H 6 HOH 201 501 119 HOH HOH A . 
H 6 HOH 202 502 120 HOH HOH A . 
H 6 HOH 203 503 70  HOH HOH A . 
# 
_pdbx_struct_assembly.id                   1 
_pdbx_struct_assembly.details              author_and_software_defined_assembly 
_pdbx_struct_assembly.method_details       PISA 
_pdbx_struct_assembly.oligomeric_details   trimeric 
_pdbx_struct_assembly.oligomeric_count     3 
# 
_pdbx_struct_assembly_gen.assembly_id       1 
_pdbx_struct_assembly_gen.oper_expression   1,2,3 
_pdbx_struct_assembly_gen.asym_id_list      A,B,C,D,E,F,G,H 
# 
loop_
_pdbx_struct_assembly_prop.biol_id 
_pdbx_struct_assembly_prop.type 
_pdbx_struct_assembly_prop.value 
_pdbx_struct_assembly_prop.details 
1 'ABSA (A^2)' 15540 ? 
1 MORE         -11   ? 
1 'SSA (A^2)'  14630 ? 
# 
loop_
_pdbx_struct_oper_list.id 
_pdbx_struct_oper_list.type 
_pdbx_struct_oper_list.name 
_pdbx_struct_oper_list.symmetry_operation 
_pdbx_struct_oper_list.matrix[1][1] 
_pdbx_struct_oper_list.matrix[1][2] 
_pdbx_struct_oper_list.matrix[1][3] 
_pdbx_struct_oper_list.vector[1] 
_pdbx_struct_oper_list.matrix[2][1] 
_pdbx_struct_oper_list.matrix[2][2] 
_pdbx_struct_oper_list.matrix[2][3] 
_pdbx_struct_oper_list.vector[2] 
_pdbx_struct_oper_list.matrix[3][1] 
_pdbx_struct_oper_list.matrix[3][2] 
_pdbx_struct_oper_list.matrix[3][3] 
_pdbx_struct_oper_list.vector[3] 
1 'identity operation'         1_555  x,y,z   1.0000000000 0.0000000000  0.0000000000  0.0000000000  0.0000000000  1.0000000000  0.0000000000  0.0000000000  0.0000000000  0.0000000000  1.0000000000 0.0000000000  
2 'crystal symmetry operation' 8_555  -z,x,-y 0.0463110415 -0.2923828299 -0.9551793383 15.7557227593 0.9413020218  -0.3073001982 0.1397035857  6.2240407330  -0.3343737297 -0.9055820609 0.2609891567 16.4816405246 
3 'crystal symmetry operation' 11_555 y,-z,-x 0.0463110415 0.9413020218  -0.3343737297 -1.0773384428 -0.2923828299 -0.3073001982 -0.9055820609 21.4448297510 -0.9551793383 0.1397035857  0.2609891567 9.8784905693 
# 
loop_
_pdbx_struct_special_symmetry.id 
_pdbx_struct_special_symmetry.PDB_model_num 
_pdbx_struct_special_symmetry.auth_asym_id 
_pdbx_struct_special_symmetry.auth_comp_id 
_pdbx_struct_special_symmetry.auth_seq_id 
_pdbx_struct_special_symmetry.PDB_ins_code 
_pdbx_struct_special_symmetry.label_asym_id 
_pdbx_struct_special_symmetry.label_comp_id 
_pdbx_struct_special_symmetry.label_seq_id 
1 1 A HOH 307 ? H HOH . 
2 1 A HOH 463 ? H HOH . 
3 1 A HOH 487 ? H HOH . 
4 1 A HOH 500 ? H HOH . 
5 1 A HOH 503 ? H HOH . 
# 
loop_
_pdbx_audit_revision_history.ordinal 
_pdbx_audit_revision_history.data_content_type 
_pdbx_audit_revision_history.major_revision 
_pdbx_audit_revision_history.minor_revision 
_pdbx_audit_revision_history.revision_date 
1 'Structure model' 1 0 2021-09-22 
2 'Structure model' 1 1 2021-11-10 
3 'Structure model' 1 2 2021-12-08 
4 'Structure model' 1 3 2023-10-18 
# 
_pdbx_audit_revision_details.ordinal             1 
_pdbx_audit_revision_details.revision_ordinal    1 
_pdbx_audit_revision_details.data_content_type   'Structure model' 
_pdbx_audit_revision_details.provider            repository 
_pdbx_audit_revision_details.type                'Initial release' 
_pdbx_audit_revision_details.description         ? 
_pdbx_audit_revision_details.details             ? 
# 
loop_
_pdbx_audit_revision_group.ordinal 
_pdbx_audit_revision_group.revision_ordinal 
_pdbx_audit_revision_group.data_content_type 
_pdbx_audit_revision_group.group 
1 2 'Structure model' 'Database references'    
2 3 'Structure model' 'Database references'    
3 4 'Structure model' 'Data collection'        
4 4 'Structure model' 'Refinement description' 
# 
loop_
_pdbx_audit_revision_category.ordinal 
_pdbx_audit_revision_category.revision_ordinal 
_pdbx_audit_revision_category.data_content_type 
_pdbx_audit_revision_category.category 
1 2 'Structure model' citation                      
2 2 'Structure model' citation_author               
3 3 'Structure model' citation                      
4 3 'Structure model' citation_author               
5 4 'Structure model' chem_comp_atom                
6 4 'Structure model' chem_comp_bond                
7 4 'Structure model' pdbx_initial_refinement_model 
# 
loop_
_pdbx_audit_revision_item.ordinal 
_pdbx_audit_revision_item.revision_ordinal 
_pdbx_audit_revision_item.data_content_type 
_pdbx_audit_revision_item.item 
1  2 'Structure model' '_citation.country'                 
2  2 'Structure model' '_citation.journal_abbrev'          
3  2 'Structure model' '_citation.journal_id_ASTM'         
4  2 'Structure model' '_citation.journal_id_CSD'          
5  2 'Structure model' '_citation.journal_id_ISSN'         
6  2 'Structure model' '_citation.pdbx_database_id_DOI'    
7  2 'Structure model' '_citation.pdbx_database_id_PubMed' 
8  2 'Structure model' '_citation.title'                   
9  2 'Structure model' '_citation.year'                    
10 2 'Structure model' '_citation_author.identifier_ORCID' 
11 3 'Structure model' '_citation.journal_volume'          
12 3 'Structure model' '_citation.page_first'              
13 3 'Structure model' '_citation.page_last'               
14 3 'Structure model' '_citation.title'                   
15 3 'Structure model' '_citation_author.identifier_ORCID' 
# 
loop_
_software.citation_id 
_software.classification 
_software.compiler_name 
_software.compiler_version 
_software.contact_author 
_software.contact_author_email 
_software.date 
_software.description 
_software.dependencies 
_software.hardware 
_software.language 
_software.location 
_software.mods 
_software.name 
_software.os 
_software.os_version 
_software.type 
_software.version 
_software.pdbx_ordinal 
? refinement        ? ? ? ? ? ? ? ? ? ? ? REFMAC      ? ? ? 5.8.0253 1 
? 'data extraction' ? ? ? ? ? ? ? ? ? ? ? PDB_EXTRACT ? ? ? 3.27     2 
? 'data reduction'  ? ? ? ? ? ? ? ? ? ? ? SAINT       ? ? ? .        3 
? 'data scaling'    ? ? ? ? ? ? ? ? ? ? ? SADABS      ? ? ? .        4 
? phasing           ? ? ? ? ? ? ? ? ? ? ? REFMAC      ? ? ? .        5 
# 
_pdbx_entry_details.entry_id                 7S45 
_pdbx_entry_details.has_ligand_of_interest   Y 
_pdbx_entry_details.compound_details         ? 
_pdbx_entry_details.source_details           ? 
_pdbx_entry_details.nonpolymer_details       ? 
_pdbx_entry_details.sequence_details         ? 
# 
loop_
_pdbx_validate_close_contact.id 
_pdbx_validate_close_contact.PDB_model_num 
_pdbx_validate_close_contact.auth_atom_id_1 
_pdbx_validate_close_contact.auth_asym_id_1 
_pdbx_validate_close_contact.auth_comp_id_1 
_pdbx_validate_close_contact.auth_seq_id_1 
_pdbx_validate_close_contact.PDB_ins_code_1 
_pdbx_validate_close_contact.label_alt_id_1 
_pdbx_validate_close_contact.auth_atom_id_2 
_pdbx_validate_close_contact.auth_asym_id_2 
_pdbx_validate_close_contact.auth_comp_id_2 
_pdbx_validate_close_contact.auth_seq_id_2 
_pdbx_validate_close_contact.PDB_ins_code_2 
_pdbx_validate_close_contact.label_alt_id_2 
_pdbx_validate_close_contact.dist 
1 1 O   A HOH 344 ? ? O A HOH 364 ? ? 1.65 
2 1 O   A HOH 350 ? ? O A HOH 443 ? ? 1.94 
3 1 O   A HOH 375 ? ? O A HOH 482 ? ? 2.02 
4 1 O2B A TYD 201 ? A O A HOH 301 ? ? 2.06 
5 1 O   A HOH 310 ? ? O A HOH 439 ? ? 2.07 
6 1 OE2 A GLU 119 ? B O A HOH 302 ? ? 2.11 
7 1 O   A HOH 482 ? ? O A HOH 491 ? ? 2.12 
8 1 NZ  A LYS 4   ? ? O A HOH 303 ? ? 2.17 
9 1 O   A HOH 344 ? ? O A HOH 455 ? ? 2.19 
# 
_pdbx_validate_symm_contact.id                1 
_pdbx_validate_symm_contact.PDB_model_num     1 
_pdbx_validate_symm_contact.auth_atom_id_1    O 
_pdbx_validate_symm_contact.auth_asym_id_1    A 
_pdbx_validate_symm_contact.auth_comp_id_1    HOH 
_pdbx_validate_symm_contact.auth_seq_id_1     304 
_pdbx_validate_symm_contact.PDB_ins_code_1    ? 
_pdbx_validate_symm_contact.label_alt_id_1    ? 
_pdbx_validate_symm_contact.site_symmetry_1   1_555 
_pdbx_validate_symm_contact.auth_atom_id_2    O 
_pdbx_validate_symm_contact.auth_asym_id_2    A 
_pdbx_validate_symm_contact.auth_comp_id_2    HOH 
_pdbx_validate_symm_contact.auth_seq_id_2     414 
_pdbx_validate_symm_contact.PDB_ins_code_2    ? 
_pdbx_validate_symm_contact.label_alt_id_2    ? 
_pdbx_validate_symm_contact.site_symmetry_2   8_555 
_pdbx_validate_symm_contact.dist              1.93 
# 
_pdbx_distant_solvent_atoms.id                                1 
_pdbx_distant_solvent_atoms.PDB_model_num                     1 
_pdbx_distant_solvent_atoms.auth_atom_id                      O 
_pdbx_distant_solvent_atoms.label_alt_id                      ? 
_pdbx_distant_solvent_atoms.auth_asym_id                      A 
_pdbx_distant_solvent_atoms.auth_comp_id                      HOH 
_pdbx_distant_solvent_atoms.auth_seq_id                       503 
_pdbx_distant_solvent_atoms.PDB_ins_code                      ? 
_pdbx_distant_solvent_atoms.neighbor_macromolecule_distance   6.32 
_pdbx_distant_solvent_atoms.neighbor_ligand_distance          . 
# 
loop_
_pdbx_unobs_or_zero_occ_residues.id 
_pdbx_unobs_or_zero_occ_residues.PDB_model_num 
_pdbx_unobs_or_zero_occ_residues.polymer_flag 
_pdbx_unobs_or_zero_occ_residues.occupancy_flag 
_pdbx_unobs_or_zero_occ_residues.auth_asym_id 
_pdbx_unobs_or_zero_occ_residues.auth_comp_id 
_pdbx_unobs_or_zero_occ_residues.auth_seq_id 
_pdbx_unobs_or_zero_occ_residues.PDB_ins_code 
_pdbx_unobs_or_zero_occ_residues.label_asym_id 
_pdbx_unobs_or_zero_occ_residues.label_comp_id 
_pdbx_unobs_or_zero_occ_residues.label_seq_id 
1  1 Y 1 A MET -21 ? A MET 1   
2  1 Y 1 A HIS -20 ? A HIS 2   
3  1 Y 1 A SER -19 ? A SER 3   
4  1 Y 1 A SER -18 ? A SER 4   
5  1 Y 1 A HIS -17 ? A HIS 5   
6  1 Y 1 A HIS -16 ? A HIS 6   
7  1 Y 1 A HIS -15 ? A HIS 7   
8  1 Y 1 A HIS -14 ? A HIS 8   
9  1 Y 1 A HIS -13 ? A HIS 9   
10 1 Y 1 A HIS -12 ? A HIS 10  
11 1 Y 1 A SER -11 ? A SER 11  
12 1 Y 1 A SER -10 ? A SER 12  
13 1 Y 1 A GLU -9  ? A GLU 13  
14 1 Y 1 A ASN -8  ? A ASN 14  
15 1 Y 1 A LEU -7  ? A LEU 15  
16 1 Y 1 A TYR -6  ? A TYR 16  
17 1 Y 1 A PHE -5  ? A PHE 17  
18 1 Y 1 A GLN -4  ? A GLN 18  
19 1 Y 1 A GLY -3  ? A GLY 19  
20 1 Y 1 A GLY -2  ? A GLY 20  
21 1 Y 1 A TYR 90  ? A TYR 112 
22 1 Y 1 A PRO 91  ? A PRO 113 
23 1 Y 1 A LYS 92  ? A LYS 114 
24 1 Y 1 A GLU 93  ? A GLU 115 
# 
loop_
_chem_comp_atom.comp_id 
_chem_comp_atom.atom_id 
_chem_comp_atom.type_symbol 
_chem_comp_atom.pdbx_aromatic_flag 
_chem_comp_atom.pdbx_stereo_config 
_chem_comp_atom.pdbx_ordinal 
ACO N1A    N Y N 1   
ACO C2A    C Y N 2   
ACO N3A    N Y N 3   
ACO C4A    C Y N 4   
ACO C5A    C Y N 5   
ACO C6A    C Y N 6   
ACO N6A    N N N 7   
ACO N7A    N Y N 8   
ACO C8A    C Y N 9   
ACO N9A    N Y N 10  
ACO C1B    C N R 11  
ACO C2B    C N R 12  
ACO O2B    O N N 13  
ACO C3B    C N S 14  
ACO O3B    O N N 15  
ACO P3B    P N N 16  
ACO O7A    O N N 17  
ACO O8A    O N N 18  
ACO O9A    O N N 19  
ACO C4B    C N R 20  
ACO O4B    O N N 21  
ACO C5B    C N N 22  
ACO O5B    O N N 23  
ACO P1A    P N S 24  
ACO O1A    O N N 25  
ACO O2A    O N N 26  
ACO O3A    O N N 27  
ACO P2A    P N S 28  
ACO O4A    O N N 29  
ACO O5A    O N N 30  
ACO O6A    O N N 31  
ACO CBP    C N N 32  
ACO CCP    C N N 33  
ACO CDP    C N N 34  
ACO CEP    C N N 35  
ACO CAP    C N R 36  
ACO OAP    O N N 37  
ACO C9P    C N N 38  
ACO O9P    O N N 39  
ACO N8P    N N N 40  
ACO C7P    C N N 41  
ACO C6P    C N N 42  
ACO C5P    C N N 43  
ACO O5P    O N N 44  
ACO N4P    N N N 45  
ACO C3P    C N N 46  
ACO C2P    C N N 47  
ACO S1P    S N N 48  
ACO C      C N N 49  
ACO O      O N N 50  
ACO CH3    C N N 51  
ACO H2A    H N N 52  
ACO H61A   H N N 53  
ACO H62A   H N N 54  
ACO H8A    H N N 55  
ACO H1B    H N N 56  
ACO H2B    H N N 57  
ACO HO2A   H N N 58  
ACO H3B    H N N 59  
ACO HOA8   H N N 60  
ACO HOA9   H N N 61  
ACO H4B    H N N 62  
ACO H51A   H N N 63  
ACO H52A   H N N 64  
ACO HOA2   H N N 65  
ACO HOA5   H N N 66  
ACO H121   H N N 67  
ACO H122   H N N 68  
ACO H131   H N N 69  
ACO H132   H N N 70  
ACO H133   H N N 71  
ACO H141   H N N 72  
ACO H142   H N N 73  
ACO H143   H N N 74  
ACO H10    H N N 75  
ACO HO1    H N N 76  
ACO HN8    H N N 77  
ACO H71    H N N 78  
ACO H72    H N N 79  
ACO H61    H N N 80  
ACO H62    H N N 81  
ACO HN4    H N N 82  
ACO H31    H N N 83  
ACO H32    H N N 84  
ACO H21    H N N 85  
ACO H22    H N N 86  
ACO HH31   H N N 87  
ACO HH32   H N N 88  
ACO HH33   H N N 89  
ALA N      N N N 90  
ALA CA     C N S 91  
ALA C      C N N 92  
ALA O      O N N 93  
ALA CB     C N N 94  
ALA OXT    O N N 95  
ALA H      H N N 96  
ALA H2     H N N 97  
ALA HA     H N N 98  
ALA HB1    H N N 99  
ALA HB2    H N N 100 
ALA HB3    H N N 101 
ALA HXT    H N N 102 
ARG N      N N N 103 
ARG CA     C N S 104 
ARG C      C N N 105 
ARG O      O N N 106 
ARG CB     C N N 107 
ARG CG     C N N 108 
ARG CD     C N N 109 
ARG NE     N N N 110 
ARG CZ     C N N 111 
ARG NH1    N N N 112 
ARG NH2    N N N 113 
ARG OXT    O N N 114 
ARG H      H N N 115 
ARG H2     H N N 116 
ARG HA     H N N 117 
ARG HB2    H N N 118 
ARG HB3    H N N 119 
ARG HG2    H N N 120 
ARG HG3    H N N 121 
ARG HD2    H N N 122 
ARG HD3    H N N 123 
ARG HE     H N N 124 
ARG HH11   H N N 125 
ARG HH12   H N N 126 
ARG HH21   H N N 127 
ARG HH22   H N N 128 
ARG HXT    H N N 129 
ASN N      N N N 130 
ASN CA     C N S 131 
ASN C      C N N 132 
ASN O      O N N 133 
ASN CB     C N N 134 
ASN CG     C N N 135 
ASN OD1    O N N 136 
ASN ND2    N N N 137 
ASN OXT    O N N 138 
ASN H      H N N 139 
ASN H2     H N N 140 
ASN HA     H N N 141 
ASN HB2    H N N 142 
ASN HB3    H N N 143 
ASN HD21   H N N 144 
ASN HD22   H N N 145 
ASN HXT    H N N 146 
ASP N      N N N 147 
ASP CA     C N S 148 
ASP C      C N N 149 
ASP O      O N N 150 
ASP CB     C N N 151 
ASP CG     C N N 152 
ASP OD1    O N N 153 
ASP OD2    O N N 154 
ASP OXT    O N N 155 
ASP H      H N N 156 
ASP H2     H N N 157 
ASP HA     H N N 158 
ASP HB2    H N N 159 
ASP HB3    H N N 160 
ASP HD2    H N N 161 
ASP HXT    H N N 162 
CYS N      N N N 163 
CYS CA     C N R 164 
CYS C      C N N 165 
CYS O      O N N 166 
CYS CB     C N N 167 
CYS SG     S N N 168 
CYS OXT    O N N 169 
CYS H      H N N 170 
CYS H2     H N N 171 
CYS HA     H N N 172 
CYS HB2    H N N 173 
CYS HB3    H N N 174 
CYS HG     H N N 175 
CYS HXT    H N N 176 
EDO C1     C N N 177 
EDO O1     O N N 178 
EDO C2     C N N 179 
EDO O2     O N N 180 
EDO H11    H N N 181 
EDO H12    H N N 182 
EDO HO1    H N N 183 
EDO H21    H N N 184 
EDO H22    H N N 185 
EDO HO2    H N N 186 
GLN N      N N N 187 
GLN CA     C N S 188 
GLN C      C N N 189 
GLN O      O N N 190 
GLN CB     C N N 191 
GLN CG     C N N 192 
GLN CD     C N N 193 
GLN OE1    O N N 194 
GLN NE2    N N N 195 
GLN OXT    O N N 196 
GLN H      H N N 197 
GLN H2     H N N 198 
GLN HA     H N N 199 
GLN HB2    H N N 200 
GLN HB3    H N N 201 
GLN HG2    H N N 202 
GLN HG3    H N N 203 
GLN HE21   H N N 204 
GLN HE22   H N N 205 
GLN HXT    H N N 206 
GLU N      N N N 207 
GLU CA     C N S 208 
GLU C      C N N 209 
GLU O      O N N 210 
GLU CB     C N N 211 
GLU CG     C N N 212 
GLU CD     C N N 213 
GLU OE1    O N N 214 
GLU OE2    O N N 215 
GLU OXT    O N N 216 
GLU H      H N N 217 
GLU H2     H N N 218 
GLU HA     H N N 219 
GLU HB2    H N N 220 
GLU HB3    H N N 221 
GLU HG2    H N N 222 
GLU HG3    H N N 223 
GLU HE2    H N N 224 
GLU HXT    H N N 225 
GLY N      N N N 226 
GLY CA     C N N 227 
GLY C      C N N 228 
GLY O      O N N 229 
GLY OXT    O N N 230 
GLY H      H N N 231 
GLY H2     H N N 232 
GLY HA2    H N N 233 
GLY HA3    H N N 234 
GLY HXT    H N N 235 
HIS N      N N N 236 
HIS CA     C N S 237 
HIS C      C N N 238 
HIS O      O N N 239 
HIS CB     C N N 240 
HIS CG     C Y N 241 
HIS ND1    N Y N 242 
HIS CD2    C Y N 243 
HIS CE1    C Y N 244 
HIS NE2    N Y N 245 
HIS OXT    O N N 246 
HIS H      H N N 247 
HIS H2     H N N 248 
HIS HA     H N N 249 
HIS HB2    H N N 250 
HIS HB3    H N N 251 
HIS HD1    H N N 252 
HIS HD2    H N N 253 
HIS HE1    H N N 254 
HIS HE2    H N N 255 
HIS HXT    H N N 256 
HOH O      O N N 257 
HOH H1     H N N 258 
HOH H2     H N N 259 
ILE N      N N N 260 
ILE CA     C N S 261 
ILE C      C N N 262 
ILE O      O N N 263 
ILE CB     C N S 264 
ILE CG1    C N N 265 
ILE CG2    C N N 266 
ILE CD1    C N N 267 
ILE OXT    O N N 268 
ILE H      H N N 269 
ILE H2     H N N 270 
ILE HA     H N N 271 
ILE HB     H N N 272 
ILE HG12   H N N 273 
ILE HG13   H N N 274 
ILE HG21   H N N 275 
ILE HG22   H N N 276 
ILE HG23   H N N 277 
ILE HD11   H N N 278 
ILE HD12   H N N 279 
ILE HD13   H N N 280 
ILE HXT    H N N 281 
LEU N      N N N 282 
LEU CA     C N S 283 
LEU C      C N N 284 
LEU O      O N N 285 
LEU CB     C N N 286 
LEU CG     C N N 287 
LEU CD1    C N N 288 
LEU CD2    C N N 289 
LEU OXT    O N N 290 
LEU H      H N N 291 
LEU H2     H N N 292 
LEU HA     H N N 293 
LEU HB2    H N N 294 
LEU HB3    H N N 295 
LEU HG     H N N 296 
LEU HD11   H N N 297 
LEU HD12   H N N 298 
LEU HD13   H N N 299 
LEU HD21   H N N 300 
LEU HD22   H N N 301 
LEU HD23   H N N 302 
LEU HXT    H N N 303 
LYS N      N N N 304 
LYS CA     C N S 305 
LYS C      C N N 306 
LYS O      O N N 307 
LYS CB     C N N 308 
LYS CG     C N N 309 
LYS CD     C N N 310 
LYS CE     C N N 311 
LYS NZ     N N N 312 
LYS OXT    O N N 313 
LYS H      H N N 314 
LYS H2     H N N 315 
LYS HA     H N N 316 
LYS HB2    H N N 317 
LYS HB3    H N N 318 
LYS HG2    H N N 319 
LYS HG3    H N N 320 
LYS HD2    H N N 321 
LYS HD3    H N N 322 
LYS HE2    H N N 323 
LYS HE3    H N N 324 
LYS HZ1    H N N 325 
LYS HZ2    H N N 326 
LYS HZ3    H N N 327 
LYS HXT    H N N 328 
MET N      N N N 329 
MET CA     C N S 330 
MET C      C N N 331 
MET O      O N N 332 
MET CB     C N N 333 
MET CG     C N N 334 
MET SD     S N N 335 
MET CE     C N N 336 
MET OXT    O N N 337 
MET H      H N N 338 
MET H2     H N N 339 
MET HA     H N N 340 
MET HB2    H N N 341 
MET HB3    H N N 342 
MET HG2    H N N 343 
MET HG3    H N N 344 
MET HE1    H N N 345 
MET HE2    H N N 346 
MET HE3    H N N 347 
MET HXT    H N N 348 
MPO S1     S N N 349 
MPO O1     O N N 350 
MPO O2     O N N 351 
MPO O4     O N N 352 
MPO N1     N N N 353 
MPO C1     C N N 354 
MPO O3     O N N 355 
MPO C2     C N N 356 
MPO C3     C N N 357 
MPO C4     C N N 358 
MPO C5     C N N 359 
MPO C6     C N N 360 
MPO C7     C N N 361 
MPO H11    H N N 362 
MPO H12    H N N 363 
MPO HO3    H N N 364 
MPO H21    H N N 365 
MPO H22    H N N 366 
MPO H31    H N N 367 
MPO H32    H N N 368 
MPO H41    H N N 369 
MPO H42    H N N 370 
MPO H51    H N N 371 
MPO H52    H N N 372 
MPO H61    H N N 373 
MPO H62    H N N 374 
MPO H71    H N N 375 
MPO H72    H N N 376 
PHE N      N N N 377 
PHE CA     C N S 378 
PHE C      C N N 379 
PHE O      O N N 380 
PHE CB     C N N 381 
PHE CG     C Y N 382 
PHE CD1    C Y N 383 
PHE CD2    C Y N 384 
PHE CE1    C Y N 385 
PHE CE2    C Y N 386 
PHE CZ     C Y N 387 
PHE OXT    O N N 388 
PHE H      H N N 389 
PHE H2     H N N 390 
PHE HA     H N N 391 
PHE HB2    H N N 392 
PHE HB3    H N N 393 
PHE HD1    H N N 394 
PHE HD2    H N N 395 
PHE HE1    H N N 396 
PHE HE2    H N N 397 
PHE HZ     H N N 398 
PHE HXT    H N N 399 
PRO N      N N N 400 
PRO CA     C N S 401 
PRO C      C N N 402 
PRO O      O N N 403 
PRO CB     C N N 404 
PRO CG     C N N 405 
PRO CD     C N N 406 
PRO OXT    O N N 407 
PRO H      H N N 408 
PRO HA     H N N 409 
PRO HB2    H N N 410 
PRO HB3    H N N 411 
PRO HG2    H N N 412 
PRO HG3    H N N 413 
PRO HD2    H N N 414 
PRO HD3    H N N 415 
PRO HXT    H N N 416 
SER N      N N N 417 
SER CA     C N S 418 
SER C      C N N 419 
SER O      O N N 420 
SER CB     C N N 421 
SER OG     O N N 422 
SER OXT    O N N 423 
SER H      H N N 424 
SER H2     H N N 425 
SER HA     H N N 426 
SER HB2    H N N 427 
SER HB3    H N N 428 
SER HG     H N N 429 
SER HXT    H N N 430 
THR N      N N N 431 
THR CA     C N S 432 
THR C      C N N 433 
THR O      O N N 434 
THR CB     C N R 435 
THR OG1    O N N 436 
THR CG2    C N N 437 
THR OXT    O N N 438 
THR H      H N N 439 
THR H2     H N N 440 
THR HA     H N N 441 
THR HB     H N N 442 
THR HG1    H N N 443 
THR HG21   H N N 444 
THR HG22   H N N 445 
THR HG23   H N N 446 
THR HXT    H N N 447 
TRP N      N N N 448 
TRP CA     C N S 449 
TRP C      C N N 450 
TRP O      O N N 451 
TRP CB     C N N 452 
TRP CG     C Y N 453 
TRP CD1    C Y N 454 
TRP CD2    C Y N 455 
TRP NE1    N Y N 456 
TRP CE2    C Y N 457 
TRP CE3    C Y N 458 
TRP CZ2    C Y N 459 
TRP CZ3    C Y N 460 
TRP CH2    C Y N 461 
TRP OXT    O N N 462 
TRP H      H N N 463 
TRP H2     H N N 464 
TRP HA     H N N 465 
TRP HB2    H N N 466 
TRP HB3    H N N 467 
TRP HD1    H N N 468 
TRP HE1    H N N 469 
TRP HE3    H N N 470 
TRP HZ2    H N N 471 
TRP HZ3    H N N 472 
TRP HH2    H N N 473 
TRP HXT    H N N 474 
TYD PA     P N S 475 
TYD O1A    O N N 476 
TYD O2A    O N N 477 
TYD O3A    O N N 478 
TYD PB     P N N 479 
TYD O1B    O N N 480 
TYD O2B    O N N 481 
TYD O3B    O N N 482 
TYD "O5'"  O N N 483 
TYD "C5'"  C N N 484 
TYD "C4'"  C N R 485 
TYD "O4'"  O N N 486 
TYD "C3'"  C N S 487 
TYD "O3'"  O N N 488 
TYD "C2'"  C N N 489 
TYD "C1'"  C N R 490 
TYD N1     N Y N 491 
TYD C2     C Y N 492 
TYD O2     O N N 493 
TYD N3     N Y N 494 
TYD C4     C Y N 495 
TYD O4     O N N 496 
TYD C5     C Y N 497 
TYD C5M    C N N 498 
TYD C6     C Y N 499 
TYD HOA2   H N N 500 
TYD HOB2   H N N 501 
TYD HOB3   H N N 502 
TYD "H5'1" H N N 503 
TYD "H5'2" H N N 504 
TYD "H4'"  H N N 505 
TYD "H3'"  H N N 506 
TYD "HO3'" H N N 507 
TYD "H2'1" H N N 508 
TYD "H2'2" H N N 509 
TYD "H1'"  H N N 510 
TYD HN3    H N N 511 
TYD H51    H N N 512 
TYD H52    H N N 513 
TYD H53    H N N 514 
TYD H6     H N N 515 
TYR N      N N N 516 
TYR CA     C N S 517 
TYR C      C N N 518 
TYR O      O N N 519 
TYR CB     C N N 520 
TYR CG     C Y N 521 
TYR CD1    C Y N 522 
TYR CD2    C Y N 523 
TYR CE1    C Y N 524 
TYR CE2    C Y N 525 
TYR CZ     C Y N 526 
TYR OH     O N N 527 
TYR OXT    O N N 528 
TYR H      H N N 529 
TYR H2     H N N 530 
TYR HA     H N N 531 
TYR HB2    H N N 532 
TYR HB3    H N N 533 
TYR HD1    H N N 534 
TYR HD2    H N N 535 
TYR HE1    H N N 536 
TYR HE2    H N N 537 
TYR HH     H N N 538 
TYR HXT    H N N 539 
VAL N      N N N 540 
VAL CA     C N S 541 
VAL C      C N N 542 
VAL O      O N N 543 
VAL CB     C N N 544 
VAL CG1    C N N 545 
VAL CG2    C N N 546 
VAL OXT    O N N 547 
VAL H      H N N 548 
VAL H2     H N N 549 
VAL HA     H N N 550 
VAL HB     H N N 551 
VAL HG11   H N N 552 
VAL HG12   H N N 553 
VAL HG13   H N N 554 
VAL HG21   H N N 555 
VAL HG22   H N N 556 
VAL HG23   H N N 557 
VAL HXT    H N N 558 
# 
loop_
_chem_comp_bond.comp_id 
_chem_comp_bond.atom_id_1 
_chem_comp_bond.atom_id_2 
_chem_comp_bond.value_order 
_chem_comp_bond.pdbx_aromatic_flag 
_chem_comp_bond.pdbx_stereo_config 
_chem_comp_bond.pdbx_ordinal 
ACO N1A   C2A    sing Y N 1   
ACO N1A   C6A    doub Y N 2   
ACO C2A   N3A    doub Y N 3   
ACO C2A   H2A    sing N N 4   
ACO N3A   C4A    sing Y N 5   
ACO C4A   C5A    doub Y N 6   
ACO C4A   N9A    sing Y N 7   
ACO C5A   C6A    sing Y N 8   
ACO C5A   N7A    sing Y N 9   
ACO C6A   N6A    sing N N 10  
ACO N6A   H61A   sing N N 11  
ACO N6A   H62A   sing N N 12  
ACO N7A   C8A    doub Y N 13  
ACO C8A   N9A    sing Y N 14  
ACO C8A   H8A    sing N N 15  
ACO N9A   C1B    sing N N 16  
ACO C1B   C2B    sing N N 17  
ACO C1B   O4B    sing N N 18  
ACO C1B   H1B    sing N N 19  
ACO C2B   O2B    sing N N 20  
ACO C2B   C3B    sing N N 21  
ACO C2B   H2B    sing N N 22  
ACO O2B   HO2A   sing N N 23  
ACO C3B   O3B    sing N N 24  
ACO C3B   C4B    sing N N 25  
ACO C3B   H3B    sing N N 26  
ACO O3B   P3B    sing N N 27  
ACO P3B   O7A    doub N N 28  
ACO P3B   O8A    sing N N 29  
ACO P3B   O9A    sing N N 30  
ACO O8A   HOA8   sing N N 31  
ACO O9A   HOA9   sing N N 32  
ACO C4B   O4B    sing N N 33  
ACO C4B   C5B    sing N N 34  
ACO C4B   H4B    sing N N 35  
ACO C5B   O5B    sing N N 36  
ACO C5B   H51A   sing N N 37  
ACO C5B   H52A   sing N N 38  
ACO O5B   P1A    sing N N 39  
ACO P1A   O1A    doub N N 40  
ACO P1A   O2A    sing N N 41  
ACO P1A   O3A    sing N N 42  
ACO O2A   HOA2   sing N N 43  
ACO O3A   P2A    sing N N 44  
ACO P2A   O4A    doub N N 45  
ACO P2A   O5A    sing N N 46  
ACO P2A   O6A    sing N N 47  
ACO O5A   HOA5   sing N N 48  
ACO O6A   CCP    sing N N 49  
ACO CBP   CCP    sing N N 50  
ACO CBP   CDP    sing N N 51  
ACO CBP   CEP    sing N N 52  
ACO CBP   CAP    sing N N 53  
ACO CCP   H121   sing N N 54  
ACO CCP   H122   sing N N 55  
ACO CDP   H131   sing N N 56  
ACO CDP   H132   sing N N 57  
ACO CDP   H133   sing N N 58  
ACO CEP   H141   sing N N 59  
ACO CEP   H142   sing N N 60  
ACO CEP   H143   sing N N 61  
ACO CAP   OAP    sing N N 62  
ACO CAP   C9P    sing N N 63  
ACO CAP   H10    sing N N 64  
ACO OAP   HO1    sing N N 65  
ACO C9P   O9P    doub N N 66  
ACO C9P   N8P    sing N N 67  
ACO N8P   C7P    sing N N 68  
ACO N8P   HN8    sing N N 69  
ACO C7P   C6P    sing N N 70  
ACO C7P   H71    sing N N 71  
ACO C7P   H72    sing N N 72  
ACO C6P   C5P    sing N N 73  
ACO C6P   H61    sing N N 74  
ACO C6P   H62    sing N N 75  
ACO C5P   O5P    doub N N 76  
ACO C5P   N4P    sing N N 77  
ACO N4P   C3P    sing N N 78  
ACO N4P   HN4    sing N N 79  
ACO C3P   C2P    sing N N 80  
ACO C3P   H31    sing N N 81  
ACO C3P   H32    sing N N 82  
ACO C2P   S1P    sing N N 83  
ACO C2P   H21    sing N N 84  
ACO C2P   H22    sing N N 85  
ACO S1P   C      sing N N 86  
ACO C     O      doub N N 87  
ACO C     CH3    sing N N 88  
ACO CH3   HH31   sing N N 89  
ACO CH3   HH32   sing N N 90  
ACO CH3   HH33   sing N N 91  
ALA N     CA     sing N N 92  
ALA N     H      sing N N 93  
ALA N     H2     sing N N 94  
ALA CA    C      sing N N 95  
ALA CA    CB     sing N N 96  
ALA CA    HA     sing N N 97  
ALA C     O      doub N N 98  
ALA C     OXT    sing N N 99  
ALA CB    HB1    sing N N 100 
ALA CB    HB2    sing N N 101 
ALA CB    HB3    sing N N 102 
ALA OXT   HXT    sing N N 103 
ARG N     CA     sing N N 104 
ARG N     H      sing N N 105 
ARG N     H2     sing N N 106 
ARG CA    C      sing N N 107 
ARG CA    CB     sing N N 108 
ARG CA    HA     sing N N 109 
ARG C     O      doub N N 110 
ARG C     OXT    sing N N 111 
ARG CB    CG     sing N N 112 
ARG CB    HB2    sing N N 113 
ARG CB    HB3    sing N N 114 
ARG CG    CD     sing N N 115 
ARG CG    HG2    sing N N 116 
ARG CG    HG3    sing N N 117 
ARG CD    NE     sing N N 118 
ARG CD    HD2    sing N N 119 
ARG CD    HD3    sing N N 120 
ARG NE    CZ     sing N N 121 
ARG NE    HE     sing N N 122 
ARG CZ    NH1    sing N N 123 
ARG CZ    NH2    doub N N 124 
ARG NH1   HH11   sing N N 125 
ARG NH1   HH12   sing N N 126 
ARG NH2   HH21   sing N N 127 
ARG NH2   HH22   sing N N 128 
ARG OXT   HXT    sing N N 129 
ASN N     CA     sing N N 130 
ASN N     H      sing N N 131 
ASN N     H2     sing N N 132 
ASN CA    C      sing N N 133 
ASN CA    CB     sing N N 134 
ASN CA    HA     sing N N 135 
ASN C     O      doub N N 136 
ASN C     OXT    sing N N 137 
ASN CB    CG     sing N N 138 
ASN CB    HB2    sing N N 139 
ASN CB    HB3    sing N N 140 
ASN CG    OD1    doub N N 141 
ASN CG    ND2    sing N N 142 
ASN ND2   HD21   sing N N 143 
ASN ND2   HD22   sing N N 144 
ASN OXT   HXT    sing N N 145 
ASP N     CA     sing N N 146 
ASP N     H      sing N N 147 
ASP N     H2     sing N N 148 
ASP CA    C      sing N N 149 
ASP CA    CB     sing N N 150 
ASP CA    HA     sing N N 151 
ASP C     O      doub N N 152 
ASP C     OXT    sing N N 153 
ASP CB    CG     sing N N 154 
ASP CB    HB2    sing N N 155 
ASP CB    HB3    sing N N 156 
ASP CG    OD1    doub N N 157 
ASP CG    OD2    sing N N 158 
ASP OD2   HD2    sing N N 159 
ASP OXT   HXT    sing N N 160 
CYS N     CA     sing N N 161 
CYS N     H      sing N N 162 
CYS N     H2     sing N N 163 
CYS CA    C      sing N N 164 
CYS CA    CB     sing N N 165 
CYS CA    HA     sing N N 166 
CYS C     O      doub N N 167 
CYS C     OXT    sing N N 168 
CYS CB    SG     sing N N 169 
CYS CB    HB2    sing N N 170 
CYS CB    HB3    sing N N 171 
CYS SG    HG     sing N N 172 
CYS OXT   HXT    sing N N 173 
EDO C1    O1     sing N N 174 
EDO C1    C2     sing N N 175 
EDO C1    H11    sing N N 176 
EDO C1    H12    sing N N 177 
EDO O1    HO1    sing N N 178 
EDO C2    O2     sing N N 179 
EDO C2    H21    sing N N 180 
EDO C2    H22    sing N N 181 
EDO O2    HO2    sing N N 182 
GLN N     CA     sing N N 183 
GLN N     H      sing N N 184 
GLN N     H2     sing N N 185 
GLN CA    C      sing N N 186 
GLN CA    CB     sing N N 187 
GLN CA    HA     sing N N 188 
GLN C     O      doub N N 189 
GLN C     OXT    sing N N 190 
GLN CB    CG     sing N N 191 
GLN CB    HB2    sing N N 192 
GLN CB    HB3    sing N N 193 
GLN CG    CD     sing N N 194 
GLN CG    HG2    sing N N 195 
GLN CG    HG3    sing N N 196 
GLN CD    OE1    doub N N 197 
GLN CD    NE2    sing N N 198 
GLN NE2   HE21   sing N N 199 
GLN NE2   HE22   sing N N 200 
GLN OXT   HXT    sing N N 201 
GLU N     CA     sing N N 202 
GLU N     H      sing N N 203 
GLU N     H2     sing N N 204 
GLU CA    C      sing N N 205 
GLU CA    CB     sing N N 206 
GLU CA    HA     sing N N 207 
GLU C     O      doub N N 208 
GLU C     OXT    sing N N 209 
GLU CB    CG     sing N N 210 
GLU CB    HB2    sing N N 211 
GLU CB    HB3    sing N N 212 
GLU CG    CD     sing N N 213 
GLU CG    HG2    sing N N 214 
GLU CG    HG3    sing N N 215 
GLU CD    OE1    doub N N 216 
GLU CD    OE2    sing N N 217 
GLU OE2   HE2    sing N N 218 
GLU OXT   HXT    sing N N 219 
GLY N     CA     sing N N 220 
GLY N     H      sing N N 221 
GLY N     H2     sing N N 222 
GLY CA    C      sing N N 223 
GLY CA    HA2    sing N N 224 
GLY CA    HA3    sing N N 225 
GLY C     O      doub N N 226 
GLY C     OXT    sing N N 227 
GLY OXT   HXT    sing N N 228 
HIS N     CA     sing N N 229 
HIS N     H      sing N N 230 
HIS N     H2     sing N N 231 
HIS CA    C      sing N N 232 
HIS CA    CB     sing N N 233 
HIS CA    HA     sing N N 234 
HIS C     O      doub N N 235 
HIS C     OXT    sing N N 236 
HIS CB    CG     sing N N 237 
HIS CB    HB2    sing N N 238 
HIS CB    HB3    sing N N 239 
HIS CG    ND1    sing Y N 240 
HIS CG    CD2    doub Y N 241 
HIS ND1   CE1    doub Y N 242 
HIS ND1   HD1    sing N N 243 
HIS CD2   NE2    sing Y N 244 
HIS CD2   HD2    sing N N 245 
HIS CE1   NE2    sing Y N 246 
HIS CE1   HE1    sing N N 247 
HIS NE2   HE2    sing N N 248 
HIS OXT   HXT    sing N N 249 
HOH O     H1     sing N N 250 
HOH O     H2     sing N N 251 
ILE N     CA     sing N N 252 
ILE N     H      sing N N 253 
ILE N     H2     sing N N 254 
ILE CA    C      sing N N 255 
ILE CA    CB     sing N N 256 
ILE CA    HA     sing N N 257 
ILE C     O      doub N N 258 
ILE C     OXT    sing N N 259 
ILE CB    CG1    sing N N 260 
ILE CB    CG2    sing N N 261 
ILE CB    HB     sing N N 262 
ILE CG1   CD1    sing N N 263 
ILE CG1   HG12   sing N N 264 
ILE CG1   HG13   sing N N 265 
ILE CG2   HG21   sing N N 266 
ILE CG2   HG22   sing N N 267 
ILE CG2   HG23   sing N N 268 
ILE CD1   HD11   sing N N 269 
ILE CD1   HD12   sing N N 270 
ILE CD1   HD13   sing N N 271 
ILE OXT   HXT    sing N N 272 
LEU N     CA     sing N N 273 
LEU N     H      sing N N 274 
LEU N     H2     sing N N 275 
LEU CA    C      sing N N 276 
LEU CA    CB     sing N N 277 
LEU CA    HA     sing N N 278 
LEU C     O      doub N N 279 
LEU C     OXT    sing N N 280 
LEU CB    CG     sing N N 281 
LEU CB    HB2    sing N N 282 
LEU CB    HB3    sing N N 283 
LEU CG    CD1    sing N N 284 
LEU CG    CD2    sing N N 285 
LEU CG    HG     sing N N 286 
LEU CD1   HD11   sing N N 287 
LEU CD1   HD12   sing N N 288 
LEU CD1   HD13   sing N N 289 
LEU CD2   HD21   sing N N 290 
LEU CD2   HD22   sing N N 291 
LEU CD2   HD23   sing N N 292 
LEU OXT   HXT    sing N N 293 
LYS N     CA     sing N N 294 
LYS N     H      sing N N 295 
LYS N     H2     sing N N 296 
LYS CA    C      sing N N 297 
LYS CA    CB     sing N N 298 
LYS CA    HA     sing N N 299 
LYS C     O      doub N N 300 
LYS C     OXT    sing N N 301 
LYS CB    CG     sing N N 302 
LYS CB    HB2    sing N N 303 
LYS CB    HB3    sing N N 304 
LYS CG    CD     sing N N 305 
LYS CG    HG2    sing N N 306 
LYS CG    HG3    sing N N 307 
LYS CD    CE     sing N N 308 
LYS CD    HD2    sing N N 309 
LYS CD    HD3    sing N N 310 
LYS CE    NZ     sing N N 311 
LYS CE    HE2    sing N N 312 
LYS CE    HE3    sing N N 313 
LYS NZ    HZ1    sing N N 314 
LYS NZ    HZ2    sing N N 315 
LYS NZ    HZ3    sing N N 316 
LYS OXT   HXT    sing N N 317 
MET N     CA     sing N N 318 
MET N     H      sing N N 319 
MET N     H2     sing N N 320 
MET CA    C      sing N N 321 
MET CA    CB     sing N N 322 
MET CA    HA     sing N N 323 
MET C     O      doub N N 324 
MET C     OXT    sing N N 325 
MET CB    CG     sing N N 326 
MET CB    HB2    sing N N 327 
MET CB    HB3    sing N N 328 
MET CG    SD     sing N N 329 
MET CG    HG2    sing N N 330 
MET CG    HG3    sing N N 331 
MET SD    CE     sing N N 332 
MET CE    HE1    sing N N 333 
MET CE    HE2    sing N N 334 
MET CE    HE3    sing N N 335 
MET OXT   HXT    sing N N 336 
MPO S1    O1     doub N N 337 
MPO S1    O2     doub N N 338 
MPO S1    C1     sing N N 339 
MPO S1    O3     sing N N 340 
MPO O4    C5     sing N N 341 
MPO O4    C6     sing N N 342 
MPO N1    C3     sing N N 343 
MPO N1    C4     sing N N 344 
MPO N1    C7     sing N N 345 
MPO C1    C2     sing N N 346 
MPO C1    H11    sing N N 347 
MPO C1    H12    sing N N 348 
MPO O3    HO3    sing N N 349 
MPO C2    C3     sing N N 350 
MPO C2    H21    sing N N 351 
MPO C2    H22    sing N N 352 
MPO C3    H31    sing N N 353 
MPO C3    H32    sing N N 354 
MPO C4    C5     sing N N 355 
MPO C4    H41    sing N N 356 
MPO C4    H42    sing N N 357 
MPO C5    H51    sing N N 358 
MPO C5    H52    sing N N 359 
MPO C6    C7     sing N N 360 
MPO C6    H61    sing N N 361 
MPO C6    H62    sing N N 362 
MPO C7    H71    sing N N 363 
MPO C7    H72    sing N N 364 
PHE N     CA     sing N N 365 
PHE N     H      sing N N 366 
PHE N     H2     sing N N 367 
PHE CA    C      sing N N 368 
PHE CA    CB     sing N N 369 
PHE CA    HA     sing N N 370 
PHE C     O      doub N N 371 
PHE C     OXT    sing N N 372 
PHE CB    CG     sing N N 373 
PHE CB    HB2    sing N N 374 
PHE CB    HB3    sing N N 375 
PHE CG    CD1    doub Y N 376 
PHE CG    CD2    sing Y N 377 
PHE CD1   CE1    sing Y N 378 
PHE CD1   HD1    sing N N 379 
PHE CD2   CE2    doub Y N 380 
PHE CD2   HD2    sing N N 381 
PHE CE1   CZ     doub Y N 382 
PHE CE1   HE1    sing N N 383 
PHE CE2   CZ     sing Y N 384 
PHE CE2   HE2    sing N N 385 
PHE CZ    HZ     sing N N 386 
PHE OXT   HXT    sing N N 387 
PRO N     CA     sing N N 388 
PRO N     CD     sing N N 389 
PRO N     H      sing N N 390 
PRO CA    C      sing N N 391 
PRO CA    CB     sing N N 392 
PRO CA    HA     sing N N 393 
PRO C     O      doub N N 394 
PRO C     OXT    sing N N 395 
PRO CB    CG     sing N N 396 
PRO CB    HB2    sing N N 397 
PRO CB    HB3    sing N N 398 
PRO CG    CD     sing N N 399 
PRO CG    HG2    sing N N 400 
PRO CG    HG3    sing N N 401 
PRO CD    HD2    sing N N 402 
PRO CD    HD3    sing N N 403 
PRO OXT   HXT    sing N N 404 
SER N     CA     sing N N 405 
SER N     H      sing N N 406 
SER N     H2     sing N N 407 
SER CA    C      sing N N 408 
SER CA    CB     sing N N 409 
SER CA    HA     sing N N 410 
SER C     O      doub N N 411 
SER C     OXT    sing N N 412 
SER CB    OG     sing N N 413 
SER CB    HB2    sing N N 414 
SER CB    HB3    sing N N 415 
SER OG    HG     sing N N 416 
SER OXT   HXT    sing N N 417 
THR N     CA     sing N N 418 
THR N     H      sing N N 419 
THR N     H2     sing N N 420 
THR CA    C      sing N N 421 
THR CA    CB     sing N N 422 
THR CA    HA     sing N N 423 
THR C     O      doub N N 424 
THR C     OXT    sing N N 425 
THR CB    OG1    sing N N 426 
THR CB    CG2    sing N N 427 
THR CB    HB     sing N N 428 
THR OG1   HG1    sing N N 429 
THR CG2   HG21   sing N N 430 
THR CG2   HG22   sing N N 431 
THR CG2   HG23   sing N N 432 
THR OXT   HXT    sing N N 433 
TRP N     CA     sing N N 434 
TRP N     H      sing N N 435 
TRP N     H2     sing N N 436 
TRP CA    C      sing N N 437 
TRP CA    CB     sing N N 438 
TRP CA    HA     sing N N 439 
TRP C     O      doub N N 440 
TRP C     OXT    sing N N 441 
TRP CB    CG     sing N N 442 
TRP CB    HB2    sing N N 443 
TRP CB    HB3    sing N N 444 
TRP CG    CD1    doub Y N 445 
TRP CG    CD2    sing Y N 446 
TRP CD1   NE1    sing Y N 447 
TRP CD1   HD1    sing N N 448 
TRP CD2   CE2    doub Y N 449 
TRP CD2   CE3    sing Y N 450 
TRP NE1   CE2    sing Y N 451 
TRP NE1   HE1    sing N N 452 
TRP CE2   CZ2    sing Y N 453 
TRP CE3   CZ3    doub Y N 454 
TRP CE3   HE3    sing N N 455 
TRP CZ2   CH2    doub Y N 456 
TRP CZ2   HZ2    sing N N 457 
TRP CZ3   CH2    sing Y N 458 
TRP CZ3   HZ3    sing N N 459 
TRP CH2   HH2    sing N N 460 
TRP OXT   HXT    sing N N 461 
TYD PA    O1A    doub N N 462 
TYD PA    O2A    sing N N 463 
TYD PA    O3A    sing N N 464 
TYD PA    "O5'"  sing N N 465 
TYD O2A   HOA2   sing N N 466 
TYD O3A   PB     sing N N 467 
TYD PB    O1B    doub N N 468 
TYD PB    O2B    sing N N 469 
TYD PB    O3B    sing N N 470 
TYD O2B   HOB2   sing N N 471 
TYD O3B   HOB3   sing N N 472 
TYD "O5'" "C5'"  sing N N 473 
TYD "C5'" "C4'"  sing N N 474 
TYD "C5'" "H5'1" sing N N 475 
TYD "C5'" "H5'2" sing N N 476 
TYD "C4'" "O4'"  sing N N 477 
TYD "C4'" "C3'"  sing N N 478 
TYD "C4'" "H4'"  sing N N 479 
TYD "O4'" "C1'"  sing N N 480 
TYD "C3'" "O3'"  sing N N 481 
TYD "C3'" "C2'"  sing N N 482 
TYD "C3'" "H3'"  sing N N 483 
TYD "O3'" "HO3'" sing N N 484 
TYD "C2'" "C1'"  sing N N 485 
TYD "C2'" "H2'1" sing N N 486 
TYD "C2'" "H2'2" sing N N 487 
TYD "C1'" N1     sing N N 488 
TYD "C1'" "H1'"  sing N N 489 
TYD N1    C2     sing Y N 490 
TYD N1    C6     sing Y N 491 
TYD C2    O2     doub N N 492 
TYD C2    N3     sing Y N 493 
TYD N3    C4     sing Y N 494 
TYD N3    HN3    sing N N 495 
TYD C4    O4     doub N N 496 
TYD C4    C5     sing Y N 497 
TYD C5    C5M    sing N N 498 
TYD C5    C6     doub Y N 499 
TYD C5M   H51    sing N N 500 
TYD C5M   H52    sing N N 501 
TYD C5M   H53    sing N N 502 
TYD C6    H6     sing N N 503 
TYR N     CA     sing N N 504 
TYR N     H      sing N N 505 
TYR N     H2     sing N N 506 
TYR CA    C      sing N N 507 
TYR CA    CB     sing N N 508 
TYR CA    HA     sing N N 509 
TYR C     O      doub N N 510 
TYR C     OXT    sing N N 511 
TYR CB    CG     sing N N 512 
TYR CB    HB2    sing N N 513 
TYR CB    HB3    sing N N 514 
TYR CG    CD1    doub Y N 515 
TYR CG    CD2    sing Y N 516 
TYR CD1   CE1    sing Y N 517 
TYR CD1   HD1    sing N N 518 
TYR CD2   CE2    doub Y N 519 
TYR CD2   HD2    sing N N 520 
TYR CE1   CZ     doub Y N 521 
TYR CE1   HE1    sing N N 522 
TYR CE2   CZ     sing Y N 523 
TYR CE2   HE2    sing N N 524 
TYR CZ    OH     sing N N 525 
TYR OH    HH     sing N N 526 
TYR OXT   HXT    sing N N 527 
VAL N     CA     sing N N 528 
VAL N     H      sing N N 529 
VAL N     H2     sing N N 530 
VAL CA    C      sing N N 531 
VAL CA    CB     sing N N 532 
VAL CA    HA     sing N N 533 
VAL C     O      doub N N 534 
VAL C     OXT    sing N N 535 
VAL CB    CG1    sing N N 536 
VAL CB    CG2    sing N N 537 
VAL CB    HB     sing N N 538 
VAL CG1   HG11   sing N N 539 
VAL CG1   HG12   sing N N 540 
VAL CG1   HG13   sing N N 541 
VAL CG2   HG21   sing N N 542 
VAL CG2   HG22   sing N N 543 
VAL CG2   HG23   sing N N 544 
VAL OXT   HXT    sing N N 545 
# 
_pdbx_audit_support.funding_organization   
'National Institutes of Health/National Institute of General Medical Sciences (NIH/NIGMS)' 
_pdbx_audit_support.country                'United States' 
_pdbx_audit_support.grant_number           'R35 GM134643' 
_pdbx_audit_support.ordinal                1 
# 
_pdbx_entity_instance_feature.ordinal        1 
_pdbx_entity_instance_feature.comp_id        ACO 
_pdbx_entity_instance_feature.asym_id        ? 
_pdbx_entity_instance_feature.seq_num        ? 
_pdbx_entity_instance_feature.auth_comp_id   ACO 
_pdbx_entity_instance_feature.auth_asym_id   ? 
_pdbx_entity_instance_feature.auth_seq_num   ? 
_pdbx_entity_instance_feature.feature_type   'SUBJECT OF INVESTIGATION' 
_pdbx_entity_instance_feature.details        ? 
# 
loop_
_pdbx_entity_nonpoly.entity_id 
_pdbx_entity_nonpoly.name 
_pdbx_entity_nonpoly.comp_id 
2 "THYMIDINE-5'-DIPHOSPHATE"             TYD 
3 'ACETYL COENZYME *A'                   ACO 
4 1,2-ETHANEDIOL                         EDO 
5 '3[N-MORPHOLINO]PROPANE SULFONIC ACID' MPO 
6 water                                  HOH 
# 
_pdbx_initial_refinement_model.id               1 
_pdbx_initial_refinement_model.entity_id_list   ? 
_pdbx_initial_refinement_model.type             'experimental model' 
_pdbx_initial_refinement_model.source_name      PDB 
_pdbx_initial_refinement_model.accession_code   7S3U 
_pdbx_initial_refinement_model.details          ? 
# 
_pdbx_struct_assembly_auth_evidence.id                     1 
_pdbx_struct_assembly_auth_evidence.assembly_id            1 
_pdbx_struct_assembly_auth_evidence.experimental_support   homology 
_pdbx_struct_assembly_auth_evidence.details                ? 
# 
